data_6DBB
#
_entry.id   6DBB
#
_cell.length_a   110.670
_cell.length_b   124.980
_cell.length_c   246.200
_cell.angle_alpha   90.000
_cell.angle_beta   90.000
_cell.angle_gamma   90.000
#
_symmetry.space_group_name_H-M   'I 2 2 2'
#
loop_
_entity.id
_entity.type
_entity.pdbx_description
1 polymer 'Putative aldehyde dehydrogenase family protein'
2 non-polymer NICOTINAMIDE-ADENINE-DINUCLEOTIDE
3 non-polymer 'BETA-6-HYDROXY-1,4,5,6-TETRHYDRONICOTINAMIDE ADENINE DINUCLEOTIDE'
4 non-polymer 1,2-ETHANEDIOL
5 water water
#
_entity_poly.entity_id   1
_entity_poly.type   'polypeptide(L)'
_entity_poly.pdbx_seq_one_letter_code
;MAHHHHHHMQFNDILAALDIDLAQWKGNALTARSPLDGATLATLAVDTPADAERKIDAAHDAFLKWRTVPAPVRGELVRV
FGNVLREHKAELGRLVTLEAGKITSEGLGEVQEMIDICDFAVGLSRQLYGLTIASERPGHRMMETWHPIGVCGVISAFNF
PVAVWAWNAALAFVCGDSVVWKPSEKTPLTAIACHVLLQKALREFEKTHPGVAPAELGQLVLGMRDVGEVLTASKKVPVV
SATGSVRMGQEVAKVLSQRLARGILELGGNNGMIVAPSADLDLVVRAVTFAAVGTAGQRCTTLRRLIVHRSLVEQLLPRI
EKAYASVKVGNPLEEGTLVGPLVDRASFDAMQKALADAREQGGEVKGGERVDVGHADAYYVRPAIVRMPKQSAVVERETF
APILYVMVYDNFDDAIDVHNAVPQGLSSAIFTNDMREAEQFMSAAGSDCGIVNVNIGTSGAEIGGAFGGEKETGGGRESG
SDAWKAYMRRATNTINYSRQLPLAQGVKFDV
;
_entity_poly.pdbx_strand_id   A,B,C
#
loop_
_chem_comp.id
_chem_comp.type
_chem_comp.name
_chem_comp.formula
EDO non-polymer 1,2-ETHANEDIOL 'C2 H6 O2'
NAD non-polymer NICOTINAMIDE-ADENINE-DINUCLEOTIDE 'C21 H27 N7 O14 P2'
NAX non-polymer 'BETA-6-HYDROXY-1,4,5,6-TETRHYDRONICOTINAMIDE ADENINE DINUCLEOTIDE' 'C21 H31 N7 O15 P2'
#
# COMPACT_ATOMS: atom_id res chain seq x y z
N HIS A 8 -41.21 9.82 14.02
CA HIS A 8 -40.54 10.67 13.05
C HIS A 8 -39.35 11.42 13.66
N MET A 9 -38.15 10.90 13.43
CA MET A 9 -36.90 11.52 13.87
C MET A 9 -36.20 12.13 12.66
N GLN A 10 -35.83 13.40 12.76
CA GLN A 10 -35.15 14.05 11.65
C GLN A 10 -33.70 13.57 11.58
N PHE A 11 -33.05 13.89 10.45
CA PHE A 11 -31.70 13.39 10.20
C PHE A 11 -30.73 13.82 11.31
N ASN A 12 -30.77 15.11 11.67
CA ASN A 12 -29.85 15.59 12.71
C ASN A 12 -30.17 14.99 14.06
N ASP A 13 -31.45 14.68 14.33
CA ASP A 13 -31.79 13.96 15.56
C ASP A 13 -31.16 12.57 15.58
N ILE A 14 -31.15 11.91 14.43
CA ILE A 14 -30.56 10.58 14.33
C ILE A 14 -29.07 10.66 14.65
N LEU A 15 -28.35 11.59 14.00
CA LEU A 15 -26.94 11.75 14.27
C LEU A 15 -26.69 12.04 15.75
N ALA A 16 -27.49 12.91 16.34
CA ALA A 16 -27.26 13.25 17.74
C ALA A 16 -27.46 12.04 18.65
N ALA A 17 -28.54 11.28 18.42
CA ALA A 17 -28.82 10.10 19.23
C ALA A 17 -27.75 9.01 19.06
N LEU A 18 -27.15 8.93 17.89
CA LEU A 18 -26.04 8.02 17.66
C LEU A 18 -24.71 8.57 18.16
N ASP A 19 -24.71 9.81 18.67
CA ASP A 19 -23.50 10.51 19.13
C ASP A 19 -22.48 10.67 17.98
N ILE A 20 -23.00 10.93 16.79
CA ILE A 20 -22.16 11.22 15.64
C ILE A 20 -22.01 12.73 15.51
N ASP A 21 -20.75 13.20 15.55
CA ASP A 21 -20.44 14.60 15.32
C ASP A 21 -20.01 14.75 13.87
N LEU A 22 -20.94 15.22 13.02
CA LEU A 22 -20.68 15.30 11.58
C LEU A 22 -19.51 16.22 11.25
N ALA A 23 -19.22 17.20 12.10
CA ALA A 23 -18.09 18.10 11.83
C ALA A 23 -16.79 17.33 11.66
N GLN A 24 -16.66 16.19 12.31
CA GLN A 24 -15.46 15.38 12.20
C GLN A 24 -15.38 14.58 10.91
N TRP A 25 -16.47 14.48 10.16
CA TRP A 25 -16.52 13.69 8.93
C TRP A 25 -16.82 14.48 7.69
N LYS A 26 -17.22 15.75 7.84
CA LYS A 26 -17.64 16.58 6.72
C LYS A 26 -16.46 16.88 5.80
N GLY A 27 -16.76 17.13 4.53
CA GLY A 27 -15.77 17.51 3.56
C GLY A 27 -16.46 17.88 2.28
N ASN A 28 -15.71 17.88 1.17
CA ASN A 28 -16.33 18.14 -0.13
C ASN A 28 -15.85 17.16 -1.17
N ALA A 29 -15.74 15.89 -0.80
CA ALA A 29 -15.33 14.85 -1.74
C ALA A 29 -16.43 13.85 -2.05
N LEU A 30 -17.17 13.39 -1.05
CA LEU A 30 -18.11 12.29 -1.23
C LEU A 30 -19.50 12.74 -0.82
N THR A 31 -20.44 12.71 -1.75
CA THR A 31 -21.80 13.14 -1.46
C THR A 31 -22.63 11.95 -0.96
N ALA A 32 -23.20 12.09 0.24
CA ALA A 32 -24.06 11.08 0.83
C ALA A 32 -25.50 11.44 0.50
N ARG A 33 -26.11 10.66 -0.39
CA ARG A 33 -27.43 10.92 -0.96
C ARG A 33 -28.42 9.90 -0.40
N SER A 34 -29.69 10.35 -0.22
CA SER A 34 -30.80 9.49 0.18
C SER A 34 -31.60 9.05 -1.03
N PRO A 35 -31.82 7.75 -1.23
CA PRO A 35 -32.67 7.29 -2.34
C PRO A 35 -34.12 7.69 -2.18
N LEU A 36 -34.52 8.09 -0.97
CA LEU A 36 -35.93 8.40 -0.72
C LEU A 36 -36.40 9.57 -1.57
N ASP A 37 -35.58 10.61 -1.67
CA ASP A 37 -35.93 11.80 -2.42
C ASP A 37 -34.78 12.30 -3.28
N GLY A 38 -33.65 11.59 -3.32
CA GLY A 38 -32.50 12.07 -4.07
C GLY A 38 -31.71 13.18 -3.40
N ALA A 39 -32.12 13.63 -2.22
CA ALA A 39 -31.49 14.77 -1.58
C ALA A 39 -30.14 14.41 -0.99
N THR A 40 -29.25 15.40 -0.93
CA THR A 40 -27.97 15.24 -0.23
C THR A 40 -28.19 15.23 1.28
N LEU A 41 -27.76 14.15 1.94
CA LEU A 41 -27.81 14.12 3.41
C LEU A 41 -26.63 14.87 4.01
N ALA A 42 -25.46 14.73 3.41
CA ALA A 42 -24.24 15.35 3.88
C ALA A 42 -23.19 15.18 2.79
N THR A 43 -22.14 15.98 2.87
CA THR A 43 -20.97 15.82 2.02
C THR A 43 -19.75 15.58 2.90
N LEU A 44 -18.97 14.57 2.53
CA LEU A 44 -17.98 13.98 3.42
C LEU A 44 -16.57 14.07 2.86
N ALA A 45 -15.60 14.06 3.77
CA ALA A 45 -14.23 13.82 3.44
C ALA A 45 -14.03 12.34 3.14
N VAL A 46 -12.96 12.04 2.39
CA VAL A 46 -12.62 10.65 2.06
C VAL A 46 -11.15 10.39 2.39
N ASP A 47 -10.82 9.11 2.54
CA ASP A 47 -9.44 8.70 2.71
C ASP A 47 -8.67 8.78 1.40
N THR A 48 -7.41 9.24 1.47
CA THR A 48 -6.46 9.09 0.36
C THR A 48 -5.92 7.66 0.35
N PRO A 49 -5.29 7.22 -0.75
CA PRO A 49 -4.59 5.93 -0.69
C PRO A 49 -3.60 5.84 0.47
N ALA A 50 -2.84 6.90 0.75
CA ALA A 50 -1.90 6.86 1.88
C ALA A 50 -2.64 6.75 3.21
N ASP A 51 -3.77 7.45 3.37
CA ASP A 51 -4.57 7.28 4.58
C ASP A 51 -4.95 5.82 4.76
N ALA A 52 -5.41 5.18 3.67
CA ALA A 52 -5.82 3.79 3.75
C ALA A 52 -4.66 2.91 4.18
N GLU A 53 -3.47 3.14 3.61
CA GLU A 53 -2.30 2.36 4.01
C GLU A 53 -1.99 2.55 5.49
N ARG A 54 -2.06 3.79 5.97
CA ARG A 54 -1.78 4.05 7.37
C ARG A 54 -2.77 3.32 8.27
N LYS A 55 -4.06 3.33 7.92
CA LYS A 55 -5.04 2.61 8.72
C LYS A 55 -4.80 1.10 8.69
N ILE A 56 -4.35 0.58 7.55
CA ILE A 56 -4.03 -0.85 7.48
C ILE A 56 -2.83 -1.16 8.38
N ASP A 57 -1.81 -0.30 8.37
CA ASP A 57 -0.68 -0.49 9.29
C ASP A 57 -1.16 -0.49 10.75
N ALA A 58 -2.05 0.43 11.10
CA ALA A 58 -2.53 0.47 12.49
C ALA A 58 -3.34 -0.77 12.82
N ALA A 59 -4.17 -1.25 11.88
CA ALA A 59 -4.93 -2.46 12.15
C ALA A 59 -4.02 -3.67 12.31
N HIS A 60 -2.90 -3.69 11.59
CA HIS A 60 -1.98 -4.81 11.75
C HIS A 60 -1.31 -4.77 13.12
N ASP A 61 -0.91 -3.57 13.57
CA ASP A 61 -0.40 -3.45 14.94
C ASP A 61 -1.46 -3.86 15.95
N ALA A 62 -2.72 -3.48 15.72
CA ALA A 62 -3.80 -3.92 16.60
C ALA A 62 -3.91 -5.44 16.62
N PHE A 63 -3.84 -6.07 15.43
CA PHE A 63 -3.90 -7.53 15.35
C PHE A 63 -2.83 -8.18 16.21
N LEU A 64 -1.61 -7.66 16.17
CA LEU A 64 -0.51 -8.26 16.92
C LEU A 64 -0.79 -8.30 18.42
N LYS A 65 -1.52 -7.30 18.93
CA LYS A 65 -1.94 -7.31 20.33
C LYS A 65 -3.16 -8.21 20.54
N TRP A 66 -4.18 -8.06 19.68
CA TRP A 66 -5.45 -8.75 19.89
C TRP A 66 -5.32 -10.26 19.79
N ARG A 67 -4.40 -10.76 18.94
CA ARG A 67 -4.33 -12.18 18.67
C ARG A 67 -3.89 -13.00 19.89
N THR A 68 -3.32 -12.38 20.91
CA THR A 68 -2.99 -13.10 22.13
C THR A 68 -3.98 -12.87 23.26
N VAL A 69 -5.02 -12.08 23.04
CA VAL A 69 -6.10 -11.94 24.01
C VAL A 69 -6.96 -13.21 23.99
N PRO A 70 -7.23 -13.86 25.11
CA PRO A 70 -8.05 -15.06 25.09
C PRO A 70 -9.36 -14.81 24.35
N ALA A 71 -9.74 -15.75 23.49
CA ALA A 71 -10.96 -15.56 22.71
C ALA A 71 -12.19 -15.30 23.58
N PRO A 72 -12.39 -15.97 24.74
CA PRO A 72 -13.54 -15.59 25.57
C PRO A 72 -13.50 -14.15 26.02
N VAL A 73 -12.31 -13.59 26.22
CA VAL A 73 -12.21 -12.18 26.54
C VAL A 73 -12.55 -11.32 25.32
N ARG A 74 -12.06 -11.74 24.14
CA ARG A 74 -12.43 -11.05 22.91
C ARG A 74 -13.94 -11.07 22.69
N GLY A 75 -14.58 -12.19 23.04
CA GLY A 75 -16.03 -12.26 22.93
C GLY A 75 -16.76 -11.29 23.82
N GLU A 76 -16.14 -10.91 24.95
CA GLU A 76 -16.82 -9.99 25.85
C GLU A 76 -16.93 -8.60 25.20
N LEU A 77 -15.92 -8.18 24.45
CA LEU A 77 -16.05 -6.93 23.69
C LEU A 77 -17.21 -7.03 22.71
N VAL A 78 -17.34 -8.16 22.02
CA VAL A 78 -18.43 -8.34 21.08
C VAL A 78 -19.78 -8.37 21.79
N ARG A 79 -19.84 -8.99 22.98
CA ARG A 79 -21.09 -8.95 23.75
C ARG A 79 -21.46 -7.52 24.10
N VAL A 80 -20.50 -6.74 24.58
CA VAL A 80 -20.74 -5.32 24.88
C VAL A 80 -21.20 -4.58 23.63
N PHE A 81 -20.57 -4.88 22.49
CA PHE A 81 -20.98 -4.26 21.24
C PHE A 81 -22.44 -4.59 20.92
N GLY A 82 -22.83 -5.86 21.09
CA GLY A 82 -24.24 -6.21 20.93
C GLY A 82 -25.18 -5.38 21.77
N ASN A 83 -24.80 -5.09 23.02
CA ASN A 83 -25.65 -4.27 23.89
C ASN A 83 -25.70 -2.81 23.44
N VAL A 84 -24.58 -2.28 22.94
CA VAL A 84 -24.59 -0.92 22.39
C VAL A 84 -25.54 -0.84 21.20
N LEU A 85 -25.51 -1.84 20.32
CA LEU A 85 -26.43 -1.87 19.19
C LEU A 85 -27.88 -1.95 19.65
N ARG A 86 -28.18 -2.75 20.68
CA ARG A 86 -29.54 -2.80 21.22
C ARG A 86 -29.99 -1.43 21.67
N GLU A 87 -29.11 -0.70 22.37
CA GLU A 87 -29.48 0.60 22.90
C GLU A 87 -29.78 1.60 21.78
N HIS A 88 -29.11 1.48 20.63
CA HIS A 88 -29.26 2.43 19.54
C HIS A 88 -30.00 1.86 18.33
N LYS A 89 -30.75 0.77 18.53
CA LYS A 89 -31.33 0.04 17.42
C LYS A 89 -32.27 0.92 16.59
N ALA A 90 -33.15 1.67 17.26
CA ALA A 90 -34.15 2.45 16.52
C ALA A 90 -33.47 3.47 15.61
N GLU A 91 -32.50 4.22 16.16
CA GLU A 91 -31.88 5.29 15.38
C GLU A 91 -31.01 4.73 14.25
N LEU A 92 -30.26 3.66 14.53
CA LEU A 92 -29.45 3.07 13.48
C LEU A 92 -30.32 2.51 12.38
N GLY A 93 -31.40 1.82 12.75
CA GLY A 93 -32.35 1.32 11.77
C GLY A 93 -32.92 2.44 10.91
N ARG A 94 -33.25 3.58 11.52
CA ARG A 94 -33.77 4.71 10.75
C ARG A 94 -32.74 5.21 9.76
N LEU A 95 -31.47 5.23 10.17
CA LEU A 95 -30.41 5.63 9.25
C LEU A 95 -30.29 4.67 8.07
N VAL A 96 -30.44 3.36 8.32
CA VAL A 96 -30.44 2.39 7.23
C VAL A 96 -31.57 2.69 6.24
N THR A 97 -32.76 3.01 6.75
CA THR A 97 -33.86 3.39 5.88
C THR A 97 -33.51 4.60 5.04
N LEU A 98 -32.93 5.64 5.65
CA LEU A 98 -32.66 6.87 4.90
C LEU A 98 -31.61 6.66 3.82
N GLU A 99 -30.65 5.78 4.06
CA GLU A 99 -29.53 5.63 3.14
C GLU A 99 -29.67 4.46 2.18
N ALA A 100 -30.25 3.34 2.61
CA ALA A 100 -30.48 2.20 1.72
C ALA A 100 -31.90 2.17 1.16
N GLY A 101 -32.82 2.96 1.73
CA GLY A 101 -34.17 3.05 1.21
C GLY A 101 -35.13 1.95 1.61
N LYS A 102 -34.75 1.05 2.52
CA LYS A 102 -35.66 -0.02 2.90
CA LYS A 102 -35.67 -0.02 2.89
C LYS A 102 -36.65 0.46 3.96
N ILE A 103 -37.81 -0.20 4.02
CA ILE A 103 -38.85 0.23 4.95
C ILE A 103 -38.37 0.08 6.41
N THR A 104 -39.00 0.84 7.29
CA THR A 104 -38.56 0.98 8.68
C THR A 104 -38.38 -0.37 9.38
N SER A 105 -39.31 -1.31 9.17
CA SER A 105 -39.16 -2.61 9.84
C SER A 105 -37.96 -3.39 9.31
N GLU A 106 -37.60 -3.22 8.02
CA GLU A 106 -36.40 -3.89 7.53
C GLU A 106 -35.14 -3.19 7.99
N GLY A 107 -35.20 -1.88 8.16
CA GLY A 107 -34.09 -1.19 8.80
C GLY A 107 -33.85 -1.73 10.20
N LEU A 108 -34.92 -1.83 11.00
CA LEU A 108 -34.83 -2.44 12.32
C LEU A 108 -34.35 -3.88 12.23
N GLY A 109 -34.94 -4.65 11.31
CA GLY A 109 -34.56 -6.05 11.19
C GLY A 109 -33.09 -6.25 10.85
N GLU A 110 -32.53 -5.34 10.02
CA GLU A 110 -31.12 -5.48 9.67
C GLU A 110 -30.22 -5.22 10.86
N VAL A 111 -30.53 -4.19 11.67
CA VAL A 111 -29.76 -3.98 12.89
C VAL A 111 -29.89 -5.17 13.82
N GLN A 112 -31.09 -5.77 13.91
CA GLN A 112 -31.26 -6.93 14.77
C GLN A 112 -30.37 -8.08 14.32
N GLU A 113 -30.11 -8.21 13.00
CA GLU A 113 -29.15 -9.22 12.54
C GLU A 113 -27.77 -8.98 13.12
N MET A 114 -27.34 -7.70 13.17
CA MET A 114 -26.06 -7.37 13.80
C MET A 114 -26.05 -7.88 15.24
N ILE A 115 -27.11 -7.59 15.98
CA ILE A 115 -27.21 -7.97 17.38
C ILE A 115 -27.19 -9.48 17.52
N ASP A 116 -27.93 -10.19 16.67
CA ASP A 116 -27.99 -11.63 16.78
C ASP A 116 -26.63 -12.26 16.50
N ILE A 117 -25.86 -11.73 15.54
CA ILE A 117 -24.58 -12.35 15.25
C ILE A 117 -23.59 -12.07 16.38
N CYS A 118 -23.72 -10.93 17.07
CA CYS A 118 -22.88 -10.67 18.23
C CYS A 118 -23.05 -11.78 19.29
N ASP A 119 -24.30 -12.10 19.63
CA ASP A 119 -24.53 -13.15 20.63
C ASP A 119 -24.05 -14.50 20.14
N PHE A 120 -24.22 -14.78 18.84
CA PHE A 120 -23.69 -16.02 18.29
C PHE A 120 -22.18 -16.06 18.40
N ALA A 121 -21.52 -14.96 18.07
CA ALA A 121 -20.07 -14.89 18.16
C ALA A 121 -19.59 -15.01 19.60
N VAL A 122 -20.35 -14.47 20.55
CA VAL A 122 -20.02 -14.68 21.96
C VAL A 122 -19.96 -16.18 22.28
N GLY A 123 -20.93 -16.95 21.77
CA GLY A 123 -20.87 -18.39 21.95
C GLY A 123 -19.62 -18.99 21.32
N LEU A 124 -19.33 -18.60 20.09
CA LEU A 124 -18.14 -19.10 19.40
C LEU A 124 -16.87 -18.77 20.16
N SER A 125 -16.85 -17.66 20.92
CA SER A 125 -15.64 -17.24 21.60
C SER A 125 -15.18 -18.23 22.66
N ARG A 126 -16.06 -19.14 23.06
CA ARG A 126 -15.68 -20.22 23.96
C ARG A 126 -15.49 -21.55 23.23
N GLN A 127 -15.38 -21.51 21.91
CA GLN A 127 -15.25 -22.73 21.13
C GLN A 127 -14.03 -22.61 20.21
N LEU A 128 -14.26 -22.17 18.98
CA LEU A 128 -13.20 -22.10 17.98
C LEU A 128 -12.48 -23.44 17.87
N TYR A 129 -13.27 -24.49 17.66
CA TYR A 129 -12.82 -25.87 17.83
C TYR A 129 -11.87 -26.31 16.72
N GLY A 130 -10.71 -26.80 17.09
CA GLY A 130 -9.98 -27.72 16.25
C GLY A 130 -10.22 -29.14 16.70
N LEU A 131 -9.20 -29.98 16.55
CA LEU A 131 -9.32 -31.40 16.83
C LEU A 131 -8.10 -31.87 17.59
N THR A 132 -8.31 -32.85 18.46
CA THR A 132 -7.21 -33.74 18.86
C THR A 132 -7.40 -35.02 18.06
N ILE A 133 -6.31 -35.54 17.50
CA ILE A 133 -6.36 -36.57 16.46
C ILE A 133 -5.38 -37.68 16.81
N ALA A 134 -5.81 -38.93 16.66
CA ALA A 134 -4.89 -40.05 16.86
C ALA A 134 -3.67 -39.90 15.96
N SER A 135 -2.51 -40.28 16.49
CA SER A 135 -1.27 -40.30 15.73
C SER A 135 -0.82 -41.74 15.54
N GLU A 136 -0.28 -42.03 14.36
CA GLU A 136 0.30 -43.35 14.08
C GLU A 136 1.64 -43.58 14.76
N ARG A 137 2.25 -42.52 15.35
CA ARG A 137 3.61 -42.64 15.88
C ARG A 137 3.58 -42.88 17.39
N PRO A 138 4.27 -43.92 17.87
CA PRO A 138 4.31 -44.16 19.33
C PRO A 138 4.94 -42.97 20.07
N GLY A 139 4.40 -42.67 21.25
CA GLY A 139 4.93 -41.56 22.02
C GLY A 139 4.83 -40.21 21.35
N HIS A 140 3.92 -40.05 20.39
CA HIS A 140 3.59 -38.76 19.81
C HIS A 140 2.09 -38.50 20.01
N ARG A 141 1.74 -37.21 20.03
CA ARG A 141 0.37 -36.76 20.08
C ARG A 141 0.16 -35.79 18.91
N MET A 142 -1.04 -35.76 18.35
CA MET A 142 -1.31 -34.88 17.23
C MET A 142 -2.59 -34.09 17.47
N MET A 143 -2.60 -32.85 16.99
CA MET A 143 -3.79 -32.03 17.13
C MET A 143 -3.83 -31.04 15.99
N GLU A 144 -4.99 -30.42 15.83
CA GLU A 144 -5.20 -29.35 14.87
C GLU A 144 -5.67 -28.14 15.66
N THR A 145 -4.95 -27.03 15.54
CA THR A 145 -5.29 -25.79 16.24
C THR A 145 -5.61 -24.71 15.23
N TRP A 146 -6.36 -23.70 15.70
CA TRP A 146 -6.76 -22.58 14.87
C TRP A 146 -6.22 -21.30 15.47
N HIS A 147 -5.75 -20.40 14.61
CA HIS A 147 -5.08 -19.18 15.08
C HIS A 147 -5.57 -17.94 14.35
N PRO A 148 -5.65 -16.80 15.05
CA PRO A 148 -5.96 -15.54 14.37
C PRO A 148 -5.04 -15.37 13.18
N ILE A 149 -5.61 -14.90 12.06
CA ILE A 149 -4.86 -14.86 10.81
C ILE A 149 -4.24 -13.48 10.56
N GLY A 150 -4.93 -12.40 10.90
CA GLY A 150 -4.37 -11.09 10.67
C GLY A 150 -5.48 -10.09 10.38
N VAL A 151 -5.13 -9.02 9.66
CA VAL A 151 -6.13 -8.03 9.29
C VAL A 151 -7.15 -8.64 8.37
N CYS A 152 -8.43 -8.47 8.70
CA CYS A 152 -9.53 -8.91 7.85
C CYS A 152 -10.08 -7.70 7.12
N GLY A 153 -9.93 -7.68 5.79
CA GLY A 153 -10.55 -6.64 4.99
C GLY A 153 -12.02 -6.97 4.73
N VAL A 154 -12.87 -5.95 4.80
CA VAL A 154 -14.30 -6.12 4.55
C VAL A 154 -14.73 -5.10 3.51
N ILE A 155 -15.22 -5.57 2.37
CA ILE A 155 -15.79 -4.75 1.32
C ILE A 155 -17.25 -5.12 1.22
N SER A 156 -18.14 -4.14 1.40
CA SER A 156 -19.55 -4.41 1.51
C SER A 156 -20.35 -3.63 0.48
N ALA A 157 -21.59 -4.06 0.26
CA ALA A 157 -22.50 -3.50 -0.73
C ALA A 157 -23.45 -2.48 -0.10
N PHE A 158 -24.22 -1.79 -0.96
CA PHE A 158 -25.11 -0.73 -0.50
C PHE A 158 -26.35 -1.28 0.19
N ASN A 159 -26.79 -2.48 -0.17
CA ASN A 159 -28.16 -2.87 0.15
C ASN A 159 -28.30 -3.47 1.54
N PHE A 160 -27.23 -3.99 2.14
CA PHE A 160 -27.21 -4.37 3.56
C PHE A 160 -26.06 -3.62 4.20
N PRO A 161 -26.22 -2.32 4.38
CA PRO A 161 -25.06 -1.47 4.70
C PRO A 161 -24.52 -1.67 6.10
N VAL A 162 -25.22 -2.40 6.99
CA VAL A 162 -24.67 -2.64 8.33
C VAL A 162 -24.54 -4.13 8.68
N ALA A 163 -25.42 -5.00 8.18
CA ALA A 163 -25.38 -6.40 8.66
C ALA A 163 -24.22 -7.18 8.06
N VAL A 164 -23.87 -6.94 6.79
CA VAL A 164 -22.74 -7.64 6.19
C VAL A 164 -21.48 -7.35 6.98
N TRP A 165 -21.22 -6.07 7.30
CA TRP A 165 -20.04 -5.77 8.10
C TRP A 165 -20.10 -6.46 9.46
N ALA A 166 -21.27 -6.42 10.12
CA ALA A 166 -21.38 -7.04 11.46
C ALA A 166 -21.10 -8.53 11.40
N TRP A 167 -21.65 -9.21 10.38
CA TRP A 167 -21.39 -10.63 10.19
C TRP A 167 -19.91 -10.93 10.11
N ASN A 168 -19.14 -10.09 9.38
CA ASN A 168 -17.72 -10.32 9.26
C ASN A 168 -16.98 -9.87 10.50
N ALA A 169 -17.33 -8.70 11.05
CA ALA A 169 -16.55 -8.15 12.15
C ALA A 169 -16.76 -8.92 13.45
N ALA A 170 -17.99 -9.35 13.73
CA ALA A 170 -18.21 -10.09 14.98
C ALA A 170 -17.36 -11.34 15.03
N LEU A 171 -17.36 -12.09 13.93
CA LEU A 171 -16.54 -13.31 13.83
C LEU A 171 -15.06 -12.97 13.82
N ALA A 172 -14.65 -11.97 13.02
CA ALA A 172 -13.23 -11.63 12.95
C ALA A 172 -12.68 -11.21 14.31
N PHE A 173 -13.40 -10.35 15.03
CA PHE A 173 -12.92 -9.91 16.34
C PHE A 173 -12.80 -11.10 17.31
N VAL A 174 -13.83 -11.95 17.35
CA VAL A 174 -13.79 -13.10 18.24
C VAL A 174 -12.65 -14.04 17.84
N CYS A 175 -12.35 -14.11 16.55
CA CYS A 175 -11.28 -14.95 16.06
C CYS A 175 -9.89 -14.30 16.20
N GLY A 176 -9.80 -13.13 16.85
CA GLY A 176 -8.52 -12.52 17.08
C GLY A 176 -7.98 -11.63 15.97
N ASP A 177 -8.81 -11.27 15.00
CA ASP A 177 -8.42 -10.42 13.88
C ASP A 177 -8.81 -8.96 14.15
N SER A 178 -8.05 -8.05 13.55
CA SER A 178 -8.54 -6.70 13.37
C SER A 178 -9.33 -6.62 12.05
N VAL A 179 -10.04 -5.51 11.84
CA VAL A 179 -10.91 -5.36 10.67
C VAL A 179 -10.62 -4.00 10.03
N VAL A 180 -10.46 -3.99 8.71
CA VAL A 180 -10.44 -2.75 7.93
C VAL A 180 -11.65 -2.80 6.99
N TRP A 181 -12.56 -1.86 7.16
CA TRP A 181 -13.85 -1.84 6.47
C TRP A 181 -13.86 -0.75 5.42
N LYS A 182 -14.12 -1.12 4.16
CA LYS A 182 -14.39 -0.14 3.11
C LYS A 182 -15.83 -0.32 2.66
N PRO A 183 -16.78 0.41 3.24
CA PRO A 183 -18.19 0.26 2.83
C PRO A 183 -18.41 0.81 1.43
N SER A 184 -19.57 0.47 0.87
CA SER A 184 -19.99 1.07 -0.39
C SER A 184 -19.96 2.59 -0.29
N GLU A 185 -19.43 3.24 -1.31
CA GLU A 185 -19.50 4.69 -1.39
C GLU A 185 -20.94 5.19 -1.44
N LYS A 186 -21.92 4.32 -1.69
CA LYS A 186 -23.31 4.73 -1.66
C LYS A 186 -23.90 4.81 -0.26
N THR A 187 -23.28 4.18 0.76
CA THR A 187 -23.84 4.15 2.12
C THR A 187 -22.75 4.41 3.17
N PRO A 188 -22.12 5.59 3.14
CA PRO A 188 -21.07 5.87 4.12
C PRO A 188 -21.59 6.22 5.51
N LEU A 189 -22.76 6.83 5.59
CA LEU A 189 -23.24 7.32 6.87
C LEU A 189 -23.59 6.17 7.81
N THR A 190 -24.21 5.11 7.30
CA THR A 190 -24.44 3.94 8.14
C THR A 190 -23.13 3.34 8.64
N ALA A 191 -22.07 3.39 7.81
CA ALA A 191 -20.78 2.87 8.22
C ALA A 191 -20.16 3.74 9.31
N ILE A 192 -20.20 5.07 9.13
CA ILE A 192 -19.75 5.97 10.18
C ILE A 192 -20.46 5.64 11.50
N ALA A 193 -21.77 5.41 11.44
CA ALA A 193 -22.53 5.12 12.66
C ALA A 193 -22.04 3.83 13.33
N CYS A 194 -21.92 2.76 12.54
CA CYS A 194 -21.39 1.52 13.08
C CYS A 194 -20.02 1.74 13.71
N HIS A 195 -19.15 2.49 13.02
CA HIS A 195 -17.82 2.73 13.57
C HIS A 195 -17.88 3.51 14.87
N VAL A 196 -18.75 4.52 14.92
CA VAL A 196 -18.92 5.29 16.15
C VAL A 196 -19.47 4.41 17.27
N LEU A 197 -20.43 3.54 16.96
CA LEU A 197 -20.96 2.67 18.01
C LEU A 197 -19.91 1.67 18.47
N LEU A 198 -19.06 1.20 17.57
CA LEU A 198 -17.97 0.33 17.98
C LEU A 198 -17.04 1.04 18.97
N GLN A 199 -16.73 2.31 18.69
CA GLN A 199 -15.87 3.09 19.57
C GLN A 199 -16.50 3.19 20.96
N LYS A 200 -17.81 3.32 21.00
CA LYS A 200 -18.51 3.33 22.28
C LYS A 200 -18.33 2.00 23.00
N ALA A 201 -18.45 0.89 22.26
CA ALA A 201 -18.21 -0.42 22.89
C ALA A 201 -16.80 -0.52 23.44
N LEU A 202 -15.81 -0.06 22.67
CA LEU A 202 -14.42 -0.11 23.12
C LEU A 202 -14.24 0.72 24.38
N ARG A 203 -14.92 1.87 24.48
CA ARG A 203 -14.80 2.67 25.71
C ARG A 203 -15.41 1.95 26.91
N GLU A 204 -16.58 1.31 26.74
CA GLU A 204 -17.15 0.55 27.85
C GLU A 204 -16.26 -0.62 28.22
N PHE A 205 -15.72 -1.32 27.21
CA PHE A 205 -14.85 -2.47 27.45
C PHE A 205 -13.56 -2.04 28.14
N GLU A 206 -13.05 -0.86 27.80
CA GLU A 206 -11.82 -0.41 28.43
C GLU A 206 -12.00 -0.21 29.94
N LYS A 207 -13.21 0.17 30.37
CA LYS A 207 -13.47 0.34 31.81
C LYS A 207 -13.27 -0.97 32.56
N THR A 208 -13.85 -2.05 32.05
CA THR A 208 -13.78 -3.33 32.73
C THR A 208 -12.53 -4.14 32.37
N HIS A 209 -11.87 -3.83 31.26
CA HIS A 209 -10.71 -4.58 30.79
C HIS A 209 -9.60 -3.62 30.37
N PRO A 210 -8.99 -2.92 31.33
CA PRO A 210 -8.02 -1.88 30.99
C PRO A 210 -6.83 -2.46 30.23
N GLY A 211 -6.47 -1.79 29.13
CA GLY A 211 -5.31 -2.17 28.36
C GLY A 211 -5.46 -3.40 27.47
N VAL A 212 -6.64 -4.01 27.41
CA VAL A 212 -6.78 -5.29 26.72
C VAL A 212 -7.02 -5.10 25.22
N ALA A 213 -8.00 -4.28 24.84
CA ALA A 213 -8.33 -4.16 23.42
C ALA A 213 -7.55 -3.01 22.79
N PRO A 214 -6.91 -3.21 21.63
CA PRO A 214 -6.23 -2.10 20.96
C PRO A 214 -7.24 -1.13 20.40
N ALA A 215 -6.95 0.17 20.56
CA ALA A 215 -7.87 1.19 20.07
C ALA A 215 -8.10 1.09 18.56
N GLU A 216 -7.12 0.59 17.81
CA GLU A 216 -7.19 0.53 16.35
C GLU A 216 -7.77 -0.79 15.83
N LEU A 217 -8.51 -1.50 16.66
CA LEU A 217 -9.00 -2.82 16.30
C LEU A 217 -9.88 -2.77 15.05
N GLY A 218 -10.76 -1.78 14.95
CA GLY A 218 -11.60 -1.61 13.80
C GLY A 218 -11.22 -0.33 13.07
N GLN A 219 -11.10 -0.42 11.75
CA GLN A 219 -10.79 0.73 10.92
C GLN A 219 -11.90 0.91 9.89
N LEU A 220 -12.20 2.16 9.58
CA LEU A 220 -13.19 2.55 8.59
C LEU A 220 -12.51 3.36 7.51
N VAL A 221 -12.57 2.88 6.26
CA VAL A 221 -11.96 3.53 5.10
C VAL A 221 -13.08 4.01 4.18
N LEU A 222 -13.23 5.31 4.03
CA LEU A 222 -14.29 5.90 3.22
C LEU A 222 -13.71 6.43 1.92
N GLY A 223 -14.28 6.02 0.79
CA GLY A 223 -13.78 6.56 -0.46
C GLY A 223 -14.13 5.67 -1.64
N MET A 224 -13.43 5.94 -2.74
CA MET A 224 -13.74 5.39 -4.05
C MET A 224 -12.86 4.18 -4.34
N ARG A 225 -12.77 3.81 -5.63
CA ARG A 225 -12.02 2.62 -6.04
C ARG A 225 -10.58 2.65 -5.58
N ASP A 226 -9.99 3.85 -5.53
CA ASP A 226 -8.56 3.95 -5.25
C ASP A 226 -8.24 3.35 -3.87
N VAL A 227 -9.09 3.59 -2.87
CA VAL A 227 -8.81 3.00 -1.55
C VAL A 227 -9.30 1.57 -1.47
N GLY A 228 -10.35 1.22 -2.21
CA GLY A 228 -10.71 -0.18 -2.27
C GLY A 228 -9.58 -1.02 -2.83
N GLU A 229 -8.81 -0.47 -3.77
CA GLU A 229 -7.72 -1.20 -4.37
C GLU A 229 -6.49 -1.24 -3.47
N VAL A 230 -6.29 -0.22 -2.63
CA VAL A 230 -5.25 -0.31 -1.61
C VAL A 230 -5.54 -1.49 -0.69
N LEU A 231 -6.79 -1.61 -0.24
CA LEU A 231 -7.15 -2.67 0.69
C LEU A 231 -6.91 -4.06 0.07
N THR A 232 -7.38 -4.29 -1.15
CA THR A 232 -7.29 -5.63 -1.71
C THR A 232 -5.85 -6.00 -2.04
N ALA A 233 -5.02 -5.02 -2.41
CA ALA A 233 -3.63 -5.28 -2.76
C ALA A 233 -2.70 -5.34 -1.55
N SER A 234 -3.15 -4.96 -0.36
CA SER A 234 -2.23 -4.86 0.77
C SER A 234 -1.70 -6.21 1.22
N LYS A 235 -0.37 -6.33 1.27
CA LYS A 235 0.27 -7.56 1.73
C LYS A 235 0.07 -7.81 3.22
N LYS A 236 -0.49 -6.85 3.98
CA LYS A 236 -0.78 -7.04 5.40
C LYS A 236 -2.21 -7.53 5.65
N VAL A 237 -2.97 -7.83 4.60
CA VAL A 237 -4.37 -8.23 4.75
C VAL A 237 -4.51 -9.64 4.20
N PRO A 238 -4.41 -10.68 5.03
CA PRO A 238 -4.40 -12.06 4.50
C PRO A 238 -5.75 -12.59 4.08
N VAL A 239 -6.84 -11.95 4.47
CA VAL A 239 -8.16 -12.37 4.03
C VAL A 239 -9.01 -11.14 3.73
N VAL A 240 -9.75 -11.19 2.62
CA VAL A 240 -10.68 -10.12 2.27
C VAL A 240 -12.05 -10.74 2.04
N SER A 241 -13.04 -10.28 2.80
CA SER A 241 -14.43 -10.64 2.58
C SER A 241 -15.04 -9.60 1.66
N ALA A 242 -15.49 -10.04 0.48
CA ALA A 242 -15.96 -9.08 -0.52
C ALA A 242 -17.38 -9.45 -0.94
N THR A 243 -18.31 -8.53 -0.69
CA THR A 243 -19.73 -8.69 -0.98
C THR A 243 -20.12 -7.68 -2.06
N GLY A 244 -20.66 -8.15 -3.17
CA GLY A 244 -21.02 -7.25 -4.25
C GLY A 244 -21.30 -7.98 -5.54
N SER A 245 -21.11 -7.27 -6.66
CA SER A 245 -21.39 -7.81 -7.98
C SER A 245 -20.39 -8.90 -8.36
N VAL A 246 -20.80 -9.74 -9.32
CA VAL A 246 -19.89 -10.75 -9.86
C VAL A 246 -18.63 -10.10 -10.39
N ARG A 247 -18.76 -8.96 -11.08
CA ARG A 247 -17.59 -8.32 -11.68
C ARG A 247 -16.62 -7.84 -10.62
N MET A 248 -17.14 -7.25 -9.53
CA MET A 248 -16.28 -6.87 -8.42
C MET A 248 -15.52 -8.08 -7.90
N GLY A 249 -16.23 -9.20 -7.70
CA GLY A 249 -15.60 -10.37 -7.12
C GLY A 249 -14.50 -10.92 -8.00
N GLN A 250 -14.73 -10.95 -9.32
CA GLN A 250 -13.67 -11.37 -10.24
C GLN A 250 -12.43 -10.52 -10.10
N GLU A 251 -12.60 -9.20 -10.05
CA GLU A 251 -11.45 -8.30 -9.96
C GLU A 251 -10.75 -8.47 -8.62
N VAL A 252 -11.51 -8.59 -7.52
CA VAL A 252 -10.88 -8.77 -6.23
C VAL A 252 -10.13 -10.10 -6.17
N ALA A 253 -10.75 -11.17 -6.68
CA ALA A 253 -10.12 -12.49 -6.62
C ALA A 253 -8.82 -12.50 -7.41
N LYS A 254 -8.77 -11.80 -8.54
CA LYS A 254 -7.52 -11.69 -9.29
C LYS A 254 -6.42 -11.05 -8.45
N VAL A 255 -6.74 -9.94 -7.78
CA VAL A 255 -5.72 -9.29 -6.93
C VAL A 255 -5.31 -10.19 -5.77
N LEU A 256 -6.28 -10.82 -5.10
CA LEU A 256 -5.94 -11.74 -4.01
C LEU A 256 -5.05 -12.88 -4.52
N SER A 257 -5.37 -13.43 -5.69
CA SER A 257 -4.60 -14.54 -6.23
C SER A 257 -3.15 -14.16 -6.46
N GLN A 258 -2.93 -12.95 -6.98
CA GLN A 258 -1.57 -12.54 -7.30
C GLN A 258 -0.68 -12.53 -6.07
N ARG A 259 -1.24 -12.26 -4.89
CA ARG A 259 -0.45 -12.32 -3.67
C ARG A 259 -0.82 -13.52 -2.80
N LEU A 260 -1.51 -14.50 -3.38
CA LEU A 260 -1.85 -15.77 -2.72
C LEU A 260 -2.56 -15.56 -1.39
N ALA A 261 -3.54 -14.67 -1.40
CA ALA A 261 -4.30 -14.35 -0.20
C ALA A 261 -5.70 -14.95 -0.30
N ARG A 262 -6.40 -14.94 0.82
CA ARG A 262 -7.66 -15.64 0.92
C ARG A 262 -8.84 -14.71 0.66
N GLY A 263 -9.82 -15.20 -0.08
CA GLY A 263 -11.04 -14.46 -0.34
C GLY A 263 -12.27 -15.13 0.26
N ILE A 264 -13.17 -14.32 0.80
CA ILE A 264 -14.52 -14.76 1.12
C ILE A 264 -15.42 -14.02 0.14
N LEU A 265 -15.80 -14.67 -0.96
CA LEU A 265 -16.49 -13.99 -2.06
C LEU A 265 -17.99 -14.24 -1.96
N GLU A 266 -18.75 -13.16 -1.82
CA GLU A 266 -20.20 -13.18 -1.66
C GLU A 266 -20.79 -12.33 -2.78
N LEU A 267 -21.04 -12.94 -3.93
CA LEU A 267 -21.34 -12.17 -5.11
C LEU A 267 -22.84 -12.28 -5.45
N GLY A 268 -23.20 -12.05 -6.70
CA GLY A 268 -24.59 -11.89 -7.04
C GLY A 268 -25.38 -13.20 -6.99
N GLY A 269 -26.70 -13.05 -6.85
CA GLY A 269 -27.61 -14.16 -6.97
C GLY A 269 -28.57 -13.93 -8.13
N ASN A 270 -29.32 -14.99 -8.46
CA ASN A 270 -30.35 -14.97 -9.48
C ASN A 270 -31.33 -16.09 -9.10
N ASN A 271 -32.05 -15.86 -8.00
CA ASN A 271 -32.62 -16.95 -7.21
C ASN A 271 -33.98 -17.38 -7.73
N GLY A 272 -34.15 -18.70 -7.84
CA GLY A 272 -35.36 -19.27 -8.41
C GLY A 272 -36.12 -20.14 -7.44
N MET A 273 -37.40 -20.34 -7.73
CA MET A 273 -38.28 -21.19 -6.95
C MET A 273 -39.04 -22.08 -7.90
N ILE A 274 -39.05 -23.39 -7.63
CA ILE A 274 -39.91 -24.35 -8.33
C ILE A 274 -41.19 -24.51 -7.53
N VAL A 275 -42.33 -24.37 -8.19
CA VAL A 275 -43.64 -24.60 -7.57
C VAL A 275 -44.23 -25.85 -8.21
N ALA A 276 -44.28 -26.95 -7.43
CA ALA A 276 -44.69 -28.26 -7.91
C ALA A 276 -46.19 -28.47 -7.69
N PRO A 277 -46.78 -29.48 -8.35
CA PRO A 277 -48.26 -29.59 -8.35
C PRO A 277 -48.90 -29.68 -6.98
N SER A 278 -48.23 -30.26 -5.99
CA SER A 278 -48.86 -30.44 -4.68
C SER A 278 -48.65 -29.23 -3.76
N ALA A 279 -48.09 -28.13 -4.27
CA ALA A 279 -47.75 -27.02 -3.38
C ALA A 279 -49.00 -26.43 -2.72
N ASP A 280 -48.82 -25.94 -1.50
CA ASP A 280 -49.84 -25.16 -0.80
C ASP A 280 -49.89 -23.76 -1.44
N LEU A 281 -50.93 -23.51 -2.24
CA LEU A 281 -50.97 -22.29 -3.03
C LEU A 281 -51.20 -21.05 -2.17
N ASP A 282 -52.01 -21.17 -1.11
CA ASP A 282 -52.14 -20.07 -0.15
C ASP A 282 -50.78 -19.66 0.37
N LEU A 283 -49.93 -20.64 0.66
CA LEU A 283 -48.58 -20.35 1.12
C LEU A 283 -47.72 -19.77 -0.01
N VAL A 284 -47.82 -20.36 -1.20
CA VAL A 284 -46.99 -19.93 -2.33
C VAL A 284 -47.21 -18.45 -2.64
N VAL A 285 -48.47 -18.04 -2.77
CA VAL A 285 -48.73 -16.68 -3.23
C VAL A 285 -48.09 -15.66 -2.28
N ARG A 286 -48.13 -15.94 -0.97
CA ARG A 286 -47.48 -15.06 0.00
C ARG A 286 -45.96 -15.15 -0.09
N ALA A 287 -45.42 -16.37 -0.12
CA ALA A 287 -43.97 -16.54 -0.13
C ALA A 287 -43.35 -15.92 -1.39
N VAL A 288 -43.99 -16.11 -2.54
CA VAL A 288 -43.52 -15.53 -3.80
C VAL A 288 -43.57 -14.01 -3.73
N THR A 289 -44.71 -13.45 -3.34
CA THR A 289 -44.85 -12.00 -3.32
C THR A 289 -43.80 -11.35 -2.43
N PHE A 290 -43.64 -11.85 -1.20
CA PHE A 290 -42.75 -11.19 -0.26
C PHE A 290 -41.28 -11.36 -0.64
N ALA A 291 -40.88 -12.52 -1.16
CA ALA A 291 -39.48 -12.72 -1.54
C ALA A 291 -39.13 -11.97 -2.82
N ALA A 292 -40.10 -11.74 -3.70
CA ALA A 292 -39.79 -11.06 -4.96
C ALA A 292 -39.82 -9.54 -4.84
N VAL A 293 -40.78 -8.97 -4.10
CA VAL A 293 -40.90 -7.52 -4.06
C VAL A 293 -40.21 -6.91 -2.84
N GLY A 294 -39.89 -7.70 -1.81
CA GLY A 294 -39.26 -7.17 -0.63
C GLY A 294 -38.01 -6.37 -0.95
N THR A 295 -37.81 -5.25 -0.24
CA THR A 295 -36.63 -4.43 -0.44
C THR A 295 -36.50 -3.97 -1.89
N ALA A 296 -37.64 -3.83 -2.58
CA ALA A 296 -37.68 -3.45 -3.99
C ALA A 296 -36.79 -4.34 -4.84
N GLY A 297 -36.76 -5.62 -4.52
CA GLY A 297 -35.96 -6.57 -5.29
C GLY A 297 -34.47 -6.38 -5.15
N GLN A 298 -34.03 -5.67 -4.11
CA GLN A 298 -32.62 -5.37 -3.89
C GLN A 298 -32.05 -6.18 -2.72
N ARG A 299 -32.50 -7.42 -2.56
CA ARG A 299 -31.76 -8.35 -1.73
C ARG A 299 -30.96 -9.25 -2.64
N CYS A 300 -29.82 -9.73 -2.14
CA CYS A 300 -29.05 -10.69 -2.92
CA CYS A 300 -29.10 -10.66 -2.97
C CYS A 300 -29.80 -12.01 -3.07
N THR A 301 -30.65 -12.33 -2.09
CA THR A 301 -31.50 -13.51 -2.11
C THR A 301 -32.89 -13.24 -2.72
N THR A 302 -33.10 -12.08 -3.35
CA THR A 302 -34.42 -11.76 -3.92
C THR A 302 -34.85 -12.85 -4.88
N LEU A 303 -36.13 -13.19 -4.86
CA LEU A 303 -36.69 -14.12 -5.83
C LEU A 303 -36.83 -13.45 -7.21
N ARG A 304 -36.17 -14.00 -8.23
CA ARG A 304 -36.21 -13.44 -9.58
C ARG A 304 -36.73 -14.41 -10.62
N ARG A 305 -36.81 -15.71 -10.32
CA ARG A 305 -37.24 -16.69 -11.30
C ARG A 305 -38.26 -17.63 -10.66
N LEU A 306 -39.40 -17.79 -11.32
CA LEU A 306 -40.47 -18.65 -10.82
C LEU A 306 -40.74 -19.73 -11.87
N ILE A 307 -40.59 -20.99 -11.48
CA ILE A 307 -40.74 -22.13 -12.39
C ILE A 307 -41.96 -22.91 -11.92
N VAL A 308 -43.10 -22.69 -12.58
CA VAL A 308 -44.40 -23.12 -12.08
CA VAL A 308 -44.43 -23.10 -12.10
C VAL A 308 -44.91 -24.27 -12.94
N HIS A 309 -45.40 -25.32 -12.27
CA HIS A 309 -45.96 -26.44 -13.02
C HIS A 309 -47.20 -26.00 -13.79
N ARG A 310 -47.33 -26.52 -15.01
CA ARG A 310 -48.39 -26.10 -15.92
C ARG A 310 -49.77 -26.20 -15.28
N SER A 311 -50.01 -27.23 -14.48
CA SER A 311 -51.34 -27.42 -13.89
C SER A 311 -51.73 -26.30 -12.93
N LEU A 312 -50.78 -25.49 -12.48
CA LEU A 312 -51.04 -24.47 -11.48
C LEU A 312 -51.15 -23.06 -12.05
N VAL A 313 -50.79 -22.86 -13.31
CA VAL A 313 -50.62 -21.51 -13.84
C VAL A 313 -51.93 -20.73 -13.75
N GLU A 314 -53.02 -21.31 -14.26
CA GLU A 314 -54.28 -20.56 -14.31
C GLU A 314 -54.78 -20.21 -12.91
N GLN A 315 -54.54 -21.08 -11.92
CA GLN A 315 -54.91 -20.80 -10.54
C GLN A 315 -53.99 -19.77 -9.91
N LEU A 316 -52.68 -19.97 -10.04
CA LEU A 316 -51.74 -19.27 -9.19
C LEU A 316 -51.42 -17.86 -9.69
N LEU A 317 -51.20 -17.70 -10.99
CA LEU A 317 -50.70 -16.43 -11.49
C LEU A 317 -51.65 -15.26 -11.24
N PRO A 318 -52.97 -15.38 -11.45
CA PRO A 318 -53.84 -14.24 -11.10
C PRO A 318 -53.80 -13.88 -9.63
N ARG A 319 -53.56 -14.86 -8.75
CA ARG A 319 -53.44 -14.55 -7.32
C ARG A 319 -52.18 -13.74 -7.05
N ILE A 320 -51.07 -14.10 -7.69
CA ILE A 320 -49.84 -13.33 -7.52
C ILE A 320 -50.00 -11.92 -8.12
N GLU A 321 -50.63 -11.84 -9.30
CA GLU A 321 -50.86 -10.52 -9.90
C GLU A 321 -51.74 -9.65 -9.01
N LYS A 322 -52.79 -10.26 -8.42
CA LYS A 322 -53.64 -9.53 -7.50
C LYS A 322 -52.85 -9.01 -6.30
N ALA A 323 -52.01 -9.87 -5.69
CA ALA A 323 -51.16 -9.41 -4.60
C ALA A 323 -50.24 -8.28 -5.06
N TYR A 324 -49.56 -8.47 -6.19
CA TYR A 324 -48.67 -7.45 -6.73
C TYR A 324 -49.36 -6.09 -6.83
N ALA A 325 -50.56 -6.06 -7.43
CA ALA A 325 -51.21 -4.78 -7.65
C ALA A 325 -51.56 -4.10 -6.34
N SER A 326 -51.77 -4.87 -5.28
CA SER A 326 -52.15 -4.29 -4.00
C SER A 326 -50.95 -3.84 -3.17
N VAL A 327 -49.73 -4.15 -3.62
CA VAL A 327 -48.55 -3.77 -2.84
C VAL A 327 -48.38 -2.26 -2.87
N LYS A 328 -48.15 -1.69 -1.69
CA LYS A 328 -47.97 -0.24 -1.59
C LYS A 328 -46.52 0.14 -1.90
N VAL A 329 -46.33 0.88 -2.99
CA VAL A 329 -45.05 1.47 -3.34
C VAL A 329 -45.07 2.90 -2.85
N GLY A 330 -44.04 3.31 -2.11
CA GLY A 330 -44.02 4.68 -1.63
C GLY A 330 -42.82 4.93 -0.75
N ASN A 331 -42.84 6.08 -0.09
CA ASN A 331 -41.74 6.48 0.77
C ASN A 331 -41.63 5.52 1.95
N PRO A 332 -40.47 4.90 2.17
CA PRO A 332 -40.36 3.86 3.19
C PRO A 332 -40.50 4.36 4.61
N LEU A 333 -40.60 5.67 4.82
CA LEU A 333 -40.92 6.17 6.16
C LEU A 333 -42.40 6.03 6.47
N GLU A 334 -43.25 5.87 5.46
CA GLU A 334 -44.69 5.83 5.69
C GLU A 334 -45.11 4.44 6.15
N GLU A 335 -45.92 4.42 7.21
N GLU A 335 -46.07 4.39 7.09
CA GLU A 335 -46.66 3.22 7.54
CA GLU A 335 -46.35 3.14 7.82
C GLU A 335 -47.54 2.85 6.35
C GLU A 335 -46.73 1.98 6.88
N GLY A 336 -47.58 1.55 6.05
N GLY A 336 -47.56 2.24 5.87
CA GLY A 336 -48.25 1.04 4.90
CA GLY A 336 -48.14 1.22 5.03
C GLY A 336 -47.33 0.77 3.72
C GLY A 336 -47.34 0.82 3.81
N THR A 337 -46.20 1.45 3.61
CA THR A 337 -45.32 1.17 2.48
C THR A 337 -44.72 -0.23 2.61
N LEU A 338 -44.81 -1.02 1.54
CA LEU A 338 -44.05 -2.26 1.47
C LEU A 338 -42.84 -2.16 0.56
N VAL A 339 -42.90 -1.33 -0.48
CA VAL A 339 -41.82 -1.24 -1.47
C VAL A 339 -41.34 0.19 -1.51
N GLY A 340 -40.08 0.40 -1.10
CA GLY A 340 -39.43 1.69 -1.20
C GLY A 340 -38.77 1.86 -2.57
N PRO A 341 -37.82 2.78 -2.66
CA PRO A 341 -37.22 3.10 -3.96
C PRO A 341 -36.07 2.18 -4.36
N LEU A 342 -35.78 2.18 -5.65
CA LEU A 342 -34.50 1.70 -6.12
C LEU A 342 -33.42 2.67 -5.67
N VAL A 343 -32.16 2.19 -5.62
CA VAL A 343 -31.10 2.97 -5.00
C VAL A 343 -30.75 4.23 -5.83
N ASP A 344 -30.74 4.14 -7.17
CA ASP A 344 -30.30 5.30 -7.97
C ASP A 344 -30.75 5.12 -9.42
N ARG A 345 -30.42 6.13 -10.24
CA ARG A 345 -30.87 6.14 -11.63
C ARG A 345 -30.30 4.95 -12.40
N ALA A 346 -29.02 4.65 -12.21
CA ALA A 346 -28.41 3.52 -12.92
C ALA A 346 -29.21 2.25 -12.70
N SER A 347 -29.71 2.05 -11.48
CA SER A 347 -30.54 0.89 -11.16
C SER A 347 -31.87 0.93 -11.89
N PHE A 348 -32.52 2.09 -11.88
CA PHE A 348 -33.76 2.24 -12.62
C PHE A 348 -33.55 1.97 -14.11
N ASP A 349 -32.51 2.58 -14.69
CA ASP A 349 -32.27 2.40 -16.12
C ASP A 349 -32.03 0.92 -16.45
N ALA A 350 -31.25 0.23 -15.61
CA ALA A 350 -31.01 -1.20 -15.87
C ALA A 350 -32.29 -2.00 -15.78
N MET A 351 -33.17 -1.62 -14.86
CA MET A 351 -34.46 -2.32 -14.76
C MET A 351 -35.27 -2.15 -16.04
N GLN A 352 -35.40 -0.91 -16.49
CA GLN A 352 -36.20 -0.66 -17.66
C GLN A 352 -35.58 -1.30 -18.90
N LYS A 353 -34.24 -1.33 -18.96
CA LYS A 353 -33.56 -2.05 -20.04
C LYS A 353 -33.86 -3.54 -20.00
N ALA A 354 -33.82 -4.15 -18.81
CA ALA A 354 -34.15 -5.57 -18.69
C ALA A 354 -35.57 -5.85 -19.18
N LEU A 355 -36.52 -5.00 -18.80
CA LEU A 355 -37.90 -5.20 -19.24
C LEU A 355 -38.00 -5.08 -20.75
N ALA A 356 -37.30 -4.10 -21.34
CA ALA A 356 -37.32 -3.97 -22.79
C ALA A 356 -36.75 -5.23 -23.45
N ASP A 357 -35.63 -5.74 -22.92
CA ASP A 357 -35.10 -7.01 -23.41
C ASP A 357 -36.11 -8.15 -23.25
N ALA A 358 -36.79 -8.21 -22.11
CA ALA A 358 -37.76 -9.27 -21.89
C ALA A 358 -38.83 -9.26 -22.97
N ARG A 359 -39.39 -8.09 -23.28
CA ARG A 359 -40.40 -8.01 -24.33
C ARG A 359 -39.85 -8.45 -25.69
N GLU A 360 -38.62 -8.04 -26.02
CA GLU A 360 -38.03 -8.47 -27.29
C GLU A 360 -37.90 -9.98 -27.34
N GLN A 361 -37.73 -10.60 -26.19
CA GLN A 361 -37.56 -12.05 -26.06
C GLN A 361 -38.88 -12.76 -25.81
N GLY A 362 -40.00 -12.14 -26.20
CA GLY A 362 -41.28 -12.80 -26.13
C GLY A 362 -41.99 -12.71 -24.79
N GLY A 363 -41.47 -11.92 -23.85
CA GLY A 363 -42.11 -11.83 -22.54
C GLY A 363 -43.30 -10.88 -22.52
N GLU A 364 -44.22 -11.12 -21.58
CA GLU A 364 -45.39 -10.27 -21.35
C GLU A 364 -45.27 -9.70 -19.95
N VAL A 365 -45.06 -8.37 -19.87
CA VAL A 365 -44.70 -7.65 -18.64
C VAL A 365 -45.96 -7.09 -17.99
N LYS A 366 -46.10 -7.26 -16.68
CA LYS A 366 -47.06 -6.51 -15.88
C LYS A 366 -46.35 -5.77 -14.75
N GLY A 367 -46.81 -4.56 -14.45
CA GLY A 367 -46.06 -3.76 -13.50
C GLY A 367 -44.78 -3.23 -14.11
N GLY A 368 -43.90 -2.74 -13.25
CA GLY A 368 -42.61 -2.24 -13.69
C GLY A 368 -42.56 -0.75 -14.00
N GLU A 369 -43.69 -0.05 -13.99
CA GLU A 369 -43.66 1.37 -14.35
C GLU A 369 -43.19 2.22 -13.17
N ARG A 370 -42.70 3.40 -13.50
CA ARG A 370 -42.20 4.31 -12.47
C ARG A 370 -43.36 4.91 -11.69
N VAL A 371 -43.15 5.12 -10.40
CA VAL A 371 -44.14 5.73 -9.51
C VAL A 371 -43.63 7.11 -9.15
N ASP A 372 -44.36 8.14 -9.56
CA ASP A 372 -43.93 9.53 -9.33
C ASP A 372 -44.14 9.92 -7.87
N VAL A 373 -43.07 10.34 -7.21
CA VAL A 373 -43.14 10.85 -5.85
C VAL A 373 -42.72 12.32 -5.78
N GLY A 374 -42.60 12.99 -6.92
CA GLY A 374 -42.27 14.41 -6.95
C GLY A 374 -40.81 14.74 -7.01
N HIS A 375 -39.94 13.76 -7.20
CA HIS A 375 -38.49 13.96 -7.28
C HIS A 375 -37.92 13.29 -8.52
N ALA A 376 -37.29 14.08 -9.39
CA ALA A 376 -36.74 13.49 -10.59
C ALA A 376 -35.56 12.58 -10.29
N ASP A 377 -34.86 12.77 -9.16
CA ASP A 377 -33.70 11.94 -8.79
C ASP A 377 -34.03 10.89 -7.72
N ALA A 378 -35.30 10.54 -7.56
CA ALA A 378 -35.70 9.43 -6.72
C ALA A 378 -36.47 8.44 -7.58
N TYR A 379 -36.14 7.15 -7.49
CA TYR A 379 -36.66 6.18 -8.45
C TYR A 379 -37.46 5.09 -7.75
N TYR A 380 -38.79 5.23 -7.81
CA TYR A 380 -39.73 4.24 -7.32
C TYR A 380 -40.37 3.52 -8.51
N VAL A 381 -40.55 2.20 -8.39
CA VAL A 381 -41.17 1.42 -9.45
C VAL A 381 -42.17 0.44 -8.85
N ARG A 382 -43.22 0.16 -9.62
CA ARG A 382 -44.05 -1.01 -9.33
C ARG A 382 -43.25 -2.29 -9.63
N PRO A 383 -43.24 -3.25 -8.72
CA PRO A 383 -42.63 -4.55 -9.03
C PRO A 383 -43.19 -5.13 -10.32
N ALA A 384 -42.34 -5.80 -11.09
CA ALA A 384 -42.77 -6.36 -12.37
C ALA A 384 -42.82 -7.88 -12.28
N ILE A 385 -43.80 -8.47 -12.97
CA ILE A 385 -43.87 -9.91 -13.13
C ILE A 385 -44.04 -10.18 -14.61
N VAL A 386 -43.20 -11.06 -15.15
CA VAL A 386 -43.04 -11.19 -16.59
C VAL A 386 -43.24 -12.66 -16.96
N ARG A 387 -44.28 -12.93 -17.76
CA ARG A 387 -44.49 -14.27 -18.30
C ARG A 387 -43.50 -14.50 -19.43
N MET A 388 -42.60 -15.48 -19.26
CA MET A 388 -41.58 -15.73 -20.27
C MET A 388 -41.81 -17.08 -20.97
N PRO A 389 -41.66 -17.14 -22.30
CA PRO A 389 -41.83 -18.44 -22.98
C PRO A 389 -40.70 -19.41 -22.67
N LYS A 390 -39.51 -18.91 -22.34
CA LYS A 390 -38.41 -19.74 -21.91
C LYS A 390 -37.51 -18.86 -21.06
N GLN A 391 -36.51 -19.49 -20.42
CA GLN A 391 -35.53 -18.74 -19.63
C GLN A 391 -34.45 -18.22 -20.57
N SER A 392 -34.75 -17.11 -21.23
CA SER A 392 -33.90 -16.57 -22.28
C SER A 392 -32.81 -15.70 -21.67
N ALA A 393 -32.08 -14.96 -22.52
CA ALA A 393 -30.84 -14.32 -22.08
C ALA A 393 -31.09 -13.33 -20.95
N VAL A 394 -32.17 -12.55 -21.02
CA VAL A 394 -32.40 -11.52 -19.99
C VAL A 394 -32.65 -12.16 -18.63
N VAL A 395 -33.23 -13.37 -18.60
CA VAL A 395 -33.51 -14.03 -17.32
C VAL A 395 -32.22 -14.49 -16.68
N GLU A 396 -31.20 -14.80 -17.47
CA GLU A 396 -29.94 -15.24 -16.91
C GLU A 396 -29.15 -14.10 -16.26
N ARG A 397 -29.42 -12.83 -16.62
CA ARG A 397 -28.77 -11.68 -15.98
C ARG A 397 -29.37 -11.44 -14.62
N GLU A 398 -28.54 -11.05 -13.66
CA GLU A 398 -29.04 -10.52 -12.41
C GLU A 398 -29.37 -9.04 -12.61
N THR A 399 -30.64 -8.70 -12.68
CA THR A 399 -31.06 -7.30 -12.67
C THR A 399 -31.52 -6.98 -11.27
N PHE A 400 -30.79 -6.09 -10.60
CA PHE A 400 -30.99 -5.84 -9.18
C PHE A 400 -32.19 -4.90 -9.00
N ALA A 401 -33.36 -5.46 -9.23
CA ALA A 401 -34.62 -4.72 -9.28
C ALA A 401 -35.77 -5.72 -9.15
N PRO A 402 -36.99 -5.25 -8.80
CA PRO A 402 -38.09 -6.20 -8.64
C PRO A 402 -38.66 -6.61 -9.97
N ILE A 403 -38.08 -7.65 -10.56
CA ILE A 403 -38.59 -8.28 -11.77
C ILE A 403 -38.63 -9.77 -11.48
N LEU A 404 -39.81 -10.37 -11.59
CA LEU A 404 -39.98 -11.80 -11.40
C LEU A 404 -40.33 -12.43 -12.75
N TYR A 405 -39.42 -13.22 -13.30
CA TYR A 405 -39.65 -13.93 -14.55
C TYR A 405 -40.32 -15.28 -14.28
N VAL A 406 -41.39 -15.58 -14.99
CA VAL A 406 -42.21 -16.77 -14.78
C VAL A 406 -42.10 -17.70 -15.98
N MET A 407 -41.63 -18.92 -15.74
CA MET A 407 -41.50 -19.96 -16.74
C MET A 407 -42.37 -21.14 -16.33
N VAL A 408 -42.98 -21.79 -17.31
CA VAL A 408 -43.81 -22.97 -17.08
C VAL A 408 -42.97 -24.22 -17.29
N TYR A 409 -43.25 -25.26 -16.51
CA TYR A 409 -42.60 -26.55 -16.70
C TYR A 409 -43.64 -27.66 -16.63
N ASP A 410 -43.29 -28.79 -17.24
CA ASP A 410 -44.08 -30.01 -17.16
C ASP A 410 -43.38 -31.08 -16.34
N ASN A 411 -42.13 -31.38 -16.66
CA ASN A 411 -41.43 -32.50 -16.04
C ASN A 411 -40.43 -31.98 -15.02
N PHE A 412 -40.40 -32.67 -13.86
CA PHE A 412 -39.64 -32.21 -12.71
C PHE A 412 -38.14 -32.13 -13.01
N ASP A 413 -37.61 -33.13 -13.71
CA ASP A 413 -36.19 -33.10 -14.06
C ASP A 413 -35.87 -31.89 -14.92
N ASP A 414 -36.78 -31.55 -15.84
CA ASP A 414 -36.60 -30.37 -16.68
C ASP A 414 -36.63 -29.08 -15.86
N ALA A 415 -37.51 -29.03 -14.86
CA ALA A 415 -37.55 -27.85 -14.00
C ALA A 415 -36.22 -27.67 -13.29
N ILE A 416 -35.63 -28.76 -12.80
CA ILE A 416 -34.33 -28.69 -12.12
CA ILE A 416 -34.34 -28.65 -12.11
C ILE A 416 -33.27 -28.13 -13.07
N ASP A 417 -33.27 -28.62 -14.32
CA ASP A 417 -32.29 -28.13 -15.30
C ASP A 417 -32.45 -26.64 -15.54
N VAL A 418 -33.70 -26.19 -15.75
CA VAL A 418 -33.96 -24.75 -15.90
C VAL A 418 -33.52 -24.00 -14.65
N HIS A 419 -33.84 -24.55 -13.49
CA HIS A 419 -33.43 -23.88 -12.25
C HIS A 419 -31.92 -23.70 -12.19
N ASN A 420 -31.18 -24.72 -12.59
CA ASN A 420 -29.74 -24.71 -12.49
C ASN A 420 -29.04 -24.02 -13.67
N ALA A 421 -29.78 -23.57 -14.68
CA ALA A 421 -29.10 -23.16 -15.91
C ALA A 421 -28.52 -21.75 -15.86
N VAL A 422 -28.79 -20.97 -14.81
CA VAL A 422 -28.26 -19.61 -14.76
C VAL A 422 -26.82 -19.69 -14.23
N PRO A 423 -26.00 -18.66 -14.42
CA PRO A 423 -24.62 -18.72 -13.95
C PRO A 423 -24.45 -18.45 -12.46
N GLN A 424 -25.46 -17.89 -11.77
CA GLN A 424 -25.35 -17.63 -10.34
C GLN A 424 -25.77 -18.88 -9.56
N GLY A 425 -25.53 -18.85 -8.23
CA GLY A 425 -25.91 -20.00 -7.43
C GLY A 425 -26.09 -19.71 -5.95
N LEU A 426 -26.86 -18.67 -5.60
CA LEU A 426 -26.92 -18.26 -4.20
C LEU A 426 -27.98 -19.05 -3.47
N SER A 427 -29.26 -18.69 -3.60
CA SER A 427 -30.31 -19.37 -2.89
C SER A 427 -31.36 -19.91 -3.85
N SER A 428 -32.21 -20.80 -3.32
CA SER A 428 -33.15 -21.57 -4.13
C SER A 428 -34.21 -22.14 -3.23
N ALA A 429 -35.36 -22.48 -3.82
CA ALA A 429 -36.46 -23.04 -3.04
C ALA A 429 -37.33 -23.90 -3.95
N ILE A 430 -37.95 -24.91 -3.34
CA ILE A 430 -39.02 -25.66 -3.96
C ILE A 430 -40.23 -25.60 -3.03
N PHE A 431 -41.40 -25.37 -3.60
CA PHE A 431 -42.66 -25.44 -2.86
C PHE A 431 -43.38 -26.68 -3.35
N THR A 432 -43.57 -27.63 -2.45
CA THR A 432 -44.19 -28.93 -2.73
C THR A 432 -44.55 -29.54 -1.39
N ASN A 433 -45.55 -30.42 -1.41
CA ASN A 433 -45.79 -31.26 -0.25
C ASN A 433 -45.37 -32.70 -0.48
N ASP A 434 -44.79 -32.97 -1.64
CA ASP A 434 -44.35 -34.33 -1.98
C ASP A 434 -42.92 -34.49 -1.46
N MET A 435 -42.73 -35.37 -0.49
CA MET A 435 -41.41 -35.55 0.12
C MET A 435 -40.37 -35.99 -0.92
N ARG A 436 -40.81 -36.73 -1.95
CA ARG A 436 -39.87 -37.20 -2.97
C ARG A 436 -39.29 -36.03 -3.77
N GLU A 437 -40.15 -35.08 -4.16
CA GLU A 437 -39.63 -33.91 -4.88
C GLU A 437 -38.78 -33.05 -3.96
N ALA A 438 -39.19 -32.91 -2.69
CA ALA A 438 -38.44 -32.07 -1.76
C ALA A 438 -37.02 -32.61 -1.57
N GLU A 439 -36.90 -33.91 -1.34
CA GLU A 439 -35.58 -34.53 -1.16
C GLU A 439 -34.78 -34.50 -2.46
N GLN A 440 -35.41 -34.80 -3.59
CA GLN A 440 -34.69 -34.72 -4.86
C GLN A 440 -34.10 -33.33 -5.07
N PHE A 441 -34.86 -32.28 -4.73
CA PHE A 441 -34.40 -30.91 -4.91
C PHE A 441 -33.18 -30.61 -4.03
N MET A 442 -33.11 -31.20 -2.83
CA MET A 442 -32.00 -31.00 -1.90
C MET A 442 -30.86 -31.98 -2.12
N SER A 443 -31.03 -32.96 -3.02
CA SER A 443 -30.04 -34.01 -3.25
C SER A 443 -28.92 -33.51 -4.17
N ALA A 444 -27.95 -34.39 -4.43
CA ALA A 444 -26.78 -34.01 -5.22
C ALA A 444 -27.17 -33.59 -6.64
N ALA A 445 -28.19 -34.22 -7.21
CA ALA A 445 -28.64 -33.85 -8.55
C ALA A 445 -29.73 -32.80 -8.53
N GLY A 446 -29.99 -32.17 -7.39
CA GLY A 446 -31.04 -31.16 -7.34
C GLY A 446 -30.52 -29.75 -7.53
N SER A 447 -31.00 -28.83 -6.69
CA SER A 447 -30.54 -27.45 -6.80
C SER A 447 -29.04 -27.39 -6.63
N ASP A 448 -28.38 -26.55 -7.43
CA ASP A 448 -26.93 -26.42 -7.37
C ASP A 448 -26.48 -25.27 -6.48
N CYS A 449 -27.38 -24.71 -5.67
CA CYS A 449 -27.13 -23.46 -4.97
C CYS A 449 -26.55 -23.70 -3.57
N GLY A 450 -26.05 -22.62 -2.95
CA GLY A 450 -25.55 -22.72 -1.59
C GLY A 450 -26.62 -22.74 -0.53
N ILE A 451 -27.81 -22.25 -0.86
CA ILE A 451 -28.98 -22.25 0.00
C ILE A 451 -30.11 -22.92 -0.76
N VAL A 452 -30.66 -24.00 -0.19
CA VAL A 452 -31.63 -24.85 -0.88
C VAL A 452 -32.77 -25.16 0.07
N ASN A 453 -33.90 -24.50 -0.11
CA ASN A 453 -34.99 -24.50 0.86
C ASN A 453 -36.22 -25.23 0.34
N VAL A 454 -37.07 -25.65 1.28
CA VAL A 454 -38.32 -26.32 0.95
C VAL A 454 -39.47 -25.59 1.66
N ASN A 455 -40.40 -25.05 0.88
CA ASN A 455 -41.61 -24.38 1.37
C ASN A 455 -41.29 -23.11 2.18
N ILE A 456 -40.08 -22.61 2.04
CA ILE A 456 -39.72 -21.27 2.47
C ILE A 456 -38.91 -20.64 1.34
N GLY A 457 -39.12 -19.36 1.12
CA GLY A 457 -38.60 -18.65 -0.03
C GLY A 457 -37.09 -18.48 -0.01
N THR A 458 -36.60 -17.72 -0.99
CA THR A 458 -35.17 -17.63 -1.25
C THR A 458 -34.43 -16.74 -0.27
N SER A 459 -35.12 -15.93 0.51
CA SER A 459 -34.50 -15.21 1.61
C SER A 459 -34.54 -16.00 2.91
N GLY A 460 -34.91 -17.28 2.85
CA GLY A 460 -34.95 -18.11 4.04
C GLY A 460 -33.56 -18.53 4.51
N ALA A 461 -32.98 -17.76 5.42
CA ALA A 461 -31.66 -18.06 5.99
C ALA A 461 -31.59 -17.39 7.34
N GLU A 462 -30.73 -17.94 8.21
CA GLU A 462 -30.60 -17.41 9.56
C GLU A 462 -29.16 -17.54 10.02
N ILE A 463 -28.89 -16.87 11.14
CA ILE A 463 -27.54 -16.76 11.72
C ILE A 463 -26.84 -18.11 11.79
N GLY A 464 -27.55 -19.15 12.24
CA GLY A 464 -26.90 -20.41 12.54
C GLY A 464 -26.39 -21.17 11.31
N GLY A 465 -26.84 -20.83 10.12
CA GLY A 465 -26.43 -21.50 8.91
C GLY A 465 -25.32 -20.76 8.20
N ALA A 466 -24.47 -21.50 7.48
CA ALA A 466 -23.48 -20.85 6.64
C ALA A 466 -24.20 -20.18 5.47
N PHE A 467 -23.83 -18.92 5.21
CA PHE A 467 -24.51 -18.11 4.21
C PHE A 467 -23.58 -17.84 3.03
N GLY A 468 -24.02 -18.16 1.83
CA GLY A 468 -23.21 -17.99 0.65
C GLY A 468 -23.68 -18.92 -0.45
N GLY A 469 -23.02 -18.82 -1.62
CA GLY A 469 -23.47 -19.53 -2.80
C GLY A 469 -22.34 -20.13 -3.62
N GLU A 470 -22.73 -20.78 -4.72
CA GLU A 470 -21.81 -21.46 -5.62
C GLU A 470 -21.76 -20.76 -6.98
N LYS A 471 -21.02 -21.35 -7.90
CA LYS A 471 -20.96 -20.87 -9.29
C LYS A 471 -20.48 -19.42 -9.23
N GLU A 472 -21.08 -18.51 -10.01
CA GLU A 472 -20.62 -17.14 -9.99
C GLU A 472 -20.88 -16.43 -8.66
N THR A 473 -21.64 -17.02 -7.74
CA THR A 473 -21.80 -16.38 -6.44
C THR A 473 -20.51 -16.38 -5.65
N GLY A 474 -19.51 -17.20 -6.02
CA GLY A 474 -18.16 -17.03 -5.55
C GLY A 474 -17.68 -17.99 -4.47
N GLY A 475 -18.56 -18.76 -3.83
CA GLY A 475 -18.13 -19.84 -2.96
C GLY A 475 -17.88 -19.47 -1.52
N GLY A 476 -17.87 -18.19 -1.17
CA GLY A 476 -17.62 -17.82 0.21
C GLY A 476 -18.77 -18.17 1.11
N ARG A 477 -18.48 -18.31 2.41
CA ARG A 477 -19.54 -18.52 3.40
C ARG A 477 -19.34 -17.58 4.57
N GLU A 478 -20.44 -17.04 5.08
CA GLU A 478 -20.43 -16.17 6.24
C GLU A 478 -21.37 -16.70 7.31
N SER A 479 -21.18 -16.20 8.53
CA SER A 479 -22.08 -16.36 9.66
C SER A 479 -21.98 -17.73 10.35
N GLY A 480 -22.88 -18.66 10.02
CA GLY A 480 -23.11 -19.83 10.85
C GLY A 480 -22.24 -21.03 10.51
N SER A 481 -22.60 -22.17 11.11
CA SER A 481 -21.81 -23.39 10.99
C SER A 481 -20.34 -23.11 11.29
N ASP A 482 -19.41 -23.64 10.51
CA ASP A 482 -18.00 -23.36 10.74
C ASP A 482 -17.44 -22.31 9.78
N ALA A 483 -18.28 -21.36 9.35
CA ALA A 483 -17.80 -20.24 8.54
C ALA A 483 -16.67 -19.49 9.22
N TRP A 484 -16.64 -19.49 10.56
CA TRP A 484 -15.61 -18.78 11.32
C TRP A 484 -14.18 -19.21 10.92
N LYS A 485 -14.00 -20.43 10.41
CA LYS A 485 -12.66 -20.89 10.03
C LYS A 485 -12.02 -20.01 8.97
N ALA A 486 -12.84 -19.34 8.15
CA ALA A 486 -12.26 -18.47 7.12
C ALA A 486 -11.60 -17.23 7.71
N TYR A 487 -11.74 -16.97 9.01
CA TYR A 487 -11.07 -15.83 9.64
C TYR A 487 -9.84 -16.26 10.43
N MET A 488 -9.45 -17.52 10.32
CA MET A 488 -8.34 -18.06 11.09
C MET A 488 -7.49 -18.94 10.17
N ARG A 489 -6.30 -19.32 10.65
CA ARG A 489 -5.43 -20.22 9.89
C ARG A 489 -5.28 -21.53 10.64
N ARG A 490 -5.38 -22.64 9.91
CA ARG A 490 -5.24 -23.96 10.51
C ARG A 490 -3.78 -24.34 10.70
N ALA A 491 -3.46 -24.96 11.84
CA ALA A 491 -2.15 -25.57 12.04
C ALA A 491 -2.33 -27.01 12.47
N THR A 492 -1.53 -27.90 11.88
CA THR A 492 -1.46 -29.31 12.28
C THR A 492 -0.19 -29.47 13.12
N ASN A 493 -0.36 -29.94 14.36
CA ASN A 493 0.74 -30.02 15.31
C ASN A 493 0.99 -31.47 15.65
N THR A 494 2.22 -31.93 15.44
CA THR A 494 2.65 -33.23 15.94
C THR A 494 3.71 -33.02 17.00
N ILE A 495 3.53 -33.65 18.15
CA ILE A 495 4.36 -33.46 19.33
C ILE A 495 4.99 -34.80 19.68
N ASN A 496 6.32 -34.87 19.62
CA ASN A 496 7.08 -36.07 19.99
C ASN A 496 7.54 -35.90 21.44
N TYR A 497 6.99 -36.71 22.34
CA TYR A 497 7.45 -36.70 23.73
C TYR A 497 8.19 -37.98 24.08
N SER A 498 8.56 -38.77 23.08
CA SER A 498 9.34 -39.97 23.29
C SER A 498 10.82 -39.65 23.36
N ARG A 499 11.57 -40.48 24.07
CA ARG A 499 13.01 -40.35 24.14
C ARG A 499 13.74 -41.23 23.12
N GLN A 500 12.99 -41.94 22.27
CA GLN A 500 13.58 -42.90 21.35
C GLN A 500 14.21 -42.19 20.15
N LEU A 501 15.43 -42.61 19.80
CA LEU A 501 16.20 -42.11 18.67
C LEU A 501 15.81 -42.84 17.39
N PRO A 502 15.77 -42.13 16.27
CA PRO A 502 15.56 -42.80 14.98
C PRO A 502 16.73 -43.70 14.66
N LEU A 503 16.47 -44.69 13.81
CA LEU A 503 17.53 -45.62 13.42
C LEU A 503 18.63 -44.86 12.67
N ALA A 504 19.86 -45.31 12.86
CA ALA A 504 21.00 -44.58 12.31
C ALA A 504 21.05 -44.70 10.79
N GLN A 505 20.50 -45.77 10.21
CA GLN A 505 20.58 -46.02 8.76
C GLN A 505 22.04 -45.95 8.28
N GLY A 506 22.95 -46.47 9.10
CA GLY A 506 24.36 -46.47 8.74
C GLY A 506 25.05 -45.13 8.74
N VAL A 507 24.33 -44.06 9.08
CA VAL A 507 24.93 -42.75 9.25
C VAL A 507 25.66 -42.70 10.59
N LYS A 508 26.79 -41.99 10.63
CA LYS A 508 27.62 -41.92 11.83
C LYS A 508 27.11 -40.81 12.74
N PHE A 509 26.37 -41.19 13.79
CA PHE A 509 25.86 -40.25 14.76
C PHE A 509 26.57 -40.33 16.10
N ASP A 510 27.47 -41.29 16.28
CA ASP A 510 28.11 -41.46 17.56
C ASP A 510 29.03 -40.29 17.89
N VAL A 511 29.14 -39.98 19.18
CA VAL A 511 30.02 -38.91 19.60
C VAL A 511 31.42 -39.48 19.73
N MET B 9 18.91 -35.28 -51.91
CA MET B 9 19.84 -35.43 -50.80
C MET B 9 19.12 -35.72 -49.48
N GLN B 10 19.66 -36.67 -48.72
CA GLN B 10 19.07 -37.09 -47.46
C GLN B 10 19.29 -36.04 -46.37
N PHE B 11 18.66 -36.29 -45.23
CA PHE B 11 18.71 -35.35 -44.12
C PHE B 11 20.14 -35.06 -43.69
N ASN B 12 20.96 -36.10 -43.57
CA ASN B 12 22.34 -35.92 -43.13
C ASN B 12 23.17 -35.18 -44.18
N ASP B 13 22.86 -35.35 -45.47
CA ASP B 13 23.52 -34.54 -46.50
C ASP B 13 23.17 -33.07 -46.33
N ILE B 14 21.91 -32.76 -46.00
CA ILE B 14 21.53 -31.36 -45.80
C ILE B 14 22.33 -30.74 -44.66
N LEU B 15 22.41 -31.44 -43.54
CA LEU B 15 23.17 -30.93 -42.39
C LEU B 15 24.64 -30.68 -42.76
N ALA B 16 25.24 -31.61 -43.48
CA ALA B 16 26.65 -31.45 -43.85
C ALA B 16 26.86 -30.27 -44.78
N ALA B 17 25.97 -30.10 -45.77
CA ALA B 17 26.10 -28.96 -46.66
C ALA B 17 25.90 -27.65 -45.92
N LEU B 18 25.05 -27.65 -44.90
CA LEU B 18 24.88 -26.47 -44.08
C LEU B 18 25.96 -26.33 -43.01
N ASP B 19 26.86 -27.32 -42.91
CA ASP B 19 27.91 -27.32 -41.89
C ASP B 19 27.32 -27.27 -40.47
N ILE B 20 26.25 -28.01 -40.27
CA ILE B 20 25.64 -28.18 -38.95
C ILE B 20 26.20 -29.48 -38.38
N ASP B 21 26.83 -29.39 -37.22
CA ASP B 21 27.28 -30.58 -36.49
C ASP B 21 26.22 -30.88 -35.44
N LEU B 22 25.35 -31.83 -35.75
CA LEU B 22 24.21 -32.12 -34.87
C LEU B 22 24.64 -32.58 -33.49
N ALA B 23 25.85 -33.14 -33.36
CA ALA B 23 26.34 -33.57 -32.05
C ALA B 23 26.34 -32.43 -31.05
N GLN B 24 26.52 -31.19 -31.51
CA GLN B 24 26.53 -30.04 -30.62
C GLN B 24 25.14 -29.60 -30.18
N TRP B 25 24.09 -30.15 -30.77
CA TRP B 25 22.73 -29.78 -30.43
C TRP B 25 21.89 -30.93 -29.89
N LYS B 26 22.38 -32.17 -29.98
CA LYS B 26 21.61 -33.36 -29.62
C LYS B 26 21.30 -33.36 -28.13
N GLY B 27 20.24 -34.05 -27.77
CA GLY B 27 19.88 -34.22 -26.39
C GLY B 27 18.73 -35.20 -26.28
N ASN B 28 18.00 -35.15 -25.16
CA ASN B 28 16.83 -36.00 -25.02
C ASN B 28 15.64 -35.22 -24.48
N ALA B 29 15.48 -33.96 -24.90
CA ALA B 29 14.41 -33.10 -24.43
C ALA B 29 13.35 -32.80 -25.47
N LEU B 30 13.77 -32.45 -26.68
CA LEU B 30 12.87 -31.92 -27.70
C LEU B 30 13.00 -32.77 -28.96
N THR B 31 11.90 -33.38 -29.40
CA THR B 31 11.93 -34.22 -30.59
C THR B 31 11.62 -33.36 -31.82
N ALA B 32 12.52 -33.34 -32.77
CA ALA B 32 12.32 -32.62 -34.03
C ALA B 32 11.76 -33.60 -35.04
N ARG B 33 10.49 -33.44 -35.40
CA ARG B 33 9.80 -34.39 -36.26
C ARG B 33 9.52 -33.75 -37.63
N SER B 34 9.45 -34.60 -38.67
CA SER B 34 9.05 -34.17 -40.01
C SER B 34 7.58 -34.43 -40.29
N PRO B 35 6.81 -33.43 -40.72
CA PRO B 35 5.40 -33.68 -41.10
C PRO B 35 5.23 -34.56 -42.34
N LEU B 36 6.28 -34.78 -43.13
CA LEU B 36 6.15 -35.60 -44.34
C LEU B 36 5.72 -37.02 -43.98
N ASP B 37 6.32 -37.59 -42.94
CA ASP B 37 5.99 -38.95 -42.51
C ASP B 37 5.80 -39.06 -41.01
N GLY B 38 5.87 -37.96 -40.25
CA GLY B 38 5.75 -38.05 -38.81
C GLY B 38 7.00 -38.56 -38.11
N ALA B 39 8.05 -38.88 -38.85
CA ALA B 39 9.24 -39.48 -38.29
C ALA B 39 10.10 -38.46 -37.55
N THR B 40 10.83 -38.95 -36.55
CA THR B 40 11.80 -38.15 -35.83
C THR B 40 13.01 -37.84 -36.72
N LEU B 41 13.29 -36.56 -36.90
CA LEU B 41 14.52 -36.17 -37.59
C LEU B 41 15.72 -36.21 -36.65
N ALA B 42 15.53 -35.74 -35.42
CA ALA B 42 16.58 -35.69 -34.40
C ALA B 42 15.94 -35.38 -33.06
N THR B 43 16.67 -35.66 -31.98
CA THR B 43 16.24 -35.29 -30.64
C THR B 43 17.29 -34.37 -30.02
N LEU B 44 16.82 -33.25 -29.46
CA LEU B 44 17.65 -32.10 -29.17
C LEU B 44 17.63 -31.75 -27.68
N ALA B 45 18.71 -31.09 -27.23
CA ALA B 45 18.72 -30.41 -25.94
C ALA B 45 17.92 -29.10 -26.03
N VAL B 46 17.46 -28.62 -24.87
CA VAL B 46 16.73 -27.37 -24.79
C VAL B 46 17.40 -26.48 -23.75
N ASP B 47 17.14 -25.19 -23.84
CA ASP B 47 17.59 -24.24 -22.83
C ASP B 47 16.73 -24.35 -21.57
N THR B 48 17.37 -24.24 -20.42
CA THR B 48 16.65 -24.02 -19.18
C THR B 48 16.27 -22.54 -19.09
N PRO B 49 15.32 -22.18 -18.21
CA PRO B 49 15.08 -20.75 -17.95
C PRO B 49 16.35 -19.98 -17.60
N ALA B 50 17.25 -20.54 -16.79
CA ALA B 50 18.50 -19.85 -16.49
C ALA B 50 19.37 -19.71 -17.74
N ASP B 51 19.43 -20.73 -18.61
CA ASP B 51 20.17 -20.60 -19.87
C ASP B 51 19.65 -19.42 -20.68
N ALA B 52 18.32 -19.32 -20.81
CA ALA B 52 17.72 -18.25 -21.60
C ALA B 52 18.05 -16.89 -21.03
N GLU B 53 17.96 -16.74 -19.72
CA GLU B 53 18.34 -15.47 -19.09
C GLU B 53 19.80 -15.16 -19.37
N ARG B 54 20.68 -16.16 -19.27
CA ARG B 54 22.10 -15.91 -19.57
C ARG B 54 22.27 -15.43 -21.01
N LYS B 55 21.56 -16.05 -21.97
CA LYS B 55 21.67 -15.58 -23.35
C LYS B 55 21.11 -14.16 -23.54
N ILE B 56 20.06 -13.82 -22.80
CA ILE B 56 19.54 -12.45 -22.88
C ILE B 56 20.55 -11.46 -22.32
N ASP B 57 21.20 -11.79 -21.19
CA ASP B 57 22.26 -10.92 -20.69
C ASP B 57 23.37 -10.74 -21.72
N ALA B 58 23.77 -11.83 -22.37
CA ALA B 58 24.84 -11.72 -23.37
C ALA B 58 24.38 -10.89 -24.56
N ALA B 59 23.12 -11.04 -24.96
CA ALA B 59 22.62 -10.20 -26.05
C ALA B 59 22.58 -8.73 -25.64
N HIS B 60 22.31 -8.44 -24.37
CA HIS B 60 22.28 -7.05 -23.95
C HIS B 60 23.68 -6.44 -23.98
N ASP B 61 24.69 -7.18 -23.51
CA ASP B 61 26.06 -6.72 -23.64
C ASP B 61 26.44 -6.52 -25.11
N ALA B 62 26.01 -7.42 -25.99
CA ALA B 62 26.27 -7.25 -27.42
C ALA B 62 25.63 -5.95 -27.93
N PHE B 63 24.38 -5.70 -27.55
CA PHE B 63 23.70 -4.48 -27.95
C PHE B 63 24.49 -3.23 -27.54
N LEU B 64 25.02 -3.22 -26.31
CA LEU B 64 25.75 -2.04 -25.85
C LEU B 64 26.95 -1.75 -26.74
N LYS B 65 27.54 -2.79 -27.32
CA LYS B 65 28.61 -2.58 -28.30
C LYS B 65 28.06 -2.23 -29.69
N TRP B 66 27.07 -3.00 -30.16
CA TRP B 66 26.61 -2.87 -31.54
C TRP B 66 25.96 -1.51 -31.81
N ARG B 67 25.32 -0.93 -30.79
CA ARG B 67 24.56 0.31 -30.97
C ARG B 67 25.43 1.51 -31.34
N THR B 68 26.74 1.43 -31.14
CA THR B 68 27.61 2.52 -31.57
C THR B 68 28.35 2.21 -32.86
N VAL B 69 28.17 1.03 -33.43
CA VAL B 69 28.74 0.76 -34.76
C VAL B 69 27.92 1.52 -35.80
N PRO B 70 28.54 2.31 -36.69
CA PRO B 70 27.77 3.04 -37.70
C PRO B 70 26.82 2.11 -38.44
N ALA B 71 25.58 2.58 -38.64
CA ALA B 71 24.60 1.73 -39.31
C ALA B 71 25.08 1.21 -40.66
N PRO B 72 25.76 1.99 -41.52
CA PRO B 72 26.24 1.41 -42.78
C PRO B 72 27.23 0.28 -42.58
N VAL B 73 28.00 0.31 -41.50
CA VAL B 73 28.89 -0.81 -41.18
C VAL B 73 28.08 -2.01 -40.70
N ARG B 74 27.06 -1.77 -39.87
CA ARG B 74 26.15 -2.84 -39.47
C ARG B 74 25.48 -3.46 -40.69
N GLY B 75 25.15 -2.63 -41.69
CA GLY B 75 24.53 -3.16 -42.89
C GLY B 75 25.45 -4.08 -43.68
N GLU B 76 26.76 -3.87 -43.57
CA GLU B 76 27.69 -4.73 -44.29
C GLU B 76 27.66 -6.15 -43.73
N LEU B 77 27.49 -6.30 -42.42
CA LEU B 77 27.29 -7.64 -41.86
C LEU B 77 26.07 -8.29 -42.48
N VAL B 78 24.97 -7.54 -42.60
CA VAL B 78 23.74 -8.08 -43.19
C VAL B 78 23.92 -8.41 -44.66
N ARG B 79 24.68 -7.59 -45.39
CA ARG B 79 24.98 -7.91 -46.78
C ARG B 79 25.73 -9.24 -46.90
N VAL B 80 26.76 -9.42 -46.07
CA VAL B 80 27.50 -10.68 -46.07
C VAL B 80 26.57 -11.84 -45.74
N PHE B 81 25.66 -11.65 -44.78
CA PHE B 81 24.71 -12.70 -44.44
C PHE B 81 23.85 -13.06 -45.65
N GLY B 82 23.35 -12.04 -46.38
CA GLY B 82 22.64 -12.31 -47.60
C GLY B 82 23.41 -13.20 -48.55
N ASN B 83 24.73 -12.96 -48.68
CA ASN B 83 25.54 -13.80 -49.55
C ASN B 83 25.70 -15.22 -48.98
N VAL B 84 25.84 -15.36 -47.66
CA VAL B 84 25.88 -16.70 -47.08
C VAL B 84 24.57 -17.44 -47.39
N LEU B 85 23.45 -16.74 -47.24
CA LEU B 85 22.17 -17.36 -47.57
C LEU B 85 22.11 -17.77 -49.05
N ARG B 86 22.63 -16.91 -49.93
CA ARG B 86 22.67 -17.27 -51.34
C ARG B 86 23.44 -18.56 -51.57
N GLU B 87 24.60 -18.74 -50.94
CA GLU B 87 25.43 -19.91 -51.17
CA GLU B 87 25.37 -19.92 -51.25
C GLU B 87 24.81 -21.19 -50.64
N HIS B 88 23.87 -21.09 -49.69
CA HIS B 88 23.27 -22.28 -49.08
C HIS B 88 21.77 -22.39 -49.35
N LYS B 89 21.27 -21.67 -50.36
CA LYS B 89 19.82 -21.54 -50.56
C LYS B 89 19.15 -22.89 -50.77
N ALA B 90 19.72 -23.74 -51.64
CA ALA B 90 19.08 -25.01 -51.96
C ALA B 90 18.95 -25.90 -50.72
N GLU B 91 20.03 -26.03 -49.95
CA GLU B 91 20.01 -26.91 -48.80
C GLU B 91 19.12 -26.36 -47.70
N LEU B 92 19.16 -25.04 -47.47
CA LEU B 92 18.29 -24.48 -46.46
C LEU B 92 16.82 -24.62 -46.87
N GLY B 93 16.53 -24.37 -48.15
CA GLY B 93 15.17 -24.57 -48.65
C GLY B 93 14.69 -26.00 -48.45
N ARG B 94 15.57 -26.98 -48.71
CA ARG B 94 15.19 -28.36 -48.53
C ARG B 94 14.89 -28.66 -47.06
N LEU B 95 15.66 -28.07 -46.15
CA LEU B 95 15.39 -28.27 -44.73
C LEU B 95 14.04 -27.66 -44.32
N VAL B 96 13.68 -26.51 -44.89
CA VAL B 96 12.35 -25.96 -44.66
C VAL B 96 11.26 -26.93 -45.13
N THR B 97 11.46 -27.53 -46.30
CA THR B 97 10.52 -28.53 -46.77
C THR B 97 10.41 -29.68 -45.76
N LEU B 98 11.54 -30.19 -45.26
CA LEU B 98 11.48 -31.35 -44.37
C LEU B 98 10.77 -31.02 -43.06
N GLU B 99 10.93 -29.80 -42.56
CA GLU B 99 10.44 -29.47 -41.23
C GLU B 99 9.08 -28.79 -41.24
N ALA B 100 8.80 -27.93 -42.22
CA ALA B 100 7.50 -27.29 -42.35
C ALA B 100 6.57 -28.00 -43.34
N GLY B 101 7.10 -28.91 -44.16
CA GLY B 101 6.26 -29.66 -45.08
C GLY B 101 5.87 -28.94 -46.35
N LYS B 102 6.44 -27.77 -46.63
CA LYS B 102 6.03 -27.06 -47.84
C LYS B 102 6.81 -27.58 -49.04
N ILE B 103 6.23 -27.43 -50.23
CA ILE B 103 6.85 -27.99 -51.43
C ILE B 103 8.19 -27.32 -51.70
N THR B 104 9.03 -28.02 -52.47
CA THR B 104 10.41 -27.58 -52.67
C THR B 104 10.52 -26.14 -53.15
N SER B 105 9.68 -25.74 -54.11
CA SER B 105 9.78 -24.37 -54.61
C SER B 105 9.37 -23.33 -53.57
N GLU B 106 8.46 -23.68 -52.64
CA GLU B 106 8.15 -22.72 -51.59
C GLU B 106 9.24 -22.67 -50.54
N GLY B 107 9.92 -23.80 -50.30
CA GLY B 107 11.12 -23.78 -49.46
C GLY B 107 12.16 -22.82 -50.00
N LEU B 108 12.49 -22.95 -51.30
CA LEU B 108 13.41 -22.02 -51.94
C LEU B 108 12.91 -20.59 -51.84
N GLY B 109 11.63 -20.38 -52.16
CA GLY B 109 11.07 -19.04 -52.11
C GLY B 109 11.16 -18.40 -50.73
N GLU B 110 11.00 -19.21 -49.67
CA GLU B 110 11.09 -18.64 -48.32
C GLU B 110 12.52 -18.19 -48.03
N VAL B 111 13.52 -18.98 -48.47
CA VAL B 111 14.90 -18.54 -48.30
C VAL B 111 15.15 -17.26 -49.11
N GLN B 112 14.58 -17.17 -50.32
CA GLN B 112 14.80 -15.96 -51.13
C GLN B 112 14.21 -14.73 -50.45
N GLU B 113 13.13 -14.89 -49.69
CA GLU B 113 12.63 -13.76 -48.90
C GLU B 113 13.69 -13.30 -47.91
N MET B 114 14.38 -14.24 -47.26
CA MET B 114 15.48 -13.86 -46.36
C MET B 114 16.51 -13.06 -47.10
N ILE B 115 16.90 -13.54 -48.29
CA ILE B 115 17.93 -12.86 -49.08
C ILE B 115 17.46 -11.47 -49.48
N ASP B 116 16.21 -11.36 -49.93
CA ASP B 116 15.69 -10.08 -50.38
C ASP B 116 15.63 -9.05 -49.24
N ILE B 117 15.25 -9.48 -48.04
CA ILE B 117 15.19 -8.49 -46.95
C ILE B 117 16.59 -8.05 -46.54
N CYS B 118 17.59 -8.93 -46.66
CA CYS B 118 18.96 -8.51 -46.39
C CYS B 118 19.36 -7.34 -47.29
N ASP B 119 19.13 -7.46 -48.59
CA ASP B 119 19.50 -6.38 -49.51
C ASP B 119 18.68 -5.12 -49.22
N PHE B 120 17.41 -5.28 -48.85
CA PHE B 120 16.61 -4.12 -48.51
C PHE B 120 17.18 -3.45 -47.27
N ALA B 121 17.55 -4.23 -46.26
CA ALA B 121 18.12 -3.67 -45.03
C ALA B 121 19.47 -3.02 -45.27
N VAL B 122 20.27 -3.55 -46.21
CA VAL B 122 21.50 -2.86 -46.61
C VAL B 122 21.18 -1.45 -47.10
N GLY B 123 20.13 -1.30 -47.91
CA GLY B 123 19.71 0.04 -48.32
C GLY B 123 19.33 0.91 -47.13
N LEU B 124 18.50 0.36 -46.21
CA LEU B 124 18.07 1.10 -45.03
C LEU B 124 19.23 1.53 -44.17
N SER B 125 20.33 0.76 -44.16
CA SER B 125 21.45 1.05 -43.28
C SER B 125 22.13 2.37 -43.63
N ARG B 126 21.89 2.91 -44.82
CA ARG B 126 22.34 4.25 -45.15
C ARG B 126 21.22 5.27 -45.05
N GLN B 127 20.12 4.90 -44.39
CA GLN B 127 18.97 5.79 -44.25
C GLN B 127 18.61 5.95 -42.79
N LEU B 128 17.67 5.14 -42.29
CA LEU B 128 17.17 5.23 -40.92
C LEU B 128 16.79 6.67 -40.61
N TYR B 129 15.92 7.22 -41.46
CA TYR B 129 15.69 8.66 -41.51
C TYR B 129 14.84 9.15 -40.36
N GLY B 130 15.34 10.13 -39.63
CA GLY B 130 14.49 11.03 -38.88
C GLY B 130 14.28 12.31 -39.66
N LEU B 131 14.11 13.43 -38.94
CA LEU B 131 13.74 14.71 -39.54
C LEU B 131 14.55 15.83 -38.92
N THR B 132 14.87 16.84 -39.73
CA THR B 132 15.19 18.15 -39.21
C THR B 132 13.94 19.01 -39.39
N ILE B 133 13.61 19.80 -38.37
CA ILE B 133 12.28 20.40 -38.21
C ILE B 133 12.46 21.86 -37.82
N ALA B 134 11.68 22.75 -38.46
CA ALA B 134 11.69 24.15 -38.07
C ALA B 134 11.34 24.29 -36.59
N SER B 135 11.99 25.24 -35.92
CA SER B 135 11.71 25.55 -34.52
C SER B 135 11.08 26.92 -34.39
N GLU B 136 10.13 27.03 -33.46
CA GLU B 136 9.55 28.34 -33.17
C GLU B 136 10.50 29.24 -32.37
N ARG B 137 11.63 28.68 -31.84
CA ARG B 137 12.46 29.48 -30.92
C ARG B 137 13.66 30.09 -31.64
N PRO B 138 13.89 31.40 -31.52
CA PRO B 138 15.07 31.98 -32.17
C PRO B 138 16.36 31.39 -31.60
N GLY B 139 17.35 31.23 -32.48
CA GLY B 139 18.61 30.67 -32.07
C GLY B 139 18.54 29.26 -31.51
N HIS B 140 17.50 28.51 -31.88
CA HIS B 140 17.37 27.10 -31.57
C HIS B 140 17.24 26.30 -32.85
N ARG B 141 17.64 25.03 -32.80
CA ARG B 141 17.45 24.07 -33.89
C ARG B 141 16.75 22.84 -33.31
N MET B 142 15.90 22.21 -34.10
CA MET B 142 15.17 21.05 -33.65
C MET B 142 15.29 19.94 -34.67
N MET B 143 15.38 18.71 -34.19
CA MET B 143 15.46 17.55 -35.07
C MET B 143 14.86 16.36 -34.36
N GLU B 144 14.65 15.30 -35.13
CA GLU B 144 14.16 14.02 -34.65
C GLU B 144 15.17 12.98 -35.08
N THR B 145 15.73 12.26 -34.11
CA THR B 145 16.71 11.22 -34.38
C THR B 145 16.18 9.87 -33.91
N TRP B 146 16.74 8.81 -34.48
CA TRP B 146 16.33 7.46 -34.17
C TRP B 146 17.53 6.69 -33.62
N HIS B 147 17.30 5.86 -32.59
CA HIS B 147 18.40 5.20 -31.91
C HIS B 147 18.12 3.73 -31.66
N PRO B 148 19.14 2.88 -31.75
CA PRO B 148 18.97 1.47 -31.39
C PRO B 148 18.30 1.35 -30.03
N ILE B 149 17.34 0.43 -29.92
CA ILE B 149 16.50 0.36 -28.74
C ILE B 149 17.01 -0.66 -27.72
N GLY B 150 17.53 -1.79 -28.17
CA GLY B 150 18.03 -2.78 -27.22
C GLY B 150 17.91 -4.18 -27.80
N VAL B 151 17.82 -5.18 -26.92
CA VAL B 151 17.62 -6.55 -27.38
C VAL B 151 16.25 -6.68 -28.03
N CYS B 152 16.21 -7.24 -29.25
CA CYS B 152 14.94 -7.48 -29.92
C CYS B 152 14.61 -8.96 -29.77
N GLY B 153 13.54 -9.27 -29.03
CA GLY B 153 13.08 -10.66 -28.94
C GLY B 153 12.27 -11.03 -30.16
N VAL B 154 12.46 -12.25 -30.65
CA VAL B 154 11.74 -12.74 -31.82
C VAL B 154 11.10 -14.08 -31.50
N ILE B 155 9.76 -14.13 -31.56
CA ILE B 155 9.00 -15.36 -31.38
C ILE B 155 8.31 -15.67 -32.70
N SER B 156 8.58 -16.85 -33.25
CA SER B 156 8.13 -17.16 -34.60
C SER B 156 7.28 -18.43 -34.61
N ALA B 157 6.52 -18.57 -35.69
CA ALA B 157 5.57 -19.67 -35.87
C ALA B 157 6.22 -20.78 -36.67
N PHE B 158 5.50 -21.90 -36.77
CA PHE B 158 6.08 -23.05 -37.44
C PHE B 158 6.08 -22.88 -38.96
N ASN B 159 5.14 -22.11 -39.52
CA ASN B 159 4.86 -22.25 -40.94
C ASN B 159 5.78 -21.42 -41.83
N PHE B 160 6.42 -20.37 -41.30
CA PHE B 160 7.48 -19.67 -42.01
C PHE B 160 8.70 -19.68 -41.11
N PRO B 161 9.33 -20.86 -40.97
CA PRO B 161 10.31 -21.05 -39.90
C PRO B 161 11.60 -20.28 -40.12
N VAL B 162 11.81 -19.67 -41.30
CA VAL B 162 13.06 -18.94 -41.50
C VAL B 162 12.86 -17.48 -41.94
N ALA B 163 11.82 -17.19 -42.73
CA ALA B 163 11.72 -15.82 -43.23
C ALA B 163 11.20 -14.85 -42.16
N VAL B 164 10.34 -15.30 -41.26
CA VAL B 164 9.87 -14.42 -40.20
C VAL B 164 11.05 -13.91 -39.37
N TRP B 165 11.93 -14.82 -38.95
CA TRP B 165 13.11 -14.38 -38.23
C TRP B 165 13.98 -13.45 -39.08
N ALA B 166 14.21 -13.79 -40.36
CA ALA B 166 15.07 -12.94 -41.19
C ALA B 166 14.52 -11.53 -41.33
N TRP B 167 13.20 -11.40 -41.57
CA TRP B 167 12.57 -10.08 -41.65
C TRP B 167 12.86 -9.26 -40.40
N ASN B 168 12.79 -9.91 -39.22
CA ASN B 168 13.03 -9.19 -37.98
C ASN B 168 14.52 -8.98 -37.74
N ALA B 169 15.34 -10.01 -37.97
CA ALA B 169 16.76 -9.90 -37.65
C ALA B 169 17.49 -8.93 -38.58
N ALA B 170 17.17 -8.95 -39.88
CA ALA B 170 17.86 -8.04 -40.79
C ALA B 170 17.64 -6.59 -40.38
N LEU B 171 16.38 -6.23 -40.09
CA LEU B 171 16.08 -4.87 -39.67
C LEU B 171 16.69 -4.57 -38.32
N ALA B 172 16.56 -5.50 -37.36
CA ALA B 172 17.07 -5.26 -36.02
C ALA B 172 18.59 -5.05 -36.03
N PHE B 173 19.31 -5.91 -36.75
CA PHE B 173 20.77 -5.79 -36.82
C PHE B 173 21.17 -4.45 -37.43
N VAL B 174 20.53 -4.06 -38.53
CA VAL B 174 20.85 -2.79 -39.16
C VAL B 174 20.50 -1.62 -38.24
N CYS B 175 19.46 -1.78 -37.43
CA CYS B 175 19.03 -0.75 -36.50
C CYS B 175 19.84 -0.71 -35.20
N GLY B 176 20.91 -1.51 -35.11
CA GLY B 176 21.76 -1.47 -33.93
C GLY B 176 21.31 -2.33 -32.77
N ASP B 177 20.36 -3.23 -32.99
CA ASP B 177 19.82 -4.11 -31.96
C ASP B 177 20.49 -5.47 -32.02
N SER B 178 20.57 -6.13 -30.87
CA SER B 178 20.83 -7.56 -30.86
C SER B 178 19.49 -8.30 -30.96
N VAL B 179 19.54 -9.62 -31.17
CA VAL B 179 18.33 -10.41 -31.38
C VAL B 179 18.40 -11.68 -30.53
N VAL B 180 17.32 -11.97 -29.79
CA VAL B 180 17.16 -13.25 -29.10
C VAL B 180 15.96 -13.94 -29.72
N TRP B 181 16.18 -15.10 -30.33
CA TRP B 181 15.17 -15.80 -31.12
C TRP B 181 14.70 -17.05 -30.40
N LYS B 182 13.37 -17.16 -30.20
CA LYS B 182 12.76 -18.39 -29.72
C LYS B 182 11.87 -18.94 -30.83
N PRO B 183 12.37 -19.84 -31.68
CA PRO B 183 11.52 -20.38 -32.74
C PRO B 183 10.46 -21.30 -32.17
N SER B 184 9.49 -21.60 -33.03
CA SER B 184 8.49 -22.62 -32.71
C SER B 184 9.18 -23.92 -32.34
N GLU B 185 8.72 -24.54 -31.25
CA GLU B 185 9.21 -25.84 -30.87
C GLU B 185 8.96 -26.89 -31.95
N LYS B 186 8.10 -26.61 -32.92
CA LYS B 186 7.87 -27.55 -34.01
C LYS B 186 8.94 -27.48 -35.09
N THR B 187 9.73 -26.39 -35.15
CA THR B 187 10.69 -26.21 -36.23
C THR B 187 12.04 -25.72 -35.70
N PRO B 188 12.70 -26.50 -34.80
CA PRO B 188 14.00 -26.06 -34.27
C PRO B 188 15.16 -26.23 -35.25
N LEU B 189 15.10 -27.23 -36.13
CA LEU B 189 16.26 -27.51 -36.98
C LEU B 189 16.51 -26.40 -37.99
N THR B 190 15.45 -25.85 -38.60
CA THR B 190 15.62 -24.71 -39.49
C THR B 190 16.23 -23.52 -38.76
N ALA B 191 15.89 -23.37 -37.46
CA ALA B 191 16.43 -22.27 -36.68
C ALA B 191 17.91 -22.49 -36.36
N ILE B 192 18.28 -23.71 -35.98
CA ILE B 192 19.69 -24.04 -35.82
C ILE B 192 20.45 -23.68 -37.10
N ALA B 193 19.89 -24.04 -38.25
CA ALA B 193 20.56 -23.77 -39.53
C ALA B 193 20.75 -22.27 -39.76
N CYS B 194 19.71 -21.48 -39.55
CA CYS B 194 19.84 -20.02 -39.65
C CYS B 194 20.91 -19.50 -38.72
N HIS B 195 20.96 -20.01 -37.50
CA HIS B 195 21.93 -19.54 -36.52
C HIS B 195 23.34 -19.90 -36.95
N VAL B 196 23.54 -21.12 -37.46
CA VAL B 196 24.85 -21.53 -37.95
C VAL B 196 25.28 -20.65 -39.13
N LEU B 197 24.35 -20.36 -40.05
CA LEU B 197 24.73 -19.51 -41.19
C LEU B 197 25.02 -18.09 -40.74
N LEU B 198 24.33 -17.60 -39.71
CA LEU B 198 24.67 -16.29 -39.15
C LEU B 198 26.09 -16.29 -38.59
N GLN B 199 26.48 -17.36 -37.89
CA GLN B 199 27.85 -17.45 -37.38
C GLN B 199 28.87 -17.39 -38.52
N LYS B 200 28.55 -18.02 -39.65
CA LYS B 200 29.45 -17.94 -40.80
C LYS B 200 29.58 -16.49 -41.27
N ALA B 201 28.46 -15.77 -41.33
CA ALA B 201 28.50 -14.36 -41.70
C ALA B 201 29.34 -13.55 -40.74
N LEU B 202 29.15 -13.77 -39.44
CA LEU B 202 29.93 -13.03 -38.45
C LEU B 202 31.42 -13.32 -38.57
N ARG B 203 31.78 -14.60 -38.79
CA ARG B 203 33.19 -14.95 -38.94
C ARG B 203 33.79 -14.32 -40.20
N GLU B 204 33.04 -14.31 -41.30
CA GLU B 204 33.51 -13.62 -42.50
C GLU B 204 33.62 -12.11 -42.27
N PHE B 205 32.63 -11.53 -41.59
CA PHE B 205 32.67 -10.10 -41.28
C PHE B 205 33.84 -9.76 -40.37
N GLU B 206 34.16 -10.65 -39.44
CA GLU B 206 35.29 -10.42 -38.53
C GLU B 206 36.60 -10.30 -39.30
N LYS B 207 36.74 -10.99 -40.43
CA LYS B 207 37.97 -10.92 -41.22
C LYS B 207 38.26 -9.50 -41.68
N THR B 208 37.26 -8.82 -42.24
CA THR B 208 37.40 -7.47 -42.79
C THR B 208 37.13 -6.36 -41.77
N HIS B 209 36.46 -6.68 -40.66
CA HIS B 209 36.08 -5.71 -39.65
C HIS B 209 36.46 -6.23 -38.27
N PRO B 210 37.76 -6.30 -37.97
CA PRO B 210 38.20 -6.91 -36.72
C PRO B 210 37.60 -6.18 -35.52
N GLY B 211 37.01 -6.94 -34.60
CA GLY B 211 36.51 -6.41 -33.36
C GLY B 211 35.20 -5.64 -33.45
N VAL B 212 34.59 -5.58 -34.63
CA VAL B 212 33.44 -4.71 -34.79
C VAL B 212 32.16 -5.39 -34.32
N ALA B 213 31.88 -6.63 -34.81
CA ALA B 213 30.60 -7.20 -34.41
C ALA B 213 30.77 -8.05 -33.15
N PRO B 214 29.93 -7.90 -32.13
CA PRO B 214 30.05 -8.79 -30.97
C PRO B 214 29.59 -10.19 -31.34
N ALA B 215 30.33 -11.18 -30.85
CA ALA B 215 30.03 -12.58 -31.16
C ALA B 215 28.61 -12.98 -30.75
N GLU B 216 28.07 -12.33 -29.71
CA GLU B 216 26.77 -12.69 -29.14
C GLU B 216 25.61 -11.89 -29.75
N LEU B 217 25.79 -11.33 -30.95
CA LEU B 217 24.78 -10.45 -31.54
C LEU B 217 23.44 -11.16 -31.72
N GLY B 218 23.46 -12.40 -32.19
CA GLY B 218 22.25 -13.19 -32.36
C GLY B 218 22.28 -14.37 -31.40
N GLN B 219 21.15 -14.59 -30.72
CA GLN B 219 21.03 -15.71 -29.80
C GLN B 219 19.87 -16.61 -30.24
N LEU B 220 20.03 -17.90 -30.01
CA LEU B 220 19.02 -18.89 -30.32
C LEU B 220 18.61 -19.59 -29.03
N VAL B 221 17.33 -19.50 -28.68
CA VAL B 221 16.77 -20.13 -27.49
C VAL B 221 15.81 -21.22 -27.94
N LEU B 222 16.14 -22.47 -27.64
CA LEU B 222 15.32 -23.61 -28.04
C LEU B 222 14.62 -24.16 -26.81
N GLY B 223 13.32 -24.37 -26.89
CA GLY B 223 12.62 -24.98 -25.78
C GLY B 223 11.14 -24.66 -25.79
N MET B 224 10.50 -24.93 -24.65
CA MET B 224 9.06 -24.92 -24.51
C MET B 224 8.57 -23.59 -23.95
N ARG B 225 7.35 -23.57 -23.42
CA ARG B 225 6.77 -22.32 -22.96
C ARG B 225 7.63 -21.64 -21.91
N ASP B 226 8.34 -22.42 -21.08
CA ASP B 226 9.06 -21.81 -19.99
C ASP B 226 10.11 -20.81 -20.48
N VAL B 227 10.78 -21.11 -21.60
CA VAL B 227 11.78 -20.16 -22.09
C VAL B 227 11.14 -19.06 -22.93
N GLY B 228 10.02 -19.32 -23.58
CA GLY B 228 9.31 -18.20 -24.21
C GLY B 228 8.89 -17.16 -23.19
N GLU B 229 8.52 -17.62 -21.99
CA GLU B 229 8.06 -16.69 -20.94
C GLU B 229 9.22 -15.93 -20.32
N VAL B 230 10.40 -16.54 -20.26
CA VAL B 230 11.58 -15.77 -19.84
C VAL B 230 11.82 -14.62 -20.80
N LEU B 231 11.75 -14.91 -22.09
CA LEU B 231 12.00 -13.87 -23.10
C LEU B 231 10.97 -12.75 -23.00
N THR B 232 9.67 -13.08 -22.90
CA THR B 232 8.69 -12.01 -22.93
C THR B 232 8.71 -11.17 -21.66
N ALA B 233 9.03 -11.77 -20.52
CA ALA B 233 9.03 -11.05 -19.25
C ALA B 233 10.34 -10.33 -18.98
N SER B 234 11.37 -10.52 -19.79
CA SER B 234 12.68 -9.97 -19.48
C SER B 234 12.68 -8.44 -19.55
N LYS B 235 13.11 -7.79 -18.48
CA LYS B 235 13.17 -6.34 -18.47
C LYS B 235 14.29 -5.80 -19.36
N LYS B 236 15.17 -6.67 -19.87
CA LYS B 236 16.24 -6.26 -20.77
C LYS B 236 15.86 -6.36 -22.24
N VAL B 237 14.60 -6.67 -22.54
CA VAL B 237 14.14 -6.85 -23.93
C VAL B 237 13.05 -5.81 -24.17
N PRO B 238 13.38 -4.65 -24.73
CA PRO B 238 12.37 -3.56 -24.85
C PRO B 238 11.37 -3.75 -25.97
N VAL B 239 11.64 -4.63 -26.92
CA VAL B 239 10.69 -4.93 -27.99
C VAL B 239 10.70 -6.44 -28.25
N VAL B 240 9.51 -7.00 -28.46
CA VAL B 240 9.32 -8.40 -28.82
C VAL B 240 8.46 -8.44 -30.07
N SER B 241 8.98 -9.08 -31.12
CA SER B 241 8.19 -9.37 -32.32
C SER B 241 7.59 -10.77 -32.14
N ALA B 242 6.26 -10.86 -32.14
CA ALA B 242 5.62 -12.13 -31.84
C ALA B 242 4.69 -12.49 -32.99
N THR B 243 5.00 -13.60 -33.64
CA THR B 243 4.25 -14.10 -34.78
C THR B 243 3.60 -15.42 -34.38
N GLY B 244 2.28 -15.50 -34.49
CA GLY B 244 1.59 -16.71 -34.08
C GLY B 244 0.09 -16.50 -33.97
N SER B 245 -0.53 -17.35 -33.16
CA SER B 245 -1.97 -17.31 -32.99
C SER B 245 -2.40 -16.07 -32.22
N VAL B 246 -3.69 -15.74 -32.37
CA VAL B 246 -4.27 -14.63 -31.61
C VAL B 246 -4.10 -14.86 -30.11
N ARG B 247 -4.31 -16.09 -29.66
CA ARG B 247 -4.23 -16.36 -28.22
C ARG B 247 -2.82 -16.14 -27.71
N MET B 248 -1.82 -16.58 -28.47
CA MET B 248 -0.44 -16.28 -28.09
C MET B 248 -0.23 -14.77 -27.98
N GLY B 249 -0.70 -14.01 -28.97
CA GLY B 249 -0.44 -12.58 -28.97
C GLY B 249 -1.09 -11.88 -27.78
N GLN B 250 -2.31 -12.30 -27.44
CA GLN B 250 -2.94 -11.74 -26.25
C GLN B 250 -2.11 -11.98 -25.00
N GLU B 251 -1.57 -13.19 -24.83
CA GLU B 251 -0.77 -13.50 -23.64
C GLU B 251 0.55 -12.74 -23.64
N VAL B 252 1.22 -12.68 -24.79
CA VAL B 252 2.46 -11.93 -24.88
C VAL B 252 2.21 -10.45 -24.62
N ALA B 253 1.16 -9.89 -25.25
CA ALA B 253 0.89 -8.46 -25.09
C ALA B 253 0.63 -8.09 -23.64
N LYS B 254 -0.07 -8.97 -22.92
CA LYS B 254 -0.31 -8.72 -21.50
C LYS B 254 1.00 -8.66 -20.72
N VAL B 255 1.92 -9.59 -21.00
CA VAL B 255 3.21 -9.57 -20.30
C VAL B 255 3.98 -8.31 -20.66
N LEU B 256 3.98 -7.95 -21.94
CA LEU B 256 4.66 -6.73 -22.37
C LEU B 256 4.06 -5.50 -21.69
N SER B 257 2.72 -5.47 -21.59
CA SER B 257 2.04 -4.31 -21.03
C SER B 257 2.42 -4.09 -19.57
N GLN B 258 2.51 -5.19 -18.81
CA GLN B 258 2.82 -5.10 -17.39
C GLN B 258 4.18 -4.44 -17.15
N ARG B 259 5.12 -4.59 -18.08
CA ARG B 259 6.40 -3.92 -17.97
C ARG B 259 6.57 -2.79 -18.98
N LEU B 260 5.47 -2.33 -19.59
CA LEU B 260 5.45 -1.18 -20.50
C LEU B 260 6.48 -1.30 -21.62
N ALA B 261 6.52 -2.47 -22.22
CA ALA B 261 7.42 -2.76 -23.32
C ALA B 261 6.63 -2.80 -24.62
N ARG B 262 7.37 -2.82 -25.73
CA ARG B 262 6.78 -2.69 -27.06
C ARG B 262 6.60 -4.05 -27.71
N GLY B 263 5.47 -4.23 -28.38
CA GLY B 263 5.20 -5.43 -29.14
C GLY B 263 5.06 -5.16 -30.62
N ILE B 264 5.55 -6.07 -31.44
CA ILE B 264 5.24 -6.11 -32.87
C ILE B 264 4.42 -7.38 -33.05
N LEU B 265 3.11 -7.27 -33.04
CA LEU B 265 2.23 -8.43 -32.97
C LEU B 265 1.73 -8.77 -34.38
N GLU B 266 2.05 -9.98 -34.83
CA GLU B 266 1.71 -10.49 -36.16
C GLU B 266 0.93 -11.79 -35.96
N LEU B 267 -0.40 -11.68 -35.82
CA LEU B 267 -1.22 -12.77 -35.33
C LEU B 267 -2.04 -13.35 -36.50
N GLY B 268 -3.16 -14.00 -36.18
CA GLY B 268 -3.85 -14.77 -37.19
C GLY B 268 -4.53 -13.93 -38.26
N GLY B 269 -4.79 -14.56 -39.41
CA GLY B 269 -5.60 -13.98 -40.46
C GLY B 269 -6.83 -14.82 -40.72
N ASN B 270 -7.76 -14.24 -41.47
CA ASN B 270 -8.96 -14.96 -41.89
C ASN B 270 -9.39 -14.29 -43.19
N ASN B 271 -8.57 -14.46 -44.22
CA ASN B 271 -8.49 -13.54 -45.33
C ASN B 271 -9.53 -13.85 -46.39
N GLY B 272 -10.23 -12.81 -46.84
CA GLY B 272 -11.30 -13.00 -47.80
C GLY B 272 -11.07 -12.28 -49.11
N MET B 273 -11.80 -12.70 -50.14
CA MET B 273 -11.74 -12.08 -51.47
C MET B 273 -13.16 -11.84 -51.95
N ILE B 274 -13.44 -10.61 -52.40
CA ILE B 274 -14.69 -10.30 -53.06
C ILE B 274 -14.49 -10.45 -54.55
N VAL B 275 -15.37 -11.20 -55.19
CA VAL B 275 -15.35 -11.38 -56.64
C VAL B 275 -16.57 -10.66 -57.21
N ALA B 276 -16.33 -9.57 -57.91
CA ALA B 276 -17.36 -8.69 -58.43
C ALA B 276 -17.74 -9.08 -59.84
N PRO B 277 -18.90 -8.60 -60.34
CA PRO B 277 -19.41 -9.08 -61.63
C PRO B 277 -18.44 -8.92 -62.79
N SER B 278 -17.60 -7.88 -62.80
CA SER B 278 -16.73 -7.64 -63.94
C SER B 278 -15.40 -8.37 -63.84
N ALA B 279 -15.21 -9.22 -62.84
CA ALA B 279 -13.91 -9.85 -62.64
C ALA B 279 -13.51 -10.70 -63.84
N ASP B 280 -12.20 -10.77 -64.11
CA ASP B 280 -11.65 -11.66 -65.11
C ASP B 280 -11.67 -13.08 -64.54
N LEU B 281 -12.62 -13.91 -65.00
CA LEU B 281 -12.79 -15.21 -64.35
C LEU B 281 -11.60 -16.13 -64.57
N ASP B 282 -11.02 -16.11 -65.78
CA ASP B 282 -9.81 -16.88 -66.02
C ASP B 282 -8.76 -16.58 -64.97
N LEU B 283 -8.65 -15.30 -64.62
CA LEU B 283 -7.71 -14.90 -63.58
C LEU B 283 -8.18 -15.34 -62.19
N VAL B 284 -9.48 -15.17 -61.89
CA VAL B 284 -9.99 -15.47 -60.55
C VAL B 284 -9.77 -16.93 -60.20
N VAL B 285 -10.10 -17.84 -61.11
CA VAL B 285 -10.01 -19.26 -60.78
C VAL B 285 -8.58 -19.64 -60.40
N ARG B 286 -7.60 -19.08 -61.11
CA ARG B 286 -6.21 -19.37 -60.78
C ARG B 286 -5.80 -18.71 -59.48
N ALA B 287 -6.12 -17.43 -59.32
CA ALA B 287 -5.71 -16.74 -58.10
C ALA B 287 -6.34 -17.38 -56.86
N VAL B 288 -7.62 -17.76 -56.95
CA VAL B 288 -8.31 -18.37 -55.80
C VAL B 288 -7.65 -19.68 -55.42
N THR B 289 -7.45 -20.56 -56.41
CA THR B 289 -6.90 -21.89 -56.13
C THR B 289 -5.53 -21.77 -55.47
N PHE B 290 -4.62 -20.99 -56.07
CA PHE B 290 -3.27 -20.94 -55.53
C PHE B 290 -3.25 -20.27 -54.15
N ALA B 291 -4.07 -19.23 -53.94
CA ALA B 291 -4.10 -18.58 -52.63
C ALA B 291 -4.81 -19.43 -51.58
N ALA B 292 -5.77 -20.28 -51.98
CA ALA B 292 -6.49 -21.06 -50.98
C ALA B 292 -5.77 -22.36 -50.64
N VAL B 293 -5.19 -23.05 -51.61
CA VAL B 293 -4.59 -24.35 -51.34
C VAL B 293 -3.08 -24.29 -51.15
N GLY B 294 -2.42 -23.20 -51.53
CA GLY B 294 -0.98 -23.09 -51.36
C GLY B 294 -0.56 -23.38 -49.94
N THR B 295 0.57 -24.06 -49.75
CA THR B 295 1.11 -24.39 -48.42
C THR B 295 0.10 -25.18 -47.58
N ALA B 296 -0.77 -25.96 -48.22
CA ALA B 296 -1.82 -26.71 -47.50
C ALA B 296 -2.65 -25.78 -46.62
N GLY B 297 -2.89 -24.56 -47.10
CA GLY B 297 -3.69 -23.64 -46.32
C GLY B 297 -3.03 -23.15 -45.05
N GLN B 298 -1.72 -23.30 -44.93
CA GLN B 298 -0.98 -22.92 -43.73
C GLN B 298 -0.13 -21.68 -43.93
N ARG B 299 -0.62 -20.73 -44.72
CA ARG B 299 -0.07 -19.39 -44.72
C ARG B 299 -0.96 -18.51 -43.87
N CYS B 300 -0.36 -17.52 -43.24
CA CYS B 300 -1.16 -16.58 -42.48
CA CYS B 300 -1.19 -16.61 -42.49
C CYS B 300 -2.02 -15.72 -43.42
N THR B 301 -1.57 -15.53 -44.65
CA THR B 301 -2.29 -14.85 -45.72
C THR B 301 -3.16 -15.79 -46.55
N THR B 302 -3.32 -17.06 -46.13
CA THR B 302 -4.11 -18.02 -46.90
C THR B 302 -5.53 -17.48 -47.16
N LEU B 303 -6.03 -17.72 -48.38
CA LEU B 303 -7.41 -17.37 -48.71
C LEU B 303 -8.37 -18.34 -48.06
N ARG B 304 -9.25 -17.84 -47.18
CA ARG B 304 -10.20 -18.69 -46.46
C ARG B 304 -11.65 -18.36 -46.70
N ARG B 305 -11.95 -17.18 -47.25
CA ARG B 305 -13.33 -16.76 -47.46
C ARG B 305 -13.45 -16.18 -48.86
N LEU B 306 -14.43 -16.67 -49.62
CA LEU B 306 -14.69 -16.22 -50.99
C LEU B 306 -16.10 -15.63 -51.02
N ILE B 307 -16.21 -14.35 -51.37
CA ILE B 307 -17.48 -13.64 -51.38
C ILE B 307 -17.80 -13.31 -52.83
N VAL B 308 -18.66 -14.10 -53.48
CA VAL B 308 -18.83 -14.07 -54.92
CA VAL B 308 -18.84 -14.08 -54.92
C VAL B 308 -20.20 -13.50 -55.28
N HIS B 309 -20.21 -12.59 -56.27
CA HIS B 309 -21.48 -12.04 -56.71
C HIS B 309 -22.36 -13.14 -57.31
N ARG B 310 -23.65 -13.06 -57.00
CA ARG B 310 -24.61 -14.10 -57.39
C ARG B 310 -24.55 -14.40 -58.88
N SER B 311 -24.34 -13.38 -59.71
CA SER B 311 -24.33 -13.60 -61.15
C SER B 311 -23.20 -14.51 -61.60
N LEU B 312 -22.17 -14.72 -60.77
CA LEU B 312 -20.99 -15.48 -61.17
C LEU B 312 -20.94 -16.90 -60.63
N VAL B 313 -21.79 -17.23 -59.65
CA VAL B 313 -21.62 -18.46 -58.87
C VAL B 313 -21.64 -19.69 -59.78
N GLU B 314 -22.67 -19.81 -60.63
CA GLU B 314 -22.82 -21.01 -61.46
C GLU B 314 -21.67 -21.16 -62.46
N GLN B 315 -21.10 -20.06 -62.92
CA GLN B 315 -19.95 -20.13 -63.83
C GLN B 315 -18.67 -20.46 -63.09
N LEU B 316 -18.40 -19.76 -61.99
CA LEU B 316 -17.08 -19.78 -61.39
C LEU B 316 -16.86 -21.00 -60.52
N LEU B 317 -17.84 -21.37 -59.70
CA LEU B 317 -17.62 -22.44 -58.74
C LEU B 317 -17.29 -23.78 -59.38
N PRO B 318 -17.91 -24.22 -60.47
CA PRO B 318 -17.46 -25.48 -61.08
C PRO B 318 -16.03 -25.40 -61.56
N ARG B 319 -15.57 -24.23 -62.00
CA ARG B 319 -14.19 -24.07 -62.44
C ARG B 319 -13.22 -24.24 -61.29
N ILE B 320 -13.55 -23.64 -60.14
CA ILE B 320 -12.70 -23.81 -58.97
C ILE B 320 -12.71 -25.25 -58.48
N GLU B 321 -13.89 -25.90 -58.52
CA GLU B 321 -13.96 -27.31 -58.13
C GLU B 321 -13.12 -28.17 -59.07
N LYS B 322 -13.21 -27.91 -60.38
CA LYS B 322 -12.40 -28.65 -61.33
C LYS B 322 -10.90 -28.49 -61.04
N ALA B 323 -10.45 -27.25 -60.80
CA ALA B 323 -9.06 -27.01 -60.43
C ALA B 323 -8.70 -27.73 -59.14
N TYR B 324 -9.55 -27.58 -58.11
CA TYR B 324 -9.31 -28.24 -56.83
C TYR B 324 -9.07 -29.73 -56.99
N ALA B 325 -9.97 -30.41 -57.73
CA ALA B 325 -9.86 -31.86 -57.85
C ALA B 325 -8.59 -32.28 -58.56
N SER B 326 -8.04 -31.43 -59.43
CA SER B 326 -6.84 -31.77 -60.17
C SER B 326 -5.56 -31.45 -59.41
N VAL B 327 -5.65 -30.80 -58.24
CA VAL B 327 -4.46 -30.46 -57.47
C VAL B 327 -3.85 -31.73 -56.89
N LYS B 328 -2.53 -31.87 -57.04
CA LYS B 328 -1.82 -33.04 -56.54
C LYS B 328 -1.47 -32.87 -55.06
N VAL B 329 -2.02 -33.73 -54.21
CA VAL B 329 -1.66 -33.81 -52.79
C VAL B 329 -0.67 -34.96 -52.65
N GLY B 330 0.47 -34.71 -52.01
CA GLY B 330 1.47 -35.76 -51.92
C GLY B 330 2.75 -35.28 -51.27
N ASN B 331 3.81 -36.06 -51.49
CA ASN B 331 5.12 -35.78 -50.94
C ASN B 331 5.62 -34.43 -51.46
N PRO B 332 5.93 -33.47 -50.58
CA PRO B 332 6.31 -32.13 -51.08
C PRO B 332 7.68 -32.10 -51.75
N LEU B 333 8.50 -33.15 -51.61
CA LEU B 333 9.75 -33.28 -52.35
C LEU B 333 9.54 -33.78 -53.78
N GLU B 334 8.38 -34.37 -54.07
CA GLU B 334 8.15 -35.01 -55.35
C GLU B 334 7.71 -34.00 -56.41
N GLU B 335 8.07 -34.29 -57.66
CA GLU B 335 7.65 -33.45 -58.78
C GLU B 335 6.16 -33.60 -59.02
N GLY B 336 5.50 -32.48 -59.24
CA GLY B 336 4.08 -32.43 -59.44
C GLY B 336 3.27 -32.10 -58.20
N THR B 337 3.83 -32.30 -57.01
CA THR B 337 3.07 -32.00 -55.80
C THR B 337 2.84 -30.51 -55.67
N LEU B 338 1.58 -30.13 -55.48
CA LEU B 338 1.23 -28.76 -55.13
C LEU B 338 0.89 -28.61 -53.66
N VAL B 339 0.32 -29.62 -53.02
CA VAL B 339 -0.13 -29.51 -51.64
C VAL B 339 0.55 -30.60 -50.83
N GLY B 340 1.39 -30.20 -49.88
CA GLY B 340 1.99 -31.14 -48.95
C GLY B 340 1.10 -31.38 -47.76
N PRO B 341 1.66 -31.89 -46.66
CA PRO B 341 0.84 -32.28 -45.49
C PRO B 341 0.56 -31.13 -44.54
N LEU B 342 -0.47 -31.34 -43.71
CA LEU B 342 -0.63 -30.52 -42.53
C LEU B 342 0.49 -30.79 -41.53
N VAL B 343 0.69 -29.86 -40.60
CA VAL B 343 1.88 -29.95 -39.76
C VAL B 343 1.80 -31.15 -38.80
N ASP B 344 0.62 -31.44 -38.24
CA ASP B 344 0.52 -32.50 -37.23
C ASP B 344 -0.94 -32.91 -37.02
N ARG B 345 -1.14 -33.89 -36.13
CA ARG B 345 -2.48 -34.43 -35.88
C ARG B 345 -3.42 -33.35 -35.35
N ALA B 346 -2.95 -32.52 -34.42
CA ALA B 346 -3.80 -31.46 -33.88
C ALA B 346 -4.37 -30.58 -34.99
N SER B 347 -3.55 -30.26 -36.00
CA SER B 347 -4.02 -29.49 -37.14
C SER B 347 -5.08 -30.24 -37.94
N PHE B 348 -4.82 -31.52 -38.23
CA PHE B 348 -5.81 -32.33 -38.92
C PHE B 348 -7.11 -32.43 -38.11
N ASP B 349 -7.00 -32.69 -36.81
CA ASP B 349 -8.22 -32.82 -35.99
C ASP B 349 -9.01 -31.51 -36.01
N ALA B 350 -8.33 -30.37 -35.92
CA ALA B 350 -9.03 -29.09 -35.94
C ALA B 350 -9.70 -28.86 -37.30
N MET B 351 -9.04 -29.28 -38.38
CA MET B 351 -9.65 -29.14 -39.71
C MET B 351 -10.94 -29.93 -39.78
N GLN B 352 -10.91 -31.21 -39.38
CA GLN B 352 -12.10 -32.04 -39.46
C GLN B 352 -13.22 -31.54 -38.55
N LYS B 353 -12.87 -30.96 -37.40
CA LYS B 353 -13.89 -30.34 -36.55
C LYS B 353 -14.53 -29.14 -37.24
N ALA B 354 -13.72 -28.30 -37.88
CA ALA B 354 -14.28 -27.18 -38.61
C ALA B 354 -15.25 -27.65 -39.68
N LEU B 355 -14.88 -28.69 -40.43
CA LEU B 355 -15.80 -29.20 -41.45
C LEU B 355 -17.08 -29.74 -40.81
N ALA B 356 -16.97 -30.43 -39.67
CA ALA B 356 -18.16 -30.91 -38.97
C ALA B 356 -19.04 -29.74 -38.54
N ASP B 357 -18.42 -28.70 -37.94
CA ASP B 357 -19.18 -27.50 -37.59
C ASP B 357 -19.84 -26.90 -38.82
N ALA B 358 -19.11 -26.82 -39.94
CA ALA B 358 -19.66 -26.21 -41.15
C ALA B 358 -20.92 -26.92 -41.59
N ARG B 359 -20.90 -28.25 -41.60
CA ARG B 359 -22.08 -29.02 -41.96
C ARG B 359 -23.25 -28.73 -41.02
N GLU B 360 -23.00 -28.67 -39.71
CA GLU B 360 -24.07 -28.33 -38.76
C GLU B 360 -24.63 -26.96 -39.06
N GLN B 361 -23.82 -26.07 -39.62
CA GLN B 361 -24.25 -24.73 -39.93
C GLN B 361 -24.76 -24.58 -41.36
N GLY B 362 -25.17 -25.68 -41.99
CA GLY B 362 -25.76 -25.60 -43.32
C GLY B 362 -24.79 -25.62 -44.46
N GLY B 363 -23.50 -25.87 -44.20
CA GLY B 363 -22.53 -25.85 -45.27
C GLY B 363 -22.52 -27.14 -46.09
N GLU B 364 -22.12 -27.00 -47.35
CA GLU B 364 -21.98 -28.13 -48.26
C GLU B 364 -20.50 -28.25 -48.61
N VAL B 365 -19.88 -29.35 -48.15
CA VAL B 365 -18.43 -29.55 -48.23
C VAL B 365 -18.09 -30.39 -49.45
N LYS B 366 -17.08 -29.97 -50.20
CA LYS B 366 -16.40 -30.82 -51.17
C LYS B 366 -14.93 -30.86 -50.81
N GLY B 367 -14.31 -32.01 -50.99
CA GLY B 367 -12.94 -32.16 -50.53
C GLY B 367 -12.87 -32.26 -49.01
N GLY B 368 -11.66 -32.07 -48.50
CA GLY B 368 -11.43 -32.09 -47.07
C GLY B 368 -11.10 -33.45 -46.48
N GLU B 369 -11.17 -34.52 -47.27
CA GLU B 369 -10.90 -35.84 -46.69
C GLU B 369 -9.40 -36.09 -46.59
N ARG B 370 -9.05 -37.02 -45.69
CA ARG B 370 -7.65 -37.38 -45.52
C ARG B 370 -7.18 -38.21 -46.70
N VAL B 371 -5.92 -38.03 -47.08
CA VAL B 371 -5.32 -38.76 -48.19
C VAL B 371 -4.34 -39.76 -47.59
N ASP B 372 -4.59 -41.05 -47.80
CA ASP B 372 -3.73 -42.07 -47.22
C ASP B 372 -2.43 -42.15 -48.02
N VAL B 373 -1.30 -41.90 -47.34
CA VAL B 373 0.01 -41.98 -47.95
C VAL B 373 0.90 -43.04 -47.29
N GLY B 374 0.33 -43.89 -46.44
CA GLY B 374 1.08 -44.95 -45.85
C GLY B 374 1.82 -44.61 -44.57
N HIS B 375 1.62 -43.41 -44.04
CA HIS B 375 2.26 -43.01 -42.79
C HIS B 375 1.16 -42.57 -41.85
N ALA B 376 1.00 -43.31 -40.75
CA ALA B 376 -0.12 -43.06 -39.85
C ALA B 376 0.03 -41.75 -39.09
N ASP B 377 1.25 -41.26 -38.89
CA ASP B 377 1.45 -40.02 -38.15
CA ASP B 377 1.46 -40.02 -38.15
C ASP B 377 1.80 -38.85 -39.07
N ALA B 378 1.48 -38.96 -40.35
CA ALA B 378 1.52 -37.84 -41.28
C ALA B 378 0.11 -37.61 -41.81
N TYR B 379 -0.28 -36.33 -41.90
CA TYR B 379 -1.67 -35.95 -42.17
C TYR B 379 -1.73 -35.13 -43.46
N TYR B 380 -2.09 -35.80 -44.55
CA TYR B 380 -2.34 -35.19 -45.84
C TYR B 380 -3.86 -35.12 -46.06
N VAL B 381 -4.33 -34.01 -46.62
CA VAL B 381 -5.77 -33.81 -46.85
C VAL B 381 -5.98 -33.21 -48.24
N ARG B 382 -7.13 -33.55 -48.83
CA ARG B 382 -7.63 -32.79 -49.99
C ARG B 382 -8.07 -31.40 -49.53
N PRO B 383 -7.69 -30.34 -50.24
CA PRO B 383 -8.26 -29.02 -49.94
C PRO B 383 -9.78 -29.04 -50.00
N ALA B 384 -10.42 -28.30 -49.10
CA ALA B 384 -11.88 -28.29 -49.02
C ALA B 384 -12.44 -26.96 -49.51
N ILE B 385 -13.60 -27.04 -50.15
CA ILE B 385 -14.35 -25.84 -50.52
C ILE B 385 -15.78 -26.04 -50.05
N VAL B 386 -16.32 -25.06 -49.34
CA VAL B 386 -17.56 -25.21 -48.59
C VAL B 386 -18.52 -24.09 -48.99
N ARG B 387 -19.64 -24.46 -49.61
CA ARG B 387 -20.70 -23.51 -49.88
C ARG B 387 -21.46 -23.22 -48.59
N MET B 388 -21.41 -21.97 -48.15
CA MET B 388 -22.05 -21.62 -46.89
C MET B 388 -23.26 -20.74 -47.15
N PRO B 389 -24.38 -20.98 -46.46
CA PRO B 389 -25.55 -20.10 -46.63
C PRO B 389 -25.34 -18.73 -46.02
N LYS B 390 -24.49 -18.62 -45.01
CA LYS B 390 -24.13 -17.33 -44.42
C LYS B 390 -22.73 -17.45 -43.83
N GLN B 391 -22.15 -16.31 -43.46
CA GLN B 391 -20.86 -16.35 -42.79
C GLN B 391 -21.10 -16.62 -41.30
N SER B 392 -21.33 -17.89 -41.00
CA SER B 392 -21.71 -18.31 -39.65
C SER B 392 -20.47 -18.48 -38.78
N ALA B 393 -20.66 -19.03 -37.57
CA ALA B 393 -19.63 -18.96 -36.55
C ALA B 393 -18.33 -19.63 -36.98
N VAL B 394 -18.43 -20.78 -37.65
CA VAL B 394 -17.22 -21.51 -38.03
C VAL B 394 -16.40 -20.71 -39.02
N VAL B 395 -17.05 -19.91 -39.86
CA VAL B 395 -16.33 -19.14 -40.85
C VAL B 395 -15.51 -18.05 -40.18
N GLU B 396 -15.98 -17.56 -39.03
CA GLU B 396 -15.25 -16.51 -38.33
C GLU B 396 -14.01 -17.04 -37.62
N ARG B 397 -13.93 -18.34 -37.34
CA ARG B 397 -12.72 -18.91 -36.76
C ARG B 397 -11.64 -19.03 -37.82
N GLU B 398 -10.39 -18.77 -37.42
CA GLU B 398 -9.27 -19.13 -38.28
C GLU B 398 -8.95 -20.60 -38.04
N THR B 399 -9.26 -21.46 -39.01
CA THR B 399 -8.83 -22.85 -38.99
C THR B 399 -7.65 -22.98 -39.93
N PHE B 400 -6.49 -23.32 -39.37
CA PHE B 400 -5.21 -23.26 -40.10
C PHE B 400 -5.08 -24.53 -40.95
N ALA B 401 -5.85 -24.54 -42.04
CA ALA B 401 -6.00 -25.70 -42.90
C ALA B 401 -6.61 -25.25 -44.22
N PRO B 402 -6.52 -26.07 -45.30
CA PRO B 402 -7.06 -25.60 -46.57
C PRO B 402 -8.58 -25.77 -46.59
N ILE B 403 -9.29 -24.74 -46.11
CA ILE B 403 -10.75 -24.70 -46.17
C ILE B 403 -11.14 -23.35 -46.73
N LEU B 404 -11.87 -23.35 -47.83
CA LEU B 404 -12.36 -22.13 -48.46
C LEU B 404 -13.87 -22.08 -48.30
N TYR B 405 -14.35 -21.16 -47.46
CA TYR B 405 -15.78 -20.94 -47.29
C TYR B 405 -16.25 -19.96 -48.36
N VAL B 406 -17.34 -20.32 -49.04
CA VAL B 406 -17.85 -19.56 -50.17
C VAL B 406 -19.22 -18.98 -49.79
N MET B 407 -19.34 -17.66 -49.84
CA MET B 407 -20.60 -16.96 -49.61
C MET B 407 -20.98 -16.17 -50.86
N VAL B 408 -22.29 -16.13 -51.16
CA VAL B 408 -22.82 -15.38 -52.30
C VAL B 408 -23.26 -14.00 -51.82
N TYR B 409 -23.11 -12.98 -52.67
CA TYR B 409 -23.59 -11.64 -52.35
C TYR B 409 -24.30 -11.01 -53.54
N ASP B 410 -25.14 -10.02 -53.25
CA ASP B 410 -25.81 -9.22 -54.27
C ASP B 410 -25.30 -7.78 -54.29
N ASN B 411 -25.45 -7.05 -53.19
CA ASN B 411 -25.13 -5.63 -53.10
CA ASN B 411 -25.10 -5.64 -53.16
C ASN B 411 -23.68 -5.46 -52.64
N PHE B 412 -22.93 -4.59 -53.32
CA PHE B 412 -21.52 -4.41 -53.03
C PHE B 412 -21.29 -3.96 -51.58
N ASP B 413 -22.11 -3.03 -51.08
CA ASP B 413 -21.92 -2.58 -49.70
C ASP B 413 -22.07 -3.72 -48.72
N ASP B 414 -23.02 -4.63 -48.97
CA ASP B 414 -23.18 -5.78 -48.10
C ASP B 414 -21.98 -6.71 -48.17
N ALA B 415 -21.39 -6.88 -49.36
CA ALA B 415 -20.19 -7.72 -49.46
C ALA B 415 -19.06 -7.16 -48.60
N ILE B 416 -18.92 -5.83 -48.55
CA ILE B 416 -17.90 -5.23 -47.69
CA ILE B 416 -17.89 -5.26 -47.70
C ILE B 416 -18.18 -5.54 -46.22
N ASP B 417 -19.45 -5.45 -45.82
CA ASP B 417 -19.81 -5.75 -44.43
C ASP B 417 -19.46 -7.20 -44.07
N VAL B 418 -19.83 -8.15 -44.93
CA VAL B 418 -19.46 -9.54 -44.71
C VAL B 418 -17.95 -9.69 -44.67
N HIS B 419 -17.26 -9.05 -45.62
CA HIS B 419 -15.81 -9.15 -45.64
C HIS B 419 -15.22 -8.68 -44.32
N ASN B 420 -15.74 -7.57 -43.78
CA ASN B 420 -15.18 -6.95 -42.58
C ASN B 420 -15.70 -7.55 -41.27
N ALA B 421 -16.64 -8.49 -41.30
CA ALA B 421 -17.31 -8.90 -40.08
C ALA B 421 -16.53 -9.92 -39.26
N VAL B 422 -15.42 -10.46 -39.77
CA VAL B 422 -14.64 -11.43 -39.00
C VAL B 422 -13.76 -10.68 -38.02
N PRO B 423 -13.26 -11.31 -36.95
CA PRO B 423 -12.44 -10.56 -35.98
C PRO B 423 -11.00 -10.33 -36.41
N GLN B 424 -10.50 -11.06 -37.41
CA GLN B 424 -9.13 -10.88 -37.88
C GLN B 424 -9.08 -9.78 -38.94
N GLY B 425 -7.86 -9.36 -39.29
CA GLY B 425 -7.75 -8.30 -40.27
C GLY B 425 -6.40 -8.21 -40.97
N LEU B 426 -5.90 -9.32 -41.51
CA LEU B 426 -4.55 -9.31 -42.08
C LEU B 426 -4.56 -8.84 -43.52
N SER B 427 -4.94 -9.72 -44.47
CA SER B 427 -4.94 -9.38 -45.89
C SER B 427 -6.32 -9.63 -46.49
N SER B 428 -6.52 -9.07 -47.68
CA SER B 428 -7.83 -9.01 -48.32
C SER B 428 -7.63 -8.69 -49.79
N ALA B 429 -8.63 -9.02 -50.61
CA ALA B 429 -8.53 -8.74 -52.04
C ALA B 429 -9.92 -8.59 -52.66
N ILE B 430 -9.99 -7.78 -53.71
CA ILE B 430 -11.15 -7.71 -54.58
C ILE B 430 -10.71 -7.99 -56.01
N PHE B 431 -11.47 -8.81 -56.71
CA PHE B 431 -11.25 -9.05 -58.13
C PHE B 431 -12.38 -8.38 -58.89
N THR B 432 -12.02 -7.39 -59.70
CA THR B 432 -12.97 -6.59 -60.45
C THR B 432 -12.18 -5.84 -61.51
N ASN B 433 -12.85 -5.50 -62.61
CA ASN B 433 -12.28 -4.57 -63.56
C ASN B 433 -12.93 -3.20 -63.47
N ASP B 434 -13.88 -3.01 -62.54
CA ASP B 434 -14.57 -1.74 -62.34
C ASP B 434 -13.75 -0.89 -61.37
N MET B 435 -13.19 0.21 -61.87
CA MET B 435 -12.33 1.03 -61.02
C MET B 435 -13.07 1.57 -59.81
N ARG B 436 -14.38 1.78 -59.92
CA ARG B 436 -15.14 2.30 -58.80
C ARG B 436 -15.18 1.31 -57.65
N GLU B 437 -15.37 0.03 -57.95
CA GLU B 437 -15.35 -0.99 -56.89
C GLU B 437 -13.95 -1.17 -56.34
N ALA B 438 -12.94 -1.14 -57.21
CA ALA B 438 -11.57 -1.32 -56.74
C ALA B 438 -11.18 -0.20 -55.79
N GLU B 439 -11.48 1.05 -56.15
CA GLU B 439 -11.17 2.18 -55.28
C GLU B 439 -12.00 2.16 -54.00
N GLN B 440 -13.30 1.86 -54.10
CA GLN B 440 -14.10 1.79 -52.89
CA GLN B 440 -14.11 1.79 -52.89
C GLN B 440 -13.56 0.75 -51.93
N PHE B 441 -13.11 -0.39 -52.47
CA PHE B 441 -12.57 -1.45 -51.62
C PHE B 441 -11.33 -0.99 -50.88
N MET B 442 -10.51 -0.15 -51.51
CA MET B 442 -9.30 0.38 -50.90
C MET B 442 -9.54 1.64 -50.07
N SER B 443 -10.75 2.20 -50.09
CA SER B 443 -11.04 3.44 -49.41
C SER B 443 -11.28 3.23 -47.91
N ALA B 444 -11.56 4.33 -47.21
CA ALA B 444 -11.73 4.31 -45.76
C ALA B 444 -12.92 3.42 -45.36
N ALA B 445 -13.96 3.39 -46.19
CA ALA B 445 -15.13 2.58 -45.92
C ALA B 445 -15.05 1.19 -46.57
N GLY B 446 -13.90 0.82 -47.11
CA GLY B 446 -13.77 -0.48 -47.76
C GLY B 446 -13.19 -1.54 -46.83
N SER B 447 -12.24 -2.32 -47.35
CA SER B 447 -11.62 -3.37 -46.55
C SER B 447 -10.96 -2.80 -45.31
N ASP B 448 -11.12 -3.49 -44.18
CA ASP B 448 -10.57 -3.04 -42.91
C ASP B 448 -9.20 -3.67 -42.62
N CYS B 449 -8.55 -4.31 -43.60
CA CYS B 449 -7.36 -5.09 -43.32
C CYS B 449 -6.08 -4.28 -43.50
N GLY B 450 -4.96 -4.85 -43.03
CA GLY B 450 -3.68 -4.18 -43.22
C GLY B 450 -3.12 -4.33 -44.61
N ILE B 451 -3.58 -5.33 -45.36
CA ILE B 451 -3.16 -5.56 -46.75
C ILE B 451 -4.43 -5.64 -47.58
N VAL B 452 -4.53 -4.78 -48.60
CA VAL B 452 -5.77 -4.61 -49.35
C VAL B 452 -5.44 -4.56 -50.83
N ASN B 453 -5.69 -5.66 -51.54
CA ASN B 453 -5.21 -5.83 -52.90
C ASN B 453 -6.33 -5.81 -53.92
N VAL B 454 -5.95 -5.55 -55.17
CA VAL B 454 -6.88 -5.56 -56.28
C VAL B 454 -6.34 -6.48 -57.37
N ASN B 455 -7.10 -7.53 -57.68
CA ASN B 455 -6.79 -8.47 -58.76
C ASN B 455 -5.52 -9.25 -58.51
N ILE B 456 -5.04 -9.26 -57.28
CA ILE B 456 -4.02 -10.19 -56.82
C ILE B 456 -4.51 -10.73 -55.48
N GLY B 457 -4.26 -12.00 -55.23
CA GLY B 457 -4.82 -12.69 -54.09
C GLY B 457 -4.27 -12.20 -52.75
N THR B 458 -4.68 -12.91 -51.70
CA THR B 458 -4.40 -12.47 -50.33
C THR B 458 -2.97 -12.73 -49.90
N SER B 459 -2.19 -13.53 -50.64
CA SER B 459 -0.76 -13.63 -50.40
C SER B 459 0.06 -12.62 -51.19
N GLY B 460 -0.59 -11.67 -51.86
CA GLY B 460 0.11 -10.64 -52.62
C GLY B 460 0.77 -9.60 -51.73
N ALA B 461 2.05 -9.81 -51.43
CA ALA B 461 2.83 -8.88 -50.62
C ALA B 461 4.30 -9.07 -50.99
N GLU B 462 5.08 -8.03 -50.79
CA GLU B 462 6.49 -8.08 -51.14
C GLU B 462 7.27 -7.26 -50.12
N ILE B 463 8.60 -7.43 -50.18
CA ILE B 463 9.52 -6.84 -49.21
C ILE B 463 9.26 -5.36 -48.99
N GLY B 464 9.04 -4.60 -50.07
CA GLY B 464 9.01 -3.14 -49.99
C GLY B 464 7.83 -2.58 -49.23
N GLY B 465 6.79 -3.38 -49.02
CA GLY B 465 5.61 -2.95 -48.30
C GLY B 465 5.65 -3.35 -46.83
N ALA B 466 5.00 -2.55 -45.99
CA ALA B 466 4.82 -2.94 -44.60
C ALA B 466 3.83 -4.10 -44.52
N PHE B 467 4.18 -5.14 -43.77
CA PHE B 467 3.43 -6.39 -43.70
C PHE B 467 2.83 -6.54 -42.31
N GLY B 468 1.52 -6.73 -42.24
CA GLY B 468 0.83 -6.89 -40.97
C GLY B 468 -0.63 -6.54 -41.13
N GLY B 469 -1.38 -6.66 -40.02
CA GLY B 469 -2.81 -6.46 -40.07
C GLY B 469 -3.37 -5.70 -38.89
N GLU B 470 -4.69 -5.53 -38.91
CA GLU B 470 -5.44 -4.81 -37.90
C GLU B 470 -6.32 -5.78 -37.10
N LYS B 471 -7.12 -5.22 -36.20
CA LYS B 471 -8.11 -6.00 -35.43
C LYS B 471 -7.33 -7.08 -34.67
N GLU B 472 -7.82 -8.32 -34.62
CA GLU B 472 -7.12 -9.36 -33.86
C GLU B 472 -5.78 -9.78 -34.50
N THR B 473 -5.48 -9.34 -35.72
CA THR B 473 -4.15 -9.63 -36.25
C THR B 473 -3.06 -8.89 -35.47
N GLY B 474 -3.41 -7.85 -34.70
CA GLY B 474 -2.52 -7.34 -33.68
C GLY B 474 -1.84 -6.02 -33.96
N GLY B 475 -1.87 -5.51 -35.18
CA GLY B 475 -1.42 -4.16 -35.44
C GLY B 475 0.05 -3.99 -35.79
N GLY B 476 0.87 -5.04 -35.59
CA GLY B 476 2.27 -4.92 -35.92
C GLY B 476 2.51 -4.84 -37.42
N ARG B 477 3.67 -4.28 -37.78
CA ARG B 477 4.12 -4.26 -39.17
C ARG B 477 5.57 -4.70 -39.25
N GLU B 478 5.89 -5.47 -40.29
CA GLU B 478 7.27 -5.89 -40.53
C GLU B 478 7.69 -5.53 -41.95
N SER B 479 9.01 -5.57 -42.16
CA SER B 479 9.63 -5.51 -43.49
C SER B 479 9.72 -4.11 -44.06
N GLY B 480 8.75 -3.71 -44.90
CA GLY B 480 8.91 -2.57 -45.78
C GLY B 480 8.46 -1.24 -45.19
N SER B 481 8.44 -0.23 -46.08
CA SER B 481 8.09 1.14 -45.69
C SER B 481 8.92 1.56 -44.47
N ASP B 482 8.32 2.20 -43.47
CA ASP B 482 9.08 2.56 -42.28
C ASP B 482 8.81 1.62 -41.11
N ALA B 483 8.56 0.33 -41.40
CA ALA B 483 8.45 -0.67 -40.34
C ALA B 483 9.68 -0.69 -39.46
N TRP B 484 10.85 -0.32 -40.01
CA TRP B 484 12.09 -0.31 -39.25
C TRP B 484 12.00 0.51 -37.96
N LYS B 485 11.11 1.52 -37.91
CA LYS B 485 11.01 2.36 -36.72
C LYS B 485 10.63 1.56 -35.47
N ALA B 486 9.99 0.41 -35.62
CA ALA B 486 9.62 -0.42 -34.47
C ALA B 486 10.83 -1.08 -33.81
N TYR B 487 12.00 -1.01 -34.44
CA TYR B 487 13.22 -1.56 -33.88
C TYR B 487 14.11 -0.48 -33.27
N MET B 488 13.63 0.76 -33.20
CA MET B 488 14.41 1.89 -32.71
C MET B 488 13.55 2.75 -31.79
N ARG B 489 14.20 3.69 -31.11
CA ARG B 489 13.47 4.64 -30.27
C ARG B 489 13.63 6.04 -30.84
N ARG B 490 12.52 6.76 -30.90
CA ARG B 490 12.50 8.12 -31.41
C ARG B 490 12.97 9.08 -30.33
N ALA B 491 13.77 10.06 -30.74
CA ALA B 491 14.15 11.14 -29.84
C ALA B 491 13.86 12.46 -30.54
N THR B 492 13.28 13.39 -29.79
CA THR B 492 13.08 14.76 -30.24
C THR B 492 14.12 15.62 -29.55
N ASN B 493 14.95 16.31 -30.34
CA ASN B 493 16.08 17.09 -29.83
C ASN B 493 15.86 18.56 -30.15
N THR B 494 15.91 19.39 -29.12
CA THR B 494 15.95 20.84 -29.30
C THR B 494 17.28 21.34 -28.77
N ILE B 495 17.98 22.13 -29.60
CA ILE B 495 19.33 22.59 -29.30
C ILE B 495 19.29 24.11 -29.27
N ASN B 496 19.62 24.69 -28.11
CA ASN B 496 19.69 26.14 -27.92
C ASN B 496 21.14 26.57 -28.11
N TYR B 497 21.40 27.32 -29.18
CA TYR B 497 22.75 27.85 -29.37
C TYR B 497 22.80 29.36 -29.22
N SER B 498 21.76 29.97 -28.67
CA SER B 498 21.72 31.39 -28.38
C SER B 498 22.36 31.68 -27.03
N ARG B 499 22.87 32.90 -26.88
CA ARG B 499 23.37 33.37 -25.60
C ARG B 499 22.30 34.12 -24.82
N GLN B 500 21.08 34.15 -25.33
CA GLN B 500 20.03 34.98 -24.73
C GLN B 500 19.57 34.35 -23.42
N LEU B 501 19.56 35.15 -22.35
CA LEU B 501 19.07 34.65 -21.07
C LEU B 501 17.54 34.78 -21.01
N PRO B 502 16.84 33.82 -20.40
CA PRO B 502 15.41 34.00 -20.20
C PRO B 502 15.14 35.17 -19.27
N LEU B 503 13.95 35.74 -19.39
CA LEU B 503 13.56 36.88 -18.55
C LEU B 503 13.54 36.46 -17.08
N ALA B 504 13.86 37.42 -16.22
CA ALA B 504 14.01 37.11 -14.79
C ALA B 504 12.67 36.83 -14.11
N GLN B 505 11.58 37.37 -14.63
CA GLN B 505 10.26 37.25 -14.00
C GLN B 505 10.31 37.62 -12.51
N GLY B 506 11.11 38.63 -12.20
CA GLY B 506 11.23 39.08 -10.82
C GLY B 506 11.98 38.16 -9.88
N VAL B 507 12.50 37.02 -10.37
CA VAL B 507 13.36 36.13 -9.58
C VAL B 507 14.75 36.73 -9.47
N LYS B 508 15.40 36.57 -8.30
CA LYS B 508 16.71 37.16 -8.06
C LYS B 508 17.79 36.23 -8.62
N PHE B 509 18.30 36.55 -9.81
CA PHE B 509 19.35 35.78 -10.47
C PHE B 509 20.69 36.48 -10.46
N ASP B 510 20.75 37.69 -9.92
CA ASP B 510 21.97 38.49 -9.97
C ASP B 510 23.06 37.82 -9.15
N VAL B 511 24.30 37.95 -9.63
CA VAL B 511 25.43 37.42 -8.89
C VAL B 511 25.91 38.51 -7.92
N GLN C 10 15.53 1.12 21.57
CA GLN C 10 15.10 0.48 22.81
C GLN C 10 16.09 0.80 23.93
N PHE C 11 15.71 0.49 25.16
CA PHE C 11 16.52 0.83 26.33
C PHE C 11 17.91 0.20 26.26
N ASN C 12 17.97 -1.09 25.91
CA ASN C 12 19.27 -1.76 25.87
C ASN C 12 20.13 -1.22 24.74
N ASP C 13 19.51 -0.81 23.62
CA ASP C 13 20.27 -0.15 22.57
C ASP C 13 20.84 1.17 23.05
N ILE C 14 20.07 1.91 23.86
CA ILE C 14 20.55 3.16 24.42
C ILE C 14 21.79 2.90 25.29
N LEU C 15 21.69 1.90 26.17
CA LEU C 15 22.83 1.52 27.00
C LEU C 15 24.02 1.15 26.13
N ALA C 16 23.79 0.40 25.05
CA ALA C 16 24.89 -0.01 24.19
C ALA C 16 25.52 1.18 23.48
N ALA C 17 24.68 2.09 22.95
CA ALA C 17 25.22 3.24 22.25
C ALA C 17 26.00 4.16 23.19
N LEU C 18 25.58 4.24 24.45
CA LEU C 18 26.29 5.03 25.45
C LEU C 18 27.47 4.29 26.07
N ASP C 19 27.69 3.03 25.70
CA ASP C 19 28.80 2.22 26.22
C ASP C 19 28.71 2.03 27.74
N ILE C 20 27.50 1.84 28.24
CA ILE C 20 27.26 1.56 29.64
C ILE C 20 27.13 0.05 29.85
N ASP C 21 27.97 -0.52 30.70
CA ASP C 21 27.88 -1.93 31.06
C ASP C 21 27.09 -1.98 32.37
N LEU C 22 25.79 -2.31 32.24
CA LEU C 22 24.90 -2.26 33.41
C LEU C 22 25.33 -3.26 34.48
N ALA C 23 26.00 -4.34 34.08
CA ALA C 23 26.46 -5.34 35.05
C ALA C 23 27.38 -4.71 36.10
N GLN C 24 28.10 -3.64 35.74
CA GLN C 24 28.98 -2.99 36.69
C GLN C 24 28.24 -2.12 37.70
N TRP C 25 26.95 -1.87 37.49
CA TRP C 25 26.17 -1.02 38.37
C TRP C 25 25.02 -1.77 39.03
N LYS C 26 24.77 -3.02 38.63
CA LYS C 26 23.59 -3.75 39.08
C LYS C 26 23.63 -3.99 40.58
N GLY C 27 22.45 -4.13 41.16
CA GLY C 27 22.34 -4.44 42.56
C GLY C 27 20.90 -4.70 42.90
N ASN C 28 20.59 -4.59 44.20
CA ASN C 28 19.22 -4.74 44.66
C ASN C 28 18.91 -3.74 45.76
N ALA C 29 19.45 -2.53 45.66
CA ALA C 29 19.24 -1.49 46.65
C ALA C 29 18.37 -0.36 46.12
N LEU C 30 18.58 0.07 44.89
CA LEU C 30 17.92 1.23 44.34
C LEU C 30 17.16 0.81 43.09
N THR C 31 15.85 0.95 43.12
CA THR C 31 15.03 0.60 41.97
C THR C 31 14.98 1.82 41.05
N ALA C 32 15.46 1.65 39.83
CA ALA C 32 15.45 2.70 38.82
C ALA C 32 14.21 2.50 37.97
N ARG C 33 13.22 3.36 38.14
CA ARG C 33 11.91 3.21 37.53
C ARG C 33 11.72 4.24 36.41
N SER C 34 10.99 3.83 35.38
CA SER C 34 10.61 4.77 34.33
C SER C 34 9.25 5.34 34.65
N PRO C 35 9.10 6.66 34.76
CA PRO C 35 7.76 7.24 34.99
C PRO C 35 6.81 7.05 33.82
N LEU C 36 7.30 6.66 32.64
CA LEU C 36 6.42 6.49 31.49
C LEU C 36 5.39 5.40 31.74
N ASP C 37 5.82 4.27 32.28
CA ASP C 37 4.95 3.14 32.51
C ASP C 37 5.12 2.50 33.88
N GLY C 38 5.96 3.06 34.74
CA GLY C 38 6.26 2.47 36.03
C GLY C 38 7.22 1.30 35.99
N ALA C 39 7.68 0.90 34.81
CA ALA C 39 8.48 -0.31 34.72
C ALA C 39 9.84 -0.10 35.34
N THR C 40 10.39 -1.16 35.92
CA THR C 40 11.76 -1.12 36.43
C THR C 40 12.72 -1.20 35.26
N LEU C 41 13.56 -0.19 35.13
CA LEU C 41 14.60 -0.22 34.10
C LEU C 41 15.76 -1.08 34.56
N ALA C 42 16.09 -1.02 35.84
CA ALA C 42 17.18 -1.79 36.43
C ALA C 42 17.09 -1.61 37.94
N THR C 43 17.77 -2.49 38.66
CA THR C 43 17.94 -2.35 40.10
C THR C 43 19.44 -2.27 40.39
N LEU C 44 19.84 -1.29 41.18
CA LEU C 44 21.22 -0.86 41.25
C LEU C 44 21.77 -0.99 42.66
N ALA C 45 23.09 -1.14 42.74
CA ALA C 45 23.80 -0.98 43.99
C ALA C 45 23.91 0.49 44.34
N VAL C 46 24.14 0.77 45.63
CA VAL C 46 24.33 2.13 46.12
C VAL C 46 25.64 2.18 46.87
N ASP C 47 26.18 3.39 46.97
CA ASP C 47 27.38 3.62 47.75
C ASP C 47 27.04 3.61 49.24
N THR C 48 27.92 2.99 50.02
CA THR C 48 27.87 3.13 51.47
C THR C 48 28.46 4.48 51.88
N PRO C 49 28.22 4.91 53.12
CA PRO C 49 28.95 6.07 53.63
C PRO C 49 30.47 5.92 53.48
N ALA C 50 31.00 4.72 53.70
CA ALA C 50 32.43 4.48 53.51
C ALA C 50 32.83 4.66 52.05
N ASP C 51 32.00 4.17 51.13
CA ASP C 51 32.27 4.40 49.71
C ASP C 51 32.35 5.89 49.42
N ALA C 52 31.41 6.67 49.95
CA ALA C 52 31.37 8.10 49.69
C ALA C 52 32.62 8.80 50.22
N GLU C 53 33.05 8.46 51.43
CA GLU C 53 34.28 9.05 51.94
C GLU C 53 35.47 8.72 51.06
N ARG C 54 35.58 7.47 50.60
CA ARG C 54 36.71 7.11 49.76
C ARG C 54 36.69 7.89 48.45
N LYS C 55 35.52 8.02 47.82
CA LYS C 55 35.45 8.77 46.58
C LYS C 55 35.76 10.25 46.79
N ILE C 56 35.32 10.81 47.92
CA ILE C 56 35.65 12.19 48.23
C ILE C 56 37.15 12.33 48.45
N ASP C 57 37.78 11.37 49.15
CA ASP C 57 39.24 11.40 49.28
C ASP C 57 39.91 11.39 47.91
N ALA C 58 39.42 10.54 46.99
CA ALA C 58 40.00 10.46 45.67
C ALA C 58 39.79 11.76 44.90
N ALA C 59 38.61 12.38 45.03
CA ALA C 59 38.39 13.66 44.36
C ALA C 59 39.30 14.74 44.92
N HIS C 60 39.60 14.69 46.23
CA HIS C 60 40.51 15.67 46.81
C HIS C 60 41.93 15.49 46.30
N ASP C 61 42.39 14.23 46.20
CA ASP C 61 43.68 14.00 45.59
C ASP C 61 43.69 14.52 44.16
N ALA C 62 42.59 14.30 43.41
CA ALA C 62 42.49 14.81 42.05
C ALA C 62 42.59 16.34 42.02
N PHE C 63 41.87 17.00 42.93
CA PHE C 63 41.91 18.46 43.00
C PHE C 63 43.33 18.97 43.17
N LEU C 64 44.12 18.33 44.04
CA LEU C 64 45.48 18.77 44.28
C LEU C 64 46.31 18.74 42.99
N LYS C 65 46.04 17.82 42.08
CA LYS C 65 46.74 17.81 40.79
C LYS C 65 46.13 18.85 39.85
N TRP C 66 44.80 18.85 39.75
CA TRP C 66 44.10 19.65 38.74
C TRP C 66 44.29 21.15 38.97
N ARG C 67 44.39 21.58 40.22
CA ARG C 67 44.44 23.02 40.50
C ARG C 67 45.68 23.70 39.96
N THR C 68 46.73 22.96 39.59
CA THR C 68 47.90 23.57 38.98
C THR C 68 47.94 23.40 37.46
N VAL C 69 46.94 22.76 36.88
CA VAL C 69 46.85 22.69 35.42
C VAL C 69 46.35 24.03 34.90
N PRO C 70 47.03 24.66 33.94
CA PRO C 70 46.56 25.96 33.44
C PRO C 70 45.10 25.90 33.03
N ALA C 71 44.33 26.91 33.43
CA ALA C 71 42.90 26.90 33.14
C ALA C 71 42.57 26.72 31.67
N PRO C 72 43.29 27.33 30.71
CA PRO C 72 42.98 27.05 29.30
C PRO C 72 43.15 25.59 28.95
N VAL C 73 44.10 24.91 29.59
CA VAL C 73 44.26 23.47 29.36
C VAL C 73 43.10 22.71 30.01
N ARG C 74 42.70 23.10 31.22
CA ARG C 74 41.52 22.52 31.84
C ARG C 74 40.29 22.71 30.95
N GLY C 75 40.19 23.86 30.29
CA GLY C 75 39.07 24.09 29.39
C GLY C 75 39.06 23.15 28.21
N GLU C 76 40.25 22.68 27.79
CA GLU C 76 40.29 21.77 26.64
C GLU C 76 39.63 20.43 26.95
N LEU C 77 39.78 19.93 28.18
CA LEU C 77 39.03 18.75 28.58
C LEU C 77 37.53 18.99 28.47
N VAL C 78 37.07 20.15 28.93
CA VAL C 78 35.64 20.47 28.85
C VAL C 78 35.20 20.59 27.40
N ARG C 79 36.05 21.15 26.53
CA ARG C 79 35.71 21.19 25.11
C ARG C 79 35.55 19.79 24.54
N VAL C 80 36.49 18.89 24.87
CA VAL C 80 36.37 17.50 24.42
C VAL C 80 35.09 16.88 24.95
N PHE C 81 34.76 17.12 26.24
CA PHE C 81 33.54 16.56 26.79
C PHE C 81 32.31 17.05 26.04
N GLY C 82 32.26 18.35 25.73
CA GLY C 82 31.18 18.86 24.90
C GLY C 82 31.03 18.08 23.60
N ASN C 83 32.15 17.72 22.98
CA ASN C 83 32.09 16.95 21.73
C ASN C 83 31.62 15.52 21.97
N VAL C 84 32.01 14.90 23.09
CA VAL C 84 31.47 13.58 23.42
C VAL C 84 29.96 13.66 23.58
N LEU C 85 29.48 14.70 24.27
CA LEU C 85 28.05 14.90 24.43
C LEU C 85 27.35 15.08 23.09
N ARG C 86 27.96 15.85 22.19
CA ARG C 86 27.40 16.00 20.84
C ARG C 86 27.27 14.66 20.17
N GLU C 87 28.34 13.86 20.20
CA GLU C 87 28.35 12.53 19.58
C GLU C 87 27.19 11.68 20.08
N HIS C 88 26.83 11.81 21.36
CA HIS C 88 25.86 10.91 21.99
C HIS C 88 24.56 11.60 22.34
N LYS C 89 24.29 12.77 21.74
CA LYS C 89 23.16 13.59 22.15
C LYS C 89 21.84 12.84 22.05
N ALA C 90 21.61 12.15 20.92
CA ALA C 90 20.32 11.50 20.70
C ALA C 90 20.02 10.45 21.76
N GLU C 91 20.98 9.57 22.04
CA GLU C 91 20.75 8.49 23.00
C GLU C 91 20.64 9.01 24.41
N LEU C 92 21.46 10.00 24.78
CA LEU C 92 21.34 10.56 26.11
C LEU C 92 19.99 11.26 26.29
N GLY C 93 19.53 11.98 25.28
CA GLY C 93 18.21 12.58 25.31
C GLY C 93 17.11 11.57 25.52
N ARG C 94 17.17 10.43 24.82
CA ARG C 94 16.13 9.43 25.01
C ARG C 94 16.16 8.89 26.44
N LEU C 95 17.36 8.74 27.01
CA LEU C 95 17.46 8.26 28.39
C LEU C 95 16.87 9.27 29.37
N VAL C 96 17.08 10.56 29.14
CA VAL C 96 16.42 11.57 29.96
C VAL C 96 14.91 11.42 29.84
N THR C 97 14.41 11.24 28.61
CA THR C 97 12.98 11.01 28.41
C THR C 97 12.50 9.77 29.17
N LEU C 98 13.23 8.67 29.06
CA LEU C 98 12.78 7.43 29.70
C LEU C 98 12.77 7.55 31.22
N GLU C 99 13.71 8.29 31.79
CA GLU C 99 13.86 8.32 33.23
C GLU C 99 13.16 9.51 33.88
N ALA C 100 13.14 10.68 33.22
CA ALA C 100 12.46 11.86 33.76
C ALA C 100 11.08 12.09 33.19
N GLY C 101 10.71 11.40 32.11
CA GLY C 101 9.39 11.53 31.54
C GLY C 101 9.15 12.73 30.65
N LYS C 102 10.18 13.51 30.32
CA LYS C 102 9.94 14.67 29.48
C LYS C 102 9.95 14.27 28.01
N ILE C 103 9.23 15.04 27.20
CA ILE C 103 9.07 14.68 25.80
C ILE C 103 10.42 14.69 25.09
N THR C 104 10.48 13.96 23.97
CA THR C 104 11.75 13.71 23.28
C THR C 104 12.51 15.00 22.98
N SER C 105 11.80 16.05 22.53
CA SER C 105 12.48 17.30 22.21
C SER C 105 13.05 17.98 23.44
N GLU C 106 12.43 17.80 24.61
CA GLU C 106 13.00 18.34 25.85
C GLU C 106 14.15 17.48 26.37
N GLY C 107 14.10 16.17 26.16
CA GLY C 107 15.27 15.35 26.46
C GLY C 107 16.49 15.82 25.67
N LEU C 108 16.33 15.99 24.36
CA LEU C 108 17.40 16.52 23.54
C LEU C 108 17.82 17.91 24.00
N GLY C 109 16.84 18.79 24.25
CA GLY C 109 17.16 20.16 24.62
C GLY C 109 17.97 20.25 25.91
N GLU C 110 17.71 19.35 26.86
CA GLU C 110 18.48 19.36 28.11
C GLU C 110 19.92 18.95 27.85
N VAL C 111 20.13 17.94 27.02
CA VAL C 111 21.50 17.60 26.64
C VAL C 111 22.16 18.78 25.91
N GLN C 112 21.40 19.49 25.08
CA GLN C 112 21.97 20.66 24.39
C GLN C 112 22.41 21.73 25.37
N GLU C 113 21.70 21.87 26.49
CA GLU C 113 22.15 22.78 27.54
C GLU C 113 23.52 22.36 28.07
N MET C 114 23.72 21.06 28.28
CA MET C 114 25.03 20.58 28.70
C MET C 114 26.10 20.99 27.70
N ILE C 115 25.81 20.79 26.41
CA ILE C 115 26.78 21.13 25.37
C ILE C 115 27.06 22.63 25.39
N ASP C 116 26.01 23.45 25.51
CA ASP C 116 26.20 24.90 25.48
C ASP C 116 27.01 25.37 26.68
N ILE C 117 26.79 24.79 27.87
CA ILE C 117 27.59 25.26 29.01
C ILE C 117 29.05 24.84 28.85
N CYS C 118 29.31 23.69 28.20
CA CYS C 118 30.69 23.33 27.92
C CYS C 118 31.38 24.40 27.08
N ASP C 119 30.73 24.87 26.01
CA ASP C 119 31.35 25.89 25.15
C ASP C 119 31.57 27.18 25.90
N PHE C 120 30.61 27.56 26.75
CA PHE C 120 30.75 28.78 27.55
C PHE C 120 31.91 28.66 28.54
N ALA C 121 32.03 27.50 29.22
CA ALA C 121 33.13 27.31 30.14
C ALA C 121 34.48 27.30 29.43
N VAL C 122 34.55 26.80 28.20
CA VAL C 122 35.79 26.90 27.42
C VAL C 122 36.19 28.36 27.28
N GLY C 123 35.21 29.25 27.00
CA GLY C 123 35.51 30.67 26.97
C GLY C 123 36.03 31.18 28.31
N LEU C 124 35.34 30.81 29.39
CA LEU C 124 35.77 31.24 30.73
C LEU C 124 37.18 30.77 31.05
N SER C 125 37.61 29.64 30.49
CA SER C 125 38.92 29.08 30.85
C SER C 125 40.07 29.97 30.41
N ARG C 126 39.84 30.92 29.51
CA ARG C 126 40.84 31.90 29.15
C ARG C 126 40.58 33.23 29.82
N GLN C 127 39.74 33.23 30.85
CA GLN C 127 39.36 34.45 31.55
C GLN C 127 39.58 34.27 33.05
N LEU C 128 38.53 33.88 33.77
CA LEU C 128 38.58 33.76 35.24
C LEU C 128 39.14 35.05 35.84
N TYR C 129 38.51 36.17 35.48
CA TYR C 129 39.09 37.49 35.72
C TYR C 129 39.05 37.88 37.19
N GLY C 130 40.20 38.23 37.74
CA GLY C 130 40.26 39.11 38.88
C GLY C 130 40.56 40.53 38.43
N LEU C 131 41.27 41.27 39.29
CA LEU C 131 41.49 42.69 39.08
C LEU C 131 42.93 43.03 39.41
N THR C 132 43.49 44.00 38.68
CA THR C 132 44.61 44.78 39.19
C THR C 132 44.04 46.11 39.66
N ILE C 133 44.51 46.56 40.83
CA ILE C 133 43.85 47.62 41.60
C ILE C 133 44.90 48.62 42.05
N ALA C 134 44.60 49.91 41.90
CA ALA C 134 45.49 50.93 42.45
C ALA C 134 45.72 50.72 43.93
N SER C 135 46.95 50.95 44.38
CA SER C 135 47.30 50.90 45.79
C SER C 135 47.66 52.29 46.29
N GLU C 136 47.29 52.57 47.55
CA GLU C 136 47.66 53.82 48.19
C GLU C 136 49.12 53.86 48.62
N ARG C 137 49.83 52.74 48.56
CA ARG C 137 51.18 52.72 49.11
C ARG C 137 52.22 52.91 48.00
N PRO C 138 53.15 53.85 48.14
CA PRO C 138 54.18 54.02 47.10
C PRO C 138 55.03 52.77 46.94
N GLY C 139 55.42 52.48 45.70
CA GLY C 139 56.23 51.30 45.44
C GLY C 139 55.55 49.99 45.81
N HIS C 140 54.22 49.98 45.89
CA HIS C 140 53.45 48.76 46.06
C HIS C 140 52.49 48.63 44.87
N ARG C 141 52.13 47.39 44.59
CA ARG C 141 51.15 47.02 43.59
C ARG C 141 50.11 46.13 44.27
N MET C 142 48.84 46.24 43.84
CA MET C 142 47.78 45.44 44.46
C MET C 142 46.96 44.74 43.38
N MET C 143 46.49 43.54 43.70
CA MET C 143 45.68 42.80 42.74
C MET C 143 44.77 41.84 43.48
N GLU C 144 43.80 41.32 42.75
CA GLU C 144 42.88 40.33 43.25
C GLU C 144 42.97 39.13 42.33
N THR C 145 43.30 37.97 42.88
CA THR C 145 43.44 36.74 42.12
C THR C 145 42.41 35.73 42.59
N TRP C 146 42.09 34.78 41.72
CA TRP C 146 41.12 33.73 41.99
C TRP C 146 41.79 32.38 41.85
N HIS C 147 41.44 31.46 42.77
CA HIS C 147 42.11 30.17 42.85
C HIS C 147 41.12 29.02 43.02
N PRO C 148 41.43 27.87 42.41
CA PRO C 148 40.62 26.68 42.65
C PRO C 148 40.43 26.44 44.14
N ILE C 149 39.21 26.09 44.53
CA ILE C 149 38.87 26.02 45.95
C ILE C 149 38.97 24.59 46.49
N GLY C 150 38.62 23.60 45.70
CA GLY C 150 38.71 22.21 46.17
C GLY C 150 37.62 21.36 45.55
N VAL C 151 37.27 20.29 46.26
CA VAL C 151 36.20 19.40 45.81
C VAL C 151 34.89 20.17 45.79
N CYS C 152 34.19 20.11 44.65
CA CYS C 152 32.87 20.73 44.53
C CYS C 152 31.81 19.64 44.64
N GLY C 153 31.03 19.66 45.72
CA GLY C 153 29.92 18.73 45.86
C GLY C 153 28.73 19.22 45.06
N VAL C 154 28.06 18.28 44.39
CA VAL C 154 26.91 18.60 43.55
C VAL C 154 25.78 17.65 43.93
N ILE C 155 24.68 18.21 44.43
CA ILE C 155 23.46 17.48 44.75
C ILE C 155 22.36 17.99 43.84
N SER C 156 21.76 17.09 43.06
CA SER C 156 20.85 17.49 42.00
C SER C 156 19.47 16.85 42.18
N ALA C 157 18.49 17.43 41.49
CA ALA C 157 17.09 17.04 41.57
C ALA C 157 16.73 16.08 40.43
N PHE C 158 15.50 15.55 40.50
CA PHE C 158 15.07 14.55 39.52
C PHE C 158 14.71 15.17 38.17
N ASN C 159 14.26 16.42 38.16
CA ASN C 159 13.56 16.93 36.98
C ASN C 159 14.50 17.47 35.90
N PHE C 160 15.74 17.84 36.23
CA PHE C 160 16.76 18.13 35.22
C PHE C 160 17.98 17.26 35.50
N PRO C 161 17.87 15.96 35.22
CA PRO C 161 18.85 15.01 35.74
C PRO C 161 20.23 15.11 35.11
N VAL C 162 20.42 15.87 34.04
CA VAL C 162 21.76 15.99 33.45
C VAL C 162 22.25 17.44 33.36
N ALA C 163 21.35 18.40 33.14
CA ALA C 163 21.83 19.77 32.90
C ALA C 163 22.30 20.46 34.19
N VAL C 164 21.63 20.21 35.32
CA VAL C 164 22.08 20.81 36.58
C VAL C 164 23.51 20.40 36.90
N TRP C 165 23.81 19.10 36.81
CA TRP C 165 25.18 18.65 37.02
C TRP C 165 26.13 19.29 36.00
N ALA C 166 25.72 19.34 34.73
CA ALA C 166 26.59 19.90 33.70
C ALA C 166 26.92 21.36 34.00
N TRP C 167 25.91 22.14 34.37
CA TRP C 167 26.16 23.54 34.71
C TRP C 167 27.21 23.68 35.79
N ASN C 168 27.16 22.81 36.81
CA ASN C 168 28.14 22.91 37.90
C ASN C 168 29.48 22.33 37.52
N ALA C 169 29.50 21.17 36.86
CA ALA C 169 30.76 20.48 36.62
C ALA C 169 31.62 21.22 35.60
N ALA C 170 31.01 21.76 34.55
CA ALA C 170 31.78 22.47 33.53
C ALA C 170 32.51 23.66 34.15
N LEU C 171 31.81 24.43 34.98
CA LEU C 171 32.44 25.55 35.67
C LEU C 171 33.48 25.06 36.66
N ALA C 172 33.12 24.06 37.48
CA ALA C 172 34.06 23.59 38.49
C ALA C 172 35.34 23.05 37.84
N PHE C 173 35.19 22.24 36.79
CA PHE C 173 36.37 21.69 36.13
C PHE C 173 37.26 22.81 35.58
N VAL C 174 36.65 23.78 34.88
CA VAL C 174 37.44 24.88 34.33
C VAL C 174 38.05 25.71 35.45
N CYS C 175 37.38 25.78 36.60
CA CYS C 175 37.89 26.52 37.73
C CYS C 175 38.92 25.76 38.54
N GLY C 176 39.33 24.58 38.08
CA GLY C 176 40.36 23.83 38.78
C GLY C 176 39.86 22.95 39.92
N ASP C 177 38.56 22.70 40.00
CA ASP C 177 37.97 21.86 41.05
C ASP C 177 37.69 20.46 40.51
N SER C 178 37.75 19.48 41.41
CA SER C 178 37.15 18.18 41.14
C SER C 178 35.67 18.23 41.52
N VAL C 179 34.91 17.21 41.13
CA VAL C 179 33.47 17.18 41.39
C VAL C 179 33.09 15.83 41.99
N VAL C 180 32.28 15.85 43.06
CA VAL C 180 31.61 14.67 43.60
C VAL C 180 30.10 14.90 43.46
N TRP C 181 29.45 14.05 42.68
CA TRP C 181 28.05 14.21 42.28
C TRP C 181 27.17 13.20 43.02
N LYS C 182 26.14 13.68 43.72
CA LYS C 182 25.12 12.82 44.31
C LYS C 182 23.80 13.15 43.63
N PRO C 183 23.44 12.42 42.56
CA PRO C 183 22.17 12.69 41.88
C PRO C 183 20.96 12.22 42.68
N SER C 184 19.79 12.64 42.23
CA SER C 184 18.54 12.15 42.79
C SER C 184 18.45 10.63 42.66
N GLU C 185 18.06 9.96 43.74
CA GLU C 185 17.83 8.52 43.70
C GLU C 185 16.73 8.15 42.72
N LYS C 186 15.93 9.12 42.28
CA LYS C 186 14.91 8.84 41.28
C LYS C 186 15.46 8.80 39.87
N THR C 187 16.66 9.34 39.62
CA THR C 187 17.24 9.40 38.26
C THR C 187 18.71 9.00 38.26
N PRO C 188 19.03 7.77 38.70
CA PRO C 188 20.44 7.34 38.74
C PRO C 188 21.01 6.98 37.38
N LEU C 189 20.17 6.48 36.46
CA LEU C 189 20.69 5.98 35.19
C LEU C 189 21.24 7.09 34.31
N THR C 190 20.54 8.25 34.26
CA THR C 190 21.08 9.37 33.50
C THR C 190 22.43 9.82 34.06
N ALA C 191 22.60 9.70 35.39
CA ALA C 191 23.87 10.08 36.01
C ALA C 191 24.97 9.10 35.64
N ILE C 192 24.67 7.81 35.66
CA ILE C 192 25.63 6.82 35.18
C ILE C 192 26.10 7.19 33.77
N ALA C 193 25.15 7.53 32.90
CA ALA C 193 25.47 7.86 31.52
C ALA C 193 26.41 9.06 31.44
N CYS C 194 26.07 10.13 32.15
CA CYS C 194 26.94 11.29 32.19
C CYS C 194 28.34 10.93 32.66
N HIS C 195 28.41 10.09 33.70
CA HIS C 195 29.69 9.70 34.26
C HIS C 195 30.48 8.86 33.26
N VAL C 196 29.80 7.96 32.56
CA VAL C 196 30.46 7.15 31.53
C VAL C 196 30.96 8.05 30.39
N LEU C 197 30.14 9.01 29.96
CA LEU C 197 30.58 9.89 28.89
C LEU C 197 31.74 10.76 29.34
N LEU C 198 31.76 11.15 30.61
CA LEU C 198 32.90 11.88 31.15
C LEU C 198 34.18 11.03 31.11
N GLN C 199 34.08 9.75 31.45
CA GLN C 199 35.23 8.87 31.38
C GLN C 199 35.77 8.78 29.96
N LYS C 200 34.86 8.77 28.98
CA LYS C 200 35.29 8.77 27.59
C LYS C 200 36.07 10.04 27.26
N ALA C 201 35.55 11.21 27.68
CA ALA C 201 36.27 12.45 27.46
C ALA C 201 37.67 12.39 28.08
N LEU C 202 37.76 11.87 29.31
CA LEU C 202 39.03 11.75 29.99
C LEU C 202 39.99 10.85 29.22
N ARG C 203 39.47 9.74 28.67
CA ARG C 203 40.33 8.85 27.90
C ARG C 203 40.82 9.53 26.63
N GLU C 204 39.94 10.26 25.95
CA GLU C 204 40.35 11.00 24.76
C GLU C 204 41.36 12.09 25.11
N PHE C 205 41.09 12.83 26.20
CA PHE C 205 42.02 13.87 26.64
C PHE C 205 43.37 13.28 27.02
N GLU C 206 43.36 12.07 27.60
CA GLU C 206 44.61 11.42 27.99
C GLU C 206 45.48 11.10 26.79
N LYS C 207 44.86 10.83 25.63
CA LYS C 207 45.63 10.59 24.41
C LYS C 207 46.46 11.81 24.04
N THR C 208 45.82 12.98 24.04
CA THR C 208 46.44 14.21 23.57
C THR C 208 47.20 14.95 24.67
N HIS C 209 46.86 14.72 25.94
CA HIS C 209 47.46 15.42 27.07
C HIS C 209 47.86 14.39 28.12
N PRO C 210 48.87 13.58 27.85
CA PRO C 210 49.22 12.48 28.76
C PRO C 210 49.58 12.98 30.15
N GLY C 211 48.99 12.35 31.16
CA GLY C 211 49.32 12.65 32.54
C GLY C 211 48.77 13.95 33.07
N VAL C 212 47.97 14.68 32.29
CA VAL C 212 47.58 16.02 32.70
C VAL C 212 46.37 16.00 33.65
N ALA C 213 45.29 15.30 33.26
CA ALA C 213 44.05 15.28 34.06
C ALA C 213 44.03 14.07 35.00
N PRO C 214 43.65 14.25 36.27
CA PRO C 214 43.56 13.09 37.16
C PRO C 214 42.38 12.20 36.75
N ALA C 215 42.62 10.88 36.77
CA ALA C 215 41.55 9.95 36.42
C ALA C 215 40.35 10.10 37.36
N GLU C 216 40.57 10.51 38.61
CA GLU C 216 39.51 10.63 39.60
C GLU C 216 38.90 12.04 39.64
N LEU C 217 39.00 12.80 38.54
CA LEU C 217 38.54 14.18 38.54
C LEU C 217 37.05 14.26 38.86
N GLY C 218 36.24 13.36 38.30
CA GLY C 218 34.81 13.35 38.56
C GLY C 218 34.34 12.10 39.28
N GLN C 219 33.51 12.27 40.31
CA GLN C 219 32.98 11.13 41.06
C GLN C 219 31.46 11.10 41.01
N LEU C 220 30.92 9.87 41.01
CA LEU C 220 29.48 9.60 41.01
C LEU C 220 29.15 8.78 42.27
N VAL C 221 28.27 9.33 43.12
CA VAL C 221 27.84 8.66 44.34
C VAL C 221 26.34 8.39 44.23
N LEU C 222 25.97 7.13 44.22
CA LEU C 222 24.57 6.74 44.06
C LEU C 222 24.00 6.30 45.42
N GLY C 223 22.83 6.82 45.76
CA GLY C 223 22.17 6.44 46.98
C GLY C 223 21.15 7.49 47.40
N MET C 224 20.72 7.37 48.64
CA MET C 224 19.60 8.11 49.19
C MET C 224 20.10 9.37 49.89
N ARG C 225 19.24 9.99 50.71
CA ARG C 225 19.62 11.21 51.40
C ARG C 225 20.85 10.98 52.28
N ASP C 226 21.00 9.75 52.79
CA ASP C 226 22.07 9.45 53.73
C ASP C 226 23.45 9.68 53.10
N VAL C 227 23.64 9.30 51.84
CA VAL C 227 24.96 9.53 51.23
C VAL C 227 25.10 10.98 50.81
N GLY C 228 23.99 11.68 50.55
CA GLY C 228 24.06 13.12 50.37
C GLY C 228 24.59 13.84 51.59
N GLU C 229 24.31 13.30 52.77
CA GLU C 229 24.74 13.91 54.02
C GLU C 229 26.21 13.66 54.32
N VAL C 230 26.76 12.53 53.87
CA VAL C 230 28.20 12.33 53.95
C VAL C 230 28.91 13.40 53.14
N LEU C 231 28.38 13.67 51.94
CA LEU C 231 28.99 14.70 51.10
C LEU C 231 28.94 16.06 51.77
N THR C 232 27.76 16.44 52.30
CA THR C 232 27.61 17.78 52.87
C THR C 232 28.44 17.94 54.14
N ALA C 233 28.63 16.85 54.90
CA ALA C 233 29.37 16.90 56.14
C ALA C 233 30.89 16.78 55.96
N SER C 234 31.38 16.42 54.77
CA SER C 234 32.80 16.17 54.61
C SER C 234 33.60 17.46 54.74
N LYS C 235 34.61 17.46 55.60
CA LYS C 235 35.45 18.64 55.78
C LYS C 235 36.37 18.91 54.59
N LYS C 236 36.47 17.99 53.62
CA LYS C 236 37.26 18.19 52.41
C LYS C 236 36.46 18.78 51.26
N VAL C 237 35.23 19.19 51.51
CA VAL C 237 34.35 19.71 50.46
C VAL C 237 34.00 21.16 50.77
N PRO C 238 34.76 22.14 50.27
CA PRO C 238 34.54 23.53 50.69
C PRO C 238 33.35 24.22 50.05
N VAL C 239 32.79 23.67 48.98
CA VAL C 239 31.61 24.25 48.36
C VAL C 239 30.68 23.10 47.96
N VAL C 240 29.39 23.28 48.22
CA VAL C 240 28.38 22.33 47.82
C VAL C 240 27.29 23.06 47.06
N SER C 241 27.05 22.65 45.82
CA SER C 241 25.93 23.12 45.04
C SER C 241 24.76 22.16 45.25
N ALA C 242 23.66 22.67 45.78
CA ALA C 242 22.52 21.82 46.16
C ALA C 242 21.27 22.34 45.47
N THR C 243 20.69 21.49 44.62
CA THR C 243 19.50 21.83 43.84
C THR C 243 18.36 20.91 44.26
N GLY C 244 17.25 21.50 44.70
CA GLY C 244 16.13 20.68 45.14
C GLY C 244 15.10 21.49 45.89
N SER C 245 14.37 20.82 46.76
CA SER C 245 13.31 21.46 47.52
C SER C 245 13.87 22.40 48.56
N VAL C 246 13.02 23.32 49.00
CA VAL C 246 13.37 24.23 50.09
C VAL C 246 13.78 23.45 51.34
N ARG C 247 13.07 22.36 51.65
CA ARG C 247 13.38 21.63 52.87
C ARG C 247 14.78 21.06 52.82
N MET C 248 15.16 20.45 51.69
CA MET C 248 16.52 19.97 51.51
C MET C 248 17.54 21.08 51.73
N GLY C 249 17.29 22.27 51.16
CA GLY C 249 18.27 23.35 51.25
C GLY C 249 18.50 23.82 52.68
N GLN C 250 17.43 23.94 53.47
CA GLN C 250 17.59 24.30 54.88
C GLN C 250 18.45 23.26 55.59
N GLU C 251 18.22 21.97 55.30
CA GLU C 251 18.97 20.91 55.95
C GLU C 251 20.44 20.96 55.52
N VAL C 252 20.69 21.17 54.23
CA VAL C 252 22.06 21.26 53.74
C VAL C 252 22.74 22.49 54.31
N ALA C 253 22.07 23.65 54.27
CA ALA C 253 22.69 24.89 54.74
C ALA C 253 23.07 24.76 56.21
N LYS C 254 22.26 24.07 57.00
CA LYS C 254 22.61 23.86 58.40
C LYS C 254 23.94 23.12 58.53
N VAL C 255 24.09 22.01 57.81
CA VAL C 255 25.32 21.23 57.90
C VAL C 255 26.50 22.02 57.35
N LEU C 256 26.32 22.71 56.21
CA LEU C 256 27.40 23.51 55.67
C LEU C 256 27.85 24.57 56.67
N SER C 257 26.88 25.22 57.34
CA SER C 257 27.18 26.29 58.29
C SER C 257 28.03 25.82 59.46
N GLN C 258 27.73 24.62 59.98
CA GLN C 258 28.45 24.15 61.17
C GLN C 258 29.94 24.01 60.89
N ARG C 259 30.33 23.72 59.66
CA ARG C 259 31.74 23.63 59.30
C ARG C 259 32.19 24.82 58.45
N LEU C 260 31.38 25.89 58.44
CA LEU C 260 31.73 27.15 57.77
C LEU C 260 32.11 26.92 56.30
N ALA C 261 31.28 26.15 55.61
CA ALA C 261 31.48 25.82 54.20
C ALA C 261 30.51 26.62 53.34
N ARG C 262 30.78 26.61 52.03
CA ARG C 262 30.04 27.47 51.11
C ARG C 262 28.90 26.67 50.46
N GLY C 263 27.75 27.31 50.34
CA GLY C 263 26.61 26.72 49.65
C GLY C 263 26.25 27.51 48.41
N ILE C 264 25.88 26.80 47.36
CA ILE C 264 25.19 27.39 46.22
C ILE C 264 23.80 26.77 46.24
N LEU C 265 22.83 27.46 46.84
CA LEU C 265 21.53 26.86 47.11
C LEU C 265 20.55 27.24 46.01
N GLU C 266 20.03 26.23 45.31
CA GLU C 266 19.12 26.40 44.20
C GLU C 266 17.84 25.65 44.55
N LEU C 267 16.92 26.33 45.22
CA LEU C 267 15.77 25.64 45.80
C LEU C 267 14.51 25.93 45.00
N GLY C 268 13.34 25.76 45.63
CA GLY C 268 12.10 25.77 44.89
C GLY C 268 11.69 27.16 44.41
N GLY C 269 10.81 27.18 43.40
CA GLY C 269 10.17 28.39 42.94
C GLY C 269 8.65 28.32 43.08
N ASN C 270 8.01 29.46 42.86
CA ASN C 270 6.54 29.54 42.84
C ASN C 270 6.20 30.70 41.90
N ASN C 271 6.45 30.48 40.62
CA ASN C 271 6.71 31.59 39.71
C ASN C 271 5.42 32.17 39.16
N GLY C 272 5.35 33.50 39.17
CA GLY C 272 4.16 34.21 38.75
C GLY C 272 4.36 35.13 37.58
N MET C 273 3.27 35.45 36.91
CA MET C 273 3.27 36.36 35.78
C MET C 273 2.13 37.35 35.96
N ILE C 274 2.45 38.65 35.85
CA ILE C 274 1.44 39.69 35.80
C ILE C 274 1.14 39.95 34.33
N VAL C 275 -0.15 39.94 33.98
CA VAL C 275 -0.61 40.28 32.64
C VAL C 275 -1.34 41.61 32.74
N ALA C 276 -0.75 42.65 32.19
CA ALA C 276 -1.29 44.00 32.33
C ALA C 276 -2.21 44.34 31.16
N PRO C 277 -3.03 45.39 31.29
CA PRO C 277 -4.05 45.67 30.26
C PRO C 277 -3.53 45.79 28.82
N SER C 278 -2.30 46.27 28.59
CA SER C 278 -1.81 46.47 27.23
C SER C 278 -1.13 45.23 26.64
N ALA C 279 -1.18 44.09 27.34
CA ALA C 279 -0.43 42.92 26.89
C ALA C 279 -0.91 42.45 25.52
N ASP C 280 0.03 41.92 24.76
CA ASP C 280 -0.27 41.24 23.50
C ASP C 280 -0.92 39.90 23.85
N LEU C 281 -2.23 39.81 23.68
CA LEU C 281 -2.96 38.64 24.15
C LEU C 281 -2.63 37.38 23.34
N ASP C 282 -2.43 37.53 22.02
CA ASP C 282 -1.98 36.39 21.21
C ASP C 282 -0.69 35.80 21.76
N LEU C 283 0.24 36.66 22.19
CA LEU C 283 1.48 36.21 22.79
C LEU C 283 1.23 35.61 24.17
N VAL C 284 0.37 36.27 24.97
CA VAL C 284 0.13 35.82 26.33
C VAL C 284 -0.37 34.38 26.34
N VAL C 285 -1.40 34.09 25.53
CA VAL C 285 -2.01 32.77 25.59
CA VAL C 285 -2.02 32.76 25.55
C VAL C 285 -0.97 31.68 25.33
N ARG C 286 -0.08 31.92 24.36
CA ARG C 286 0.94 30.91 24.06
C ARG C 286 1.98 30.84 25.16
N ALA C 287 2.49 32.00 25.60
CA ALA C 287 3.52 32.01 26.62
C ALA C 287 3.00 31.40 27.91
N VAL C 288 1.76 31.72 28.29
CA VAL C 288 1.21 31.16 29.51
C VAL C 288 1.10 29.65 29.39
N THR C 289 0.50 29.17 28.29
CA THR C 289 0.26 27.75 28.11
C THR C 289 1.56 26.95 28.18
N PHE C 290 2.57 27.36 27.41
CA PHE C 290 3.79 26.56 27.34
C PHE C 290 4.57 26.59 28.66
N ALA C 291 4.58 27.75 29.34
CA ALA C 291 5.31 27.85 30.59
C ALA C 291 4.59 27.13 31.73
N ALA C 292 3.28 26.98 31.64
CA ALA C 292 2.53 26.37 32.73
C ALA C 292 2.48 24.84 32.62
N VAL C 293 2.27 24.31 31.41
CA VAL C 293 2.09 22.87 31.24
C VAL C 293 3.36 22.19 30.76
N GLY C 294 4.35 22.94 30.30
CA GLY C 294 5.59 22.32 29.84
C GLY C 294 6.19 21.44 30.91
N THR C 295 6.74 20.29 30.51
CA THR C 295 7.38 19.35 31.41
C THR C 295 6.42 18.88 32.51
N ALA C 296 5.12 18.88 32.19
CA ALA C 296 4.08 18.53 33.16
C ALA C 296 4.19 19.38 34.41
N GLY C 297 4.54 20.66 34.23
CA GLY C 297 4.64 21.55 35.37
C GLY C 297 5.75 21.21 36.34
N GLN C 298 6.74 20.44 35.89
CA GLN C 298 7.85 20.00 36.73
C GLN C 298 9.15 20.71 36.35
N ARG C 299 9.06 21.97 35.93
CA ARG C 299 10.23 22.81 35.89
C ARG C 299 10.25 23.63 37.16
N CYS C 300 11.43 23.93 37.65
CA CYS C 300 11.52 24.83 38.80
CA CYS C 300 11.49 24.82 38.80
C CYS C 300 11.09 26.24 38.44
N THR C 301 11.15 26.59 37.15
CA THR C 301 10.66 27.86 36.63
C THR C 301 9.24 27.76 36.07
N THR C 302 8.52 26.65 36.32
CA THR C 302 7.17 26.49 35.80
C THR C 302 6.29 27.66 36.24
N LEU C 303 5.43 28.13 35.34
CA LEU C 303 4.45 29.15 35.70
C LEU C 303 3.37 28.53 36.58
N ARG C 304 3.22 29.05 37.80
CA ARG C 304 2.24 28.52 38.74
C ARG C 304 1.23 29.53 39.22
N ARG C 305 1.46 30.82 38.98
CA ARG C 305 0.55 31.87 39.42
C ARG C 305 0.37 32.84 38.27
N LEU C 306 -0.87 33.10 37.91
CA LEU C 306 -1.21 34.07 36.87
C LEU C 306 -2.01 35.19 37.51
N ILE C 307 -1.48 36.41 37.44
CA ILE C 307 -2.08 37.58 38.06
C ILE C 307 -2.52 38.49 36.93
N VAL C 308 -3.83 38.47 36.61
CA VAL C 308 -4.34 38.99 35.34
C VAL C 308 -5.27 40.17 35.60
N HIS C 309 -5.10 41.23 34.83
CA HIS C 309 -5.94 42.40 35.03
C HIS C 309 -7.40 42.07 34.74
N ARG C 310 -8.29 42.61 35.57
CA ARG C 310 -9.72 42.31 35.49
C ARG C 310 -10.26 42.51 34.09
N SER C 311 -9.81 43.54 33.38
CA SER C 311 -10.37 43.84 32.07
C SER C 311 -10.08 42.76 31.03
N LEU C 312 -9.14 41.87 31.31
CA LEU C 312 -8.71 40.87 30.34
C LEU C 312 -9.31 39.50 30.58
N VAL C 313 -9.97 39.30 31.72
CA VAL C 313 -10.36 37.96 32.15
C VAL C 313 -11.28 37.30 31.13
N GLU C 314 -12.39 37.97 30.78
CA GLU C 314 -13.37 37.33 29.91
C GLU C 314 -12.80 37.01 28.53
N GLN C 315 -11.89 37.84 28.04
CA GLN C 315 -11.25 37.63 26.73
C GLN C 315 -10.17 36.56 26.81
N LEU C 316 -9.28 36.65 27.80
CA LEU C 316 -8.05 35.85 27.83
C LEU C 316 -8.30 34.46 28.40
N LEU C 317 -9.07 34.34 29.47
CA LEU C 317 -9.20 33.04 30.13
C LEU C 317 -9.82 31.94 29.27
N PRO C 318 -10.87 32.18 28.48
CA PRO C 318 -11.38 31.11 27.60
C PRO C 318 -10.38 30.66 26.55
N ARG C 319 -9.50 31.55 26.10
CA ARG C 319 -8.47 31.18 25.14
C ARG C 319 -7.46 30.24 25.77
N ILE C 320 -7.06 30.53 27.02
CA ILE C 320 -6.12 29.65 27.72
C ILE C 320 -6.76 28.31 27.99
N GLU C 321 -8.04 28.31 28.37
CA GLU C 321 -8.76 27.06 28.58
C GLU C 321 -8.84 26.24 27.29
N LYS C 322 -9.14 26.91 26.17
CA LYS C 322 -9.20 26.23 24.88
C LYS C 322 -7.85 25.62 24.54
N ALA C 323 -6.77 26.37 24.71
CA ALA C 323 -5.44 25.83 24.45
C ALA C 323 -5.16 24.64 25.35
N TYR C 324 -5.43 24.78 26.65
CA TYR C 324 -5.24 23.69 27.60
C TYR C 324 -5.92 22.41 27.12
N ALA C 325 -7.21 22.48 26.78
CA ALA C 325 -7.95 21.28 26.44
C ALA C 325 -7.39 20.61 25.19
N SER C 326 -6.75 21.38 24.30
CA SER C 326 -6.22 20.82 23.07
C SER C 326 -4.82 20.25 23.25
N VAL C 327 -4.23 20.43 24.42
CA VAL C 327 -2.89 19.92 24.69
C VAL C 327 -2.95 18.40 24.77
N LYS C 328 -2.03 17.74 24.08
CA LYS C 328 -1.98 16.29 24.07
C LYS C 328 -1.19 15.79 25.28
N VAL C 329 -1.85 15.06 26.16
CA VAL C 329 -1.22 14.36 27.27
C VAL C 329 -1.03 12.91 26.85
N GLY C 330 0.18 12.39 27.01
CA GLY C 330 0.43 11.03 26.58
C GLY C 330 1.90 10.65 26.70
N ASN C 331 2.24 9.56 26.02
CA ASN C 331 3.57 8.98 26.04
C ASN C 331 4.59 9.97 25.51
N PRO C 332 5.59 10.38 26.29
CA PRO C 332 6.48 11.47 25.85
C PRO C 332 7.39 11.08 24.70
N LEU C 333 7.47 9.80 24.35
CA LEU C 333 8.19 9.40 23.15
C LEU C 333 7.38 9.62 21.89
N GLU C 334 6.06 9.74 22.02
CA GLU C 334 5.18 9.75 20.86
C GLU C 334 5.10 11.14 20.26
N GLU C 335 5.13 11.19 18.93
CA GLU C 335 4.95 12.46 18.23
C GLU C 335 3.59 13.06 18.58
N GLY C 336 3.58 14.36 18.86
CA GLY C 336 2.37 15.06 19.20
C GLY C 336 2.19 15.28 20.69
N THR C 337 2.79 14.43 21.52
CA THR C 337 2.72 14.62 22.97
C THR C 337 3.38 15.93 23.36
N LEU C 338 2.66 16.76 24.10
CA LEU C 338 3.26 17.94 24.71
C LEU C 338 3.51 17.75 26.20
N VAL C 339 2.69 16.95 26.87
CA VAL C 339 2.77 16.75 28.31
C VAL C 339 2.94 15.26 28.56
N GLY C 340 4.08 14.89 29.14
CA GLY C 340 4.29 13.53 29.58
C GLY C 340 3.75 13.33 30.97
N PRO C 341 4.21 12.30 31.67
CA PRO C 341 3.66 11.97 32.98
C PRO C 341 4.32 12.77 34.11
N LEU C 342 3.63 12.78 35.25
CA LEU C 342 4.27 13.15 36.51
C LEU C 342 5.28 12.05 36.91
N VAL C 343 6.19 12.42 37.82
CA VAL C 343 7.33 11.54 38.10
C VAL C 343 6.90 10.26 38.81
N ASP C 344 5.95 10.34 39.73
CA ASP C 344 5.61 9.15 40.51
C ASP C 344 4.24 9.33 41.16
N ARG C 345 3.85 8.36 41.97
CA ARG C 345 2.56 8.41 42.65
C ARG C 345 2.50 9.57 43.64
N ALA C 346 3.56 9.73 44.44
CA ALA C 346 3.58 10.81 45.43
C ALA C 346 3.34 12.17 44.76
N SER C 347 3.89 12.36 43.56
CA SER C 347 3.67 13.61 42.84
C SER C 347 2.19 13.78 42.48
N PHE C 348 1.57 12.71 41.94
CA PHE C 348 0.16 12.76 41.63
C PHE C 348 -0.68 13.04 42.86
N ASP C 349 -0.40 12.32 43.95
CA ASP C 349 -1.13 12.52 45.19
C ASP C 349 -0.98 13.95 45.70
N ALA C 350 0.24 14.49 45.64
CA ALA C 350 0.46 15.87 46.07
C ALA C 350 -0.33 16.84 45.21
N MET C 351 -0.43 16.55 43.91
CA MET C 351 -1.24 17.39 43.03
C MET C 351 -2.71 17.37 43.43
N GLN C 352 -3.28 16.17 43.57
CA GLN C 352 -4.70 16.08 43.88
C GLN C 352 -5.03 16.67 45.24
N LYS C 353 -4.11 16.55 46.20
CA LYS C 353 -4.31 17.22 47.49
C LYS C 353 -4.37 18.73 47.32
N ALA C 354 -3.46 19.30 46.50
CA ALA C 354 -3.49 20.75 46.26
C ALA C 354 -4.81 21.19 45.63
N LEU C 355 -5.31 20.42 44.66
CA LEU C 355 -6.57 20.79 44.03
C LEU C 355 -7.72 20.76 45.02
N ALA C 356 -7.73 19.75 45.90
CA ALA C 356 -8.75 19.68 46.94
C ALA C 356 -8.69 20.88 47.87
N ASP C 357 -7.48 21.26 48.29
CA ASP C 357 -7.31 22.47 49.10
C ASP C 357 -7.83 23.69 48.35
N ALA C 358 -7.50 23.79 47.07
CA ALA C 358 -7.92 24.93 46.27
C ALA C 358 -9.43 25.07 46.26
N ARG C 359 -10.14 23.96 46.00
CA ARG C 359 -11.61 24.00 46.04
C ARG C 359 -12.11 24.41 47.41
N GLU C 360 -11.51 23.86 48.47
CA GLU C 360 -11.89 24.26 49.83
C GLU C 360 -11.67 25.75 50.05
N GLN C 361 -10.68 26.33 49.37
CA GLN C 361 -10.35 27.72 49.52
C GLN C 361 -11.05 28.60 48.49
N GLY C 362 -12.16 28.13 47.94
CA GLY C 362 -12.98 28.89 47.03
C GLY C 362 -12.55 28.82 45.58
N GLY C 363 -11.59 27.96 45.24
CA GLY C 363 -11.12 27.88 43.88
C GLY C 363 -12.04 27.06 43.00
N GLU C 364 -12.00 27.38 41.71
CA GLU C 364 -12.78 26.70 40.67
C GLU C 364 -11.81 26.03 39.71
N VAL C 365 -11.78 24.70 39.71
CA VAL C 365 -10.77 23.91 39.01
C VAL C 365 -11.29 23.49 37.64
N LYS C 366 -10.46 23.66 36.62
CA LYS C 366 -10.67 23.03 35.32
C LYS C 366 -9.45 22.18 34.99
N GLY C 367 -9.69 21.02 34.38
CA GLY C 367 -8.59 20.09 34.20
C GLY C 367 -8.16 19.46 35.51
N GLY C 368 -6.97 18.85 35.48
CA GLY C 368 -6.39 18.23 36.66
C GLY C 368 -6.70 16.77 36.86
N GLU C 369 -7.59 16.18 36.07
CA GLU C 369 -7.96 14.79 36.25
C GLU C 369 -6.90 13.86 35.66
N ARG C 370 -6.88 12.64 36.16
CA ARG C 370 -5.91 11.66 35.69
C ARG C 370 -6.28 11.17 34.30
N VAL C 371 -5.27 10.91 33.49
CA VAL C 371 -5.44 10.39 32.15
C VAL C 371 -4.97 8.95 32.17
N ASP C 372 -5.91 8.01 32.04
CA ASP C 372 -5.58 6.60 32.12
C ASP C 372 -4.89 6.16 30.83
N VAL C 373 -3.70 5.57 30.96
CA VAL C 373 -2.95 5.07 29.81
C VAL C 373 -2.70 3.57 29.89
N GLY C 374 -3.35 2.86 30.82
CA GLY C 374 -3.19 1.43 30.92
C GLY C 374 -2.08 0.96 31.84
N HIS C 375 -1.46 1.87 32.60
CA HIS C 375 -0.40 1.49 33.54
C HIS C 375 -0.76 2.09 34.89
N ALA C 376 -0.94 1.23 35.90
CA ALA C 376 -1.37 1.70 37.21
C ALA C 376 -0.28 2.44 37.97
N ASP C 377 1.01 2.20 37.66
CA ASP C 377 2.09 2.95 38.28
C ASP C 377 2.68 4.02 37.37
N ALA C 378 1.91 4.48 36.39
CA ALA C 378 2.27 5.68 35.62
C ALA C 378 1.19 6.71 35.82
N TYR C 379 1.59 7.95 36.07
CA TYR C 379 0.68 9.01 36.50
C TYR C 379 0.69 10.16 35.49
N TYR C 380 -0.29 10.14 34.58
CA TYR C 380 -0.53 11.21 33.62
C TYR C 380 -1.74 12.02 34.06
N VAL C 381 -1.67 13.34 33.90
CA VAL C 381 -2.75 14.23 34.30
C VAL C 381 -3.01 15.29 33.24
N ARG C 382 -4.25 15.73 33.16
CA ARG C 382 -4.56 16.96 32.45
C ARG C 382 -4.00 18.14 33.23
N PRO C 383 -3.30 19.05 32.58
CA PRO C 383 -2.93 20.31 33.27
C PRO C 383 -4.16 21.01 33.83
N ALA C 384 -4.01 21.58 35.02
CA ALA C 384 -5.11 22.22 35.73
C ALA C 384 -4.94 23.73 35.73
N ILE C 385 -6.06 24.45 35.61
CA ILE C 385 -6.10 25.89 35.74
C ILE C 385 -7.22 26.24 36.71
N VAL C 386 -6.90 27.03 37.72
CA VAL C 386 -7.80 27.22 38.87
C VAL C 386 -8.05 28.69 39.06
N ARG C 387 -9.31 29.11 38.95
CA ARG C 387 -9.71 30.47 39.26
C ARG C 387 -9.74 30.63 40.78
N MET C 388 -8.88 31.50 41.33
CA MET C 388 -8.85 31.64 42.78
C MET C 388 -9.37 33.01 43.22
N PRO C 389 -10.17 33.08 44.27
CA PRO C 389 -10.64 34.40 44.74
C PRO C 389 -9.53 35.22 45.37
N LYS C 390 -8.50 34.58 45.91
CA LYS C 390 -7.35 35.27 46.47
C LYS C 390 -6.15 34.33 46.39
N GLN C 391 -4.97 34.90 46.62
CA GLN C 391 -3.73 34.11 46.69
C GLN C 391 -3.65 33.53 48.09
N SER C 392 -4.40 32.44 48.29
CA SER C 392 -4.57 31.81 49.59
C SER C 392 -3.46 30.80 49.87
N ALA C 393 -3.62 30.00 50.93
CA ALA C 393 -2.52 29.19 51.45
C ALA C 393 -2.00 28.19 50.43
N VAL C 394 -2.90 27.53 49.69
CA VAL C 394 -2.45 26.52 48.75
C VAL C 394 -1.64 27.16 47.64
N VAL C 395 -1.94 28.42 47.29
CA VAL C 395 -1.19 29.09 46.23
C VAL C 395 0.23 29.40 46.70
N GLU C 396 0.42 29.61 48.01
CA GLU C 396 1.75 29.93 48.51
C GLU C 396 2.67 28.72 48.52
N ARG C 397 2.14 27.50 48.53
CA ARG C 397 2.94 26.28 48.43
C ARG C 397 3.37 26.02 47.00
N GLU C 398 4.59 25.50 46.85
CA GLU C 398 5.05 24.95 45.57
C GLU C 398 4.56 23.52 45.44
N THR C 399 3.55 23.29 44.60
CA THR C 399 3.13 21.95 44.27
C THR C 399 3.72 21.59 42.90
N PHE C 400 4.60 20.59 42.89
CA PHE C 400 5.41 20.29 41.70
C PHE C 400 4.58 19.50 40.69
N ALA C 401 3.67 20.22 40.05
CA ALA C 401 2.65 19.65 39.18
C ALA C 401 2.08 20.77 38.32
N PRO C 402 1.43 20.44 37.19
CA PRO C 402 0.87 21.50 36.35
C PRO C 402 -0.45 22.02 36.90
N ILE C 403 -0.36 23.04 37.75
CA ILE C 403 -1.52 23.75 38.28
C ILE C 403 -1.23 25.23 38.13
N LEU C 404 -2.10 25.95 37.44
CA LEU C 404 -1.95 27.38 37.27
C LEU C 404 -3.06 28.07 38.07
N TYR C 405 -2.68 28.74 39.16
CA TYR C 405 -3.63 29.51 39.97
C TYR C 405 -3.76 30.91 39.38
N VAL C 406 -5.02 31.34 39.17
CA VAL C 406 -5.33 32.59 38.47
C VAL C 406 -5.97 33.54 39.47
N MET C 407 -5.33 34.69 39.69
CA MET C 407 -5.86 35.74 40.55
C MET C 407 -6.10 36.99 39.71
N VAL C 408 -7.17 37.70 40.02
CA VAL C 408 -7.51 38.93 39.30
C VAL C 408 -6.92 40.12 40.04
N TYR C 409 -6.53 41.16 39.32
CA TYR C 409 -6.08 42.39 39.95
C TYR C 409 -6.65 43.60 39.23
N ASP C 410 -6.70 44.72 39.95
CA ASP C 410 -7.09 45.99 39.41
C ASP C 410 -5.96 47.00 39.37
N ASN C 411 -5.30 47.22 40.51
CA ASN C 411 -4.26 48.23 40.65
C ASN C 411 -2.88 47.59 40.51
N PHE C 412 -2.02 48.22 39.71
CA PHE C 412 -0.73 47.62 39.39
C PHE C 412 0.16 47.46 40.61
N ASP C 413 0.17 48.46 41.51
CA ASP C 413 0.96 48.32 42.73
C ASP C 413 0.50 47.13 43.55
N ASP C 414 -0.82 46.92 43.63
CA ASP C 414 -1.33 45.77 44.37
C ASP C 414 -0.91 44.46 43.72
N ALA C 415 -0.92 44.42 42.38
CA ALA C 415 -0.49 43.22 41.68
C ALA C 415 0.96 42.86 42.03
N ILE C 416 1.82 43.87 42.18
CA ILE C 416 3.20 43.59 42.55
CA ILE C 416 3.21 43.63 42.57
C ILE C 416 3.27 43.01 43.95
N ASP C 417 2.41 43.49 44.87
CA ASP C 417 2.39 42.94 46.22
C ASP C 417 1.96 41.48 46.20
N VAL C 418 0.88 41.18 45.47
CA VAL C 418 0.44 39.79 45.35
C VAL C 418 1.54 38.95 44.73
N HIS C 419 2.21 39.48 43.70
CA HIS C 419 3.30 38.73 43.10
C HIS C 419 4.39 38.41 44.10
N ASN C 420 4.75 39.38 44.96
CA ASN C 420 5.87 39.21 45.87
C ASN C 420 5.50 38.48 47.17
N ALA C 421 4.23 38.12 47.38
CA ALA C 421 3.79 37.68 48.70
C ALA C 421 4.06 36.20 48.99
N VAL C 422 4.55 35.41 48.04
CA VAL C 422 4.83 34.00 48.28
C VAL C 422 6.22 33.90 48.91
N PRO C 423 6.58 32.78 49.55
CA PRO C 423 7.92 32.70 50.17
C PRO C 423 9.05 32.42 49.19
N GLN C 424 8.76 31.96 47.98
CA GLN C 424 9.81 31.65 47.00
C GLN C 424 10.16 32.90 46.19
N GLY C 425 11.24 32.80 45.41
CA GLY C 425 11.63 33.94 44.61
C GLY C 425 12.53 33.61 43.44
N LEU C 426 12.14 32.63 42.63
CA LEU C 426 13.03 32.17 41.55
C LEU C 426 12.83 33.03 40.31
N SER C 427 11.79 32.78 39.53
CA SER C 427 11.59 33.56 38.31
C SER C 427 10.21 34.19 38.32
N SER C 428 10.04 35.16 37.42
CA SER C 428 8.87 36.03 37.42
C SER C 428 8.79 36.70 36.06
N ALA C 429 7.60 37.17 35.70
CA ALA C 429 7.44 37.82 34.41
C ALA C 429 6.30 38.81 34.44
N ILE C 430 6.39 39.84 33.61
CA ILE C 430 5.24 40.71 33.35
C ILE C 430 5.01 40.74 31.85
N PHE C 431 3.75 40.64 31.44
CA PHE C 431 3.39 40.83 30.04
C PHE C 431 2.65 42.15 29.92
N THR C 432 3.27 43.08 29.19
CA THR C 432 2.73 44.42 29.03
C THR C 432 3.48 45.03 27.84
N ASN C 433 2.85 45.98 27.17
CA ASN C 433 3.56 46.78 26.19
C ASN C 433 3.82 48.18 26.69
N ASP C 434 3.46 48.48 27.94
CA ASP C 434 3.69 49.78 28.57
C ASP C 434 5.09 49.77 29.18
N MET C 435 5.99 50.61 28.65
CA MET C 435 7.35 50.62 29.15
C MET C 435 7.40 51.02 30.62
N ARG C 436 6.45 51.85 31.08
CA ARG C 436 6.47 52.26 32.47
C ARG C 436 6.21 51.06 33.40
N GLU C 437 5.23 50.22 33.07
CA GLU C 437 4.98 49.04 33.90
C GLU C 437 6.12 48.05 33.81
N ALA C 438 6.71 47.90 32.62
CA ALA C 438 7.82 46.97 32.46
C ALA C 438 9.00 47.38 33.33
N GLU C 439 9.38 48.66 33.26
CA GLU C 439 10.50 49.12 34.07
C GLU C 439 10.19 49.07 35.57
N GLN C 440 8.99 49.48 35.98
CA GLN C 440 8.61 49.37 37.39
CA GLN C 440 8.63 49.37 37.39
C GLN C 440 8.75 47.93 37.88
N PHE C 441 8.35 46.97 37.05
CA PHE C 441 8.43 45.56 37.44
C PHE C 441 9.87 45.09 37.63
N MET C 442 10.80 45.63 36.84
CA MET C 442 12.21 45.27 36.97
C MET C 442 12.94 46.14 37.99
N SER C 443 12.29 47.17 38.53
CA SER C 443 12.95 48.13 39.42
C SER C 443 13.07 47.56 40.83
N ALA C 444 13.66 48.35 41.74
CA ALA C 444 13.94 47.87 43.08
C ALA C 444 12.66 47.51 43.81
N ALA C 445 11.59 48.26 43.59
CA ALA C 445 10.32 48.00 44.24
C ALA C 445 9.42 47.10 43.42
N GLY C 446 9.96 46.44 42.40
CA GLY C 446 9.16 45.56 41.59
C GLY C 446 9.26 44.11 42.03
N SER C 447 9.42 43.21 41.07
CA SER C 447 9.53 41.79 41.40
C SER C 447 10.73 41.54 42.30
N ASP C 448 10.55 40.70 43.30
CA ASP C 448 11.61 40.40 44.25
C ASP C 448 12.43 39.18 43.86
N CYS C 449 12.31 38.72 42.62
CA CYS C 449 12.87 37.43 42.23
C CYS C 449 14.28 37.55 41.68
N GLY C 450 14.94 36.40 41.50
CA GLY C 450 16.25 36.40 40.87
C GLY C 450 16.20 36.50 39.37
N ILE C 451 15.08 36.13 38.77
CA ILE C 451 14.87 36.23 37.33
C ILE C 451 13.60 37.05 37.12
N VAL C 452 13.71 38.14 36.37
CA VAL C 452 12.62 39.10 36.21
C VAL C 452 12.50 39.51 34.74
N ASN C 453 11.49 38.97 34.06
CA ASN C 453 11.38 39.04 32.61
C ASN C 453 10.20 39.92 32.17
N VAL C 454 10.29 40.37 30.92
CA VAL C 454 9.26 41.20 30.31
C VAL C 454 8.88 40.55 28.99
N ASN C 455 7.62 40.12 28.88
CA ASN C 455 7.06 39.55 27.66
C ASN C 455 7.73 38.25 27.25
N ILE C 456 8.45 37.61 28.15
CA ILE C 456 8.88 36.22 28.00
C ILE C 456 8.58 35.53 29.31
N GLY C 457 8.15 34.27 29.23
CA GLY C 457 7.62 33.56 30.39
C GLY C 457 8.67 33.27 31.43
N THR C 458 8.25 32.52 32.45
CA THR C 458 9.07 32.29 33.64
C THR C 458 10.19 31.27 33.42
N SER C 459 10.14 30.51 32.34
CA SER C 459 11.27 29.67 31.96
C SER C 459 12.26 30.40 31.07
N GLY C 460 12.11 31.72 30.93
CA GLY C 460 12.99 32.53 30.09
C GLY C 460 14.35 32.79 30.71
N ALA C 461 15.32 31.94 30.40
CA ALA C 461 16.68 32.02 30.90
C ALA C 461 17.62 31.31 29.93
N GLU C 462 18.87 31.73 29.94
CA GLU C 462 19.85 31.15 29.04
C GLU C 462 21.21 31.15 29.73
N ILE C 463 22.14 30.42 29.11
CA ILE C 463 23.47 30.15 29.65
C ILE C 463 24.16 31.42 30.13
N GLY C 464 24.06 32.50 29.35
CA GLY C 464 24.85 33.68 29.63
C GLY C 464 24.47 34.41 30.91
N GLY C 465 23.29 34.14 31.46
CA GLY C 465 22.83 34.80 32.66
C GLY C 465 23.05 33.98 33.92
N ALA C 466 23.24 34.69 35.04
CA ALA C 466 23.28 34.00 36.33
C ALA C 466 21.90 33.47 36.66
N PHE C 467 21.81 32.19 37.00
CA PHE C 467 20.55 31.51 37.21
C PHE C 467 20.37 31.17 38.69
N GLY C 468 19.25 31.61 39.27
CA GLY C 468 18.97 31.38 40.67
C GLY C 468 17.97 32.40 41.17
N GLY C 469 17.59 32.26 42.45
CA GLY C 469 16.54 33.07 43.01
C GLY C 469 16.84 33.56 44.41
N GLU C 470 15.89 34.32 44.96
CA GLU C 470 15.99 34.94 46.28
C GLU C 470 14.97 34.29 47.22
N LYS C 471 14.90 34.82 48.45
CA LYS C 471 13.95 34.36 49.47
C LYS C 471 14.21 32.87 49.68
N GLU C 472 13.16 32.04 49.80
CA GLU C 472 13.37 30.62 50.07
C GLU C 472 14.07 29.87 48.93
N THR C 473 14.22 30.49 47.76
CA THR C 473 14.98 29.84 46.68
C THR C 473 16.47 29.71 47.01
N GLY C 474 16.99 30.48 47.97
CA GLY C 474 18.28 30.18 48.58
C GLY C 474 19.46 31.05 48.20
N GLY C 475 19.36 31.90 47.17
CA GLY C 475 20.37 32.90 46.88
C GLY C 475 21.51 32.46 45.97
N GLY C 476 21.63 31.17 45.68
CA GLY C 476 22.72 30.71 44.83
C GLY C 476 22.52 31.15 43.38
N ARG C 477 23.63 31.16 42.64
CA ARG C 477 23.59 31.45 41.21
C ARG C 477 24.44 30.43 40.47
N GLU C 478 23.95 30.01 39.30
CA GLU C 478 24.68 29.09 38.45
C GLU C 478 24.81 29.67 37.05
N SER C 479 25.75 29.08 36.30
CA SER C 479 25.93 29.30 34.86
C SER C 479 26.61 30.62 34.51
N GLY C 480 25.83 31.67 34.17
CA GLY C 480 26.36 32.82 33.48
C GLY C 480 26.88 33.93 34.37
N SER C 481 27.16 35.07 33.73
CA SER C 481 27.77 36.22 34.41
C SER C 481 29.01 35.77 35.16
N ASP C 482 29.19 36.23 36.41
CA ASP C 482 30.33 35.81 37.21
C ASP C 482 29.94 34.76 38.24
N ALA C 483 28.95 33.92 37.93
CA ALA C 483 28.60 32.80 38.80
C ALA C 483 29.81 31.92 39.07
N TRP C 484 30.77 31.87 38.13
CA TRP C 484 31.96 31.02 38.30
C TRP C 484 32.72 31.31 39.60
N LYS C 485 32.60 32.52 40.14
CA LYS C 485 33.35 32.86 41.36
C LYS C 485 32.98 31.98 42.54
N ALA C 486 31.77 31.41 42.55
CA ALA C 486 31.39 30.52 43.64
C ALA C 486 32.18 29.22 43.63
N TYR C 487 32.95 28.94 42.58
CA TYR C 487 33.74 27.72 42.51
C TYR C 487 35.21 27.99 42.78
N MET C 488 35.55 29.21 43.19
CA MET C 488 36.93 29.59 43.43
C MET C 488 37.01 30.40 44.73
N ARG C 489 38.23 30.63 45.19
CA ARG C 489 38.44 31.46 46.37
C ARG C 489 39.19 32.72 45.96
N ARG C 490 38.73 33.86 46.49
CA ARG C 490 39.33 35.16 46.20
C ARG C 490 40.56 35.39 47.08
N ALA C 491 41.59 35.97 46.51
CA ALA C 491 42.74 36.42 47.28
C ALA C 491 43.04 37.87 46.90
N THR C 492 43.33 38.69 47.91
CA THR C 492 43.80 40.05 47.70
C THR C 492 45.30 40.07 47.96
N ASN C 493 46.08 40.53 46.98
CA ASN C 493 47.54 40.51 47.06
C ASN C 493 48.08 41.93 47.04
N THR C 494 48.87 42.29 48.05
CA THR C 494 49.66 43.51 48.02
C THR C 494 51.14 43.15 47.95
N ILE C 495 51.85 43.77 47.02
CA ILE C 495 53.25 43.45 46.74
C ILE C 495 54.07 44.71 46.94
N ASN C 496 55.01 44.66 47.88
CA ASN C 496 55.91 45.77 48.17
C ASN C 496 57.22 45.53 47.44
N TYR C 497 57.54 46.37 46.46
CA TYR C 497 58.81 46.28 45.78
C TYR C 497 59.73 47.45 46.08
N SER C 498 59.39 48.26 47.08
CA SER C 498 60.25 49.36 47.49
C SER C 498 61.33 48.87 48.43
N ARG C 499 62.46 49.56 48.44
CA ARG C 499 63.49 49.25 49.43
C ARG C 499 63.35 50.11 50.67
N GLN C 500 62.33 50.96 50.74
CA GLN C 500 62.22 51.92 51.83
C GLN C 500 61.79 51.22 53.12
N LEU C 501 62.50 51.51 54.21
CA LEU C 501 62.14 50.94 55.52
C LEU C 501 61.03 51.76 56.17
N PRO C 502 60.12 51.13 56.90
CA PRO C 502 59.14 51.89 57.68
C PRO C 502 59.83 52.70 58.75
N LEU C 503 59.15 53.73 59.26
CA LEU C 503 59.73 54.59 60.29
C LEU C 503 60.03 53.78 61.55
N ALA C 504 61.12 54.17 62.24
CA ALA C 504 61.56 53.41 63.41
C ALA C 504 60.63 53.59 64.61
N GLN C 505 59.92 54.72 64.69
CA GLN C 505 59.01 55.02 65.81
C GLN C 505 59.70 54.81 67.16
N GLY C 506 60.99 55.15 67.23
CA GLY C 506 61.74 55.02 68.46
C GLY C 506 62.08 53.60 68.86
N VAL C 507 61.71 52.60 68.08
CA VAL C 507 62.13 51.24 68.35
C VAL C 507 63.58 51.08 67.94
N LYS C 508 64.33 50.26 68.68
CA LYS C 508 65.76 50.08 68.42
C LYS C 508 65.93 49.00 67.35
N PHE C 509 66.18 49.44 66.12
CA PHE C 509 66.40 48.53 65.00
C PHE C 509 67.84 48.49 64.54
N ASP C 510 68.71 49.33 65.12
CA ASP C 510 70.08 49.38 64.66
C ASP C 510 70.83 48.10 64.96
N VAL C 511 71.75 47.78 64.07
CA VAL C 511 72.67 46.68 64.25
C VAL C 511 73.85 47.25 65.02
PA NAD D . -20.90 -3.55 -6.29
O1A NAD D . -20.15 -4.67 -6.91
O2A NAD D . -21.14 -2.42 -7.25
O5B NAD D . -20.07 -2.92 -5.04
C5B NAD D . -19.81 -3.66 -3.84
C4B NAD D . -18.61 -3.08 -3.14
O4B NAD D . -17.40 -3.41 -3.86
C3B NAD D . -18.60 -1.56 -2.98
O3B NAD D . -18.07 -1.23 -1.70
C2B NAD D . -17.66 -1.11 -4.11
O2B NAD D . -17.05 0.15 -3.82
C1B NAD D . -16.64 -2.23 -4.08
N9A NAD D . -15.86 -2.41 -5.30
C8A NAD D . -16.33 -2.47 -6.58
N7A NAD D . -15.43 -2.79 -7.48
C5A NAD D . -14.26 -2.92 -6.73
C6A NAD D . -12.94 -3.27 -7.08
N6A NAD D . -12.56 -3.60 -8.32
N1A NAD D . -12.02 -3.33 -6.09
C2A NAD D . -12.41 -3.05 -4.83
N3A NAD D . -13.62 -2.72 -4.39
C4A NAD D . -14.51 -2.68 -5.39
O3 NAD D . -22.32 -4.09 -5.78
PN NAD D . -23.58 -3.35 -5.13
O1N NAD D . -24.44 -2.82 -6.21
O2N NAD D . -23.09 -2.43 -4.08
O5D NAD D . -24.34 -4.57 -4.42
C5D NAD D . -25.30 -5.34 -5.16
C4D NAD D . -24.69 -6.66 -5.53
O4D NAD D . -24.18 -7.31 -4.34
C3D NAD D . -25.66 -7.67 -6.17
O3D NAD D . -25.04 -8.40 -7.22
C2D NAD D . -26.03 -8.57 -4.99
O2D NAD D . -26.48 -9.86 -5.37
C1D NAD D . -24.71 -8.61 -4.24
N1N NAD D . -24.83 -8.97 -2.75
C2N NAD D . -24.43 -10.21 -2.41
C3N NAD D . -24.52 -10.63 -1.09
C7N NAD D . -24.07 -12.00 -0.70
O7N NAD D . -24.04 -12.30 0.51
N7N NAD D . -23.66 -12.83 -1.66
C4N NAD D . -25.05 -9.76 -0.15
C5N NAD D . -25.45 -8.49 -0.52
C6N NAD D . -25.33 -8.11 -1.83
PA NAX E . -20.88 -3.57 -6.31
O1A NAX E . -20.08 -4.68 -6.89
O2A NAX E . -21.19 -2.36 -7.17
O5B NAX E . -20.06 -2.94 -5.07
C5B NAX E . -19.81 -3.68 -3.85
C4B NAX E . -18.61 -3.10 -3.15
O4B NAX E . -17.40 -3.42 -3.88
C3B NAX E . -18.61 -1.58 -3.00
O3B NAX E . -18.08 -1.24 -1.72
C2B NAX E . -17.67 -1.11 -4.12
O2B NAX E . -17.08 0.14 -3.82
C1B NAX E . -16.64 -2.24 -4.09
N9A NAX E . -15.86 -2.41 -5.31
C8A NAX E . -16.33 -2.48 -6.60
N7A NAX E . -15.42 -2.79 -7.49
C5A NAX E . -14.26 -2.92 -6.73
C6A NAX E . -12.94 -3.28 -7.07
N6A NAX E . -12.55 -3.61 -8.31
N1A NAX E . -12.02 -3.33 -6.08
C2A NAX E . -12.41 -3.04 -4.83
N3A NAX E . -13.63 -2.71 -4.39
C4A NAX E . -14.52 -2.68 -5.39
O3 NAX E . -22.26 -4.10 -5.75
PN NAX E . -23.55 -3.37 -5.15
O1N NAX E . -24.33 -2.71 -6.21
O2N NAX E . -23.03 -2.40 -4.03
O5D NAX E . -24.41 -4.56 -4.44
C5D NAX E . -25.34 -5.38 -5.18
C4D NAX E . -24.66 -6.66 -5.56
O4D NAX E . -24.17 -7.32 -4.36
C3D NAX E . -25.57 -7.69 -6.25
O3D NAX E . -24.87 -8.44 -7.24
C2D NAX E . -26.02 -8.57 -5.08
O2D NAX E . -26.47 -9.87 -5.45
C1D NAX E . -24.74 -8.61 -4.24
N1N NAX E . -24.96 -9.06 -2.86
C2N NAX E . -24.49 -10.27 -2.36
C3N NAX E . -24.63 -10.65 -1.08
C7N NAX E . -24.06 -11.94 -0.65
O7N NAX E . -24.04 -12.22 0.56
N7N NAX E . -23.54 -12.72 -1.58
C4N NAX E . -25.31 -9.74 -0.09
C5N NAX E . -25.28 -8.28 -0.56
C6N NAX E . -25.72 -8.18 -2.00
C1 EDO F . -7.46 -21.06 20.10
O1 EDO F . -7.15 -20.23 18.97
C2 EDO F . -8.87 -21.63 19.89
O2 EDO F . -8.88 -22.21 18.59
C1 EDO G . -19.74 -24.47 -8.90
O1 EDO G . -19.09 -23.37 -8.24
C2 EDO G . -19.58 -25.73 -8.05
O2 EDO G . -20.32 -25.64 -6.82
C1 EDO H . -9.44 -5.32 -7.23
O1 EDO H . -9.68 -4.50 -6.08
C2 EDO H . -8.84 -4.51 -8.38
O2 EDO H . -9.83 -3.67 -8.98
C1 EDO I . -12.39 10.03 6.40
O1 EDO I . -12.58 11.22 7.17
C2 EDO I . -12.14 8.88 7.36
O2 EDO I . -12.51 7.66 6.69
C1 EDO J . -50.59 -2.17 1.53
O1 EDO J . -50.05 -1.63 2.75
C2 EDO J . -49.80 -3.41 1.10
O2 EDO J . -48.48 -3.02 0.70
C1 EDO K . -49.15 -7.24 -11.62
O1 EDO K . -50.58 -7.14 -11.53
C2 EDO K . -48.54 -5.83 -11.60
O2 EDO K . -49.06 -5.08 -10.50
C1 EDO L . -27.14 -9.91 5.49
O1 EDO L . -25.79 -10.08 5.94
C2 EDO L . -27.14 -9.94 3.98
O2 EDO L . -28.33 -10.59 3.53
C1 EDO M . -31.13 -10.69 2.12
O1 EDO M . -31.33 -11.73 3.09
C2 EDO M . -30.11 -11.17 1.10
O2 EDO M . -29.20 -10.13 0.79
C1 EDO N . -10.22 3.71 14.68
O1 EDO N . -10.03 4.76 13.71
C2 EDO N . -10.26 4.35 16.07
O2 EDO N . -9.06 5.09 16.25
PA NAD O . 1.37 -20.54 -32.17
O1A NAD O . 0.57 -19.47 -31.52
O2A NAD O . 0.90 -21.90 -31.66
O5B NAD O . 2.97 -20.42 -31.82
C5B NAD O . 3.78 -19.34 -32.30
C4B NAD O . 4.97 -19.15 -31.40
O4B NAD O . 4.56 -18.57 -30.14
C3B NAD O . 5.75 -20.41 -31.05
O3B NAD O . 7.15 -20.14 -31.05
C2B NAD O . 5.26 -20.72 -29.63
O2B NAD O . 6.19 -21.47 -28.87
C1B NAD O . 5.13 -19.31 -29.09
N9A NAD O . 4.26 -19.17 -27.92
C8A NAD O . 2.99 -19.64 -27.78
N7A NAD O . 2.40 -19.25 -26.67
C5A NAD O . 3.35 -18.46 -26.05
C6A NAD O . 3.34 -17.72 -24.86
N6A NAD O . 2.27 -17.62 -24.05
N1A NAD O . 4.46 -17.05 -24.52
C2A NAD O . 5.52 -17.10 -25.34
N3A NAD O . 5.65 -17.76 -26.49
C4A NAD O . 4.52 -18.42 -26.79
O3 NAD O . 1.17 -20.47 -33.75
PN NAD O . 1.58 -21.43 -34.96
O1N NAD O . 0.58 -22.51 -35.09
O2N NAD O . 3.01 -21.77 -34.81
O5D NAD O . 1.44 -20.48 -36.24
C5D NAD O . 0.18 -20.36 -36.94
C4D NAD O . -0.45 -19.04 -36.56
O4D NAD O . 0.50 -17.97 -36.79
C3D NAD O . -1.70 -18.67 -37.35
O3D NAD O . -2.66 -18.03 -36.50
C2D NAD O . -1.15 -17.72 -38.43
O2D NAD O . -2.13 -16.81 -38.93
C1D NAD O . -0.06 -17.01 -37.64
N1N NAD O . 1.04 -16.43 -38.53
C2N NAD O . 1.03 -15.10 -38.66
C3N NAD O . 1.99 -14.47 -39.42
C7N NAD O . 1.96 -12.99 -39.59
O7N NAD O . 2.91 -12.41 -40.16
N7N NAD O . 0.92 -12.32 -39.06
C4N NAD O . 2.96 -15.25 -40.04
C5N NAD O . 2.95 -16.62 -39.89
C6N NAD O . 1.98 -17.20 -39.12
PA NAX P . 1.37 -20.55 -32.12
O1A NAX P . 0.60 -19.48 -31.45
O2A NAX P . 0.97 -21.98 -31.73
O5B NAX P . 2.96 -20.43 -31.80
C5B NAX P . 3.75 -19.34 -32.30
C4B NAX P . 4.95 -19.14 -31.41
O4B NAX P . 4.54 -18.57 -30.14
C3B NAX P . 5.74 -20.41 -31.06
O3B NAX P . 7.14 -20.13 -31.06
C2B NAX P . 5.25 -20.72 -29.64
O2B NAX P . 6.19 -21.48 -28.87
C1B NAX P . 5.12 -19.31 -29.10
N9A NAX P . 4.26 -19.18 -27.92
C8A NAX P . 2.98 -19.64 -27.77
N7A NAX P . 2.39 -19.24 -26.67
C5A NAX P . 3.36 -18.46 -26.04
C6A NAX P . 3.35 -17.72 -24.85
N6A NAX P . 2.28 -17.61 -24.04
N1A NAX P . 4.47 -17.04 -24.53
C2A NAX P . 5.53 -17.12 -25.34
N3A NAX P . 5.65 -17.77 -26.50
C4A NAX P . 4.52 -18.43 -26.80
O3 NAX P . 1.20 -20.45 -33.71
PN NAX P . 1.56 -21.40 -34.93
O1N NAX P . 0.59 -22.52 -35.03
O2N NAX P . 3.05 -21.78 -34.75
O5D NAX P . 1.44 -20.54 -36.30
C5D NAX P . 0.21 -20.33 -37.02
C4D NAX P . -0.39 -19.03 -36.57
O4D NAX P . 0.55 -17.94 -36.82
C3D NAX P . -1.68 -18.62 -37.27
O3D NAX P . -2.57 -17.97 -36.36
C2D NAX P . -1.19 -17.71 -38.39
O2D NAX P . -2.17 -16.79 -38.86
C1D NAX P . -0.04 -16.99 -37.69
N1N NAX P . 0.89 -16.38 -38.63
C2N NAX P . 1.03 -15.03 -38.77
C3N NAX P . 1.97 -14.44 -39.52
C7N NAX P . 2.00 -12.98 -39.58
O7N NAX P . 2.95 -12.40 -40.14
N7N NAX P . 1.04 -12.32 -38.95
C4N NAX P . 2.98 -15.29 -40.25
C5N NAX P . 3.11 -16.69 -39.64
C6N NAX P . 1.75 -17.28 -39.38
C1 EDO Q . 21.19 7.25 -36.50
O1 EDO Q . 20.71 6.22 -35.65
C2 EDO Q . 20.45 7.14 -37.83
O2 EDO Q . 19.04 7.29 -37.60
C1 EDO R . -8.81 -2.24 -35.42
O1 EDO R . -7.53 -2.80 -35.15
C2 EDO R . -8.61 -0.92 -36.17
O2 EDO R . -7.72 -1.06 -37.29
C1 EDO S . 3.54 -14.72 -22.29
O1 EDO S . 4.86 -15.13 -22.67
C2 EDO S . 3.09 -15.47 -21.02
O2 EDO S . 2.14 -16.47 -21.40
C1 EDO T . 20.31 -25.72 -26.38
O1 EDO T . 21.21 -26.51 -27.17
C2 EDO T . 20.65 -24.26 -26.62
O2 EDO T . 19.88 -23.70 -27.69
C1 EDO U . -0.73 -31.47 -60.72
O1 EDO U . 0.70 -31.35 -60.66
C2 EDO U . -1.40 -30.25 -60.10
O2 EDO U . -1.00 -30.09 -58.73
C1 EDO V . -14.22 -31.10 -55.41
O1 EDO V . -13.74 -30.53 -56.64
C2 EDO V . -13.24 -30.77 -54.31
O2 EDO V . -11.95 -31.30 -54.67
C1 EDO W . 7.11 -13.94 -43.68
O1 EDO W . 6.29 -13.13 -42.81
C2 EDO W . 6.28 -14.36 -44.89
O2 EDO W . 4.99 -14.79 -44.45
C1 EDO X . 2.78 -15.81 -46.53
O1 EDO X . 2.52 -14.86 -47.58
C2 EDO X . 1.94 -15.41 -45.32
O2 EDO X . 2.29 -16.15 -44.16
PA NAD Y . 14.42 16.94 46.72
O1A NAD Y . 14.64 18.03 47.69
O2A NAD Y . 13.46 15.91 47.32
O5B NAD Y . 15.81 16.18 46.35
C5B NAD Y . 16.90 16.84 45.67
C4B NAD Y . 18.20 16.12 45.96
O4B NAD Y . 18.66 16.44 47.30
C3B NAD Y . 18.14 14.59 45.88
O3B NAD Y . 19.33 14.12 45.26
C2B NAD Y . 18.08 14.18 47.35
O2B NAD Y . 18.63 12.89 47.59
C1B NAD Y . 18.97 15.25 47.98
N9A NAD Y . 18.74 15.46 49.40
C8A NAD Y . 17.54 15.63 50.04
N7A NAD Y . 17.63 15.92 51.31
C5A NAD Y . 19.00 15.94 51.53
C6A NAD Y . 19.77 16.21 52.69
N6A NAD Y . 19.24 16.55 53.87
N1A NAD Y . 21.11 16.14 52.57
C2A NAD Y . 21.64 15.83 51.38
N3A NAD Y . 21.03 15.57 50.23
C4A NAD Y . 19.69 15.65 50.37
O3 NAD Y . 13.75 17.53 45.40
PN NAD Y . 13.31 16.96 43.97
O1N NAD Y . 11.90 16.50 44.03
O2N NAD Y . 14.34 16.01 43.50
O5D NAD Y . 13.39 18.27 43.07
C5D NAD Y . 12.25 19.11 42.85
C4D NAD Y . 12.45 20.43 43.54
O4D NAD Y . 13.72 21.01 43.12
C3D NAD Y . 11.39 21.49 43.26
O3D NAD Y . 11.08 22.22 44.46
C2D NAD Y . 12.05 22.37 42.20
O2D NAD Y . 11.58 23.71 42.20
C1D NAD Y . 13.50 22.31 42.66
N1N NAD Y . 14.50 22.61 41.53
C2N NAD Y . 15.21 23.74 41.64
C3N NAD Y . 16.10 24.10 40.66
C7N NAD Y . 16.86 25.40 40.74
O7N NAD Y . 17.70 25.67 39.87
N7N NAD Y . 16.61 26.20 41.78
C4N NAD Y . 16.26 23.27 39.56
C5N NAD Y . 15.53 22.10 39.47
C6N NAD Y . 14.64 21.78 40.47
PA NAX Z . 14.41 16.93 46.79
O1A NAX Z . 14.72 18.03 47.73
O2A NAX Z . 13.44 15.85 47.30
O5B NAX Z . 15.82 16.19 46.44
C5B NAX Z . 16.89 16.84 45.70
C4B NAX Z . 18.19 16.13 45.97
O4B NAX Z . 18.66 16.45 47.31
C3B NAX Z . 18.17 14.61 45.89
O3B NAX Z . 19.39 14.17 45.30
C2B NAX Z . 18.09 14.18 47.35
O2B NAX Z . 18.66 12.90 47.61
C1B NAX Z . 18.97 15.24 47.99
N9A NAX Z . 18.75 15.46 49.41
C8A NAX Z . 17.55 15.66 50.05
N7A NAX Z . 17.66 15.98 51.31
C5A NAX Z . 19.03 15.97 51.54
C6A NAX Z . 19.81 16.25 52.68
N6A NAX Z . 19.29 16.62 53.85
N1A NAX Z . 21.15 16.15 52.56
C2A NAX Z . 21.67 15.80 51.38
N3A NAX Z . 21.04 15.52 50.24
C4A NAX Z . 19.71 15.64 50.38
O3 NAX Z . 13.81 17.50 45.43
PN NAX Z . 13.30 16.94 44.03
O1N NAX Z . 11.92 16.38 44.13
O2N NAX Z . 14.38 15.97 43.52
O5D NAX Z . 13.33 18.22 43.03
C5D NAX Z . 12.21 19.11 42.79
C4D NAX Z . 12.41 20.38 43.57
O4D NAX Z . 13.69 20.97 43.22
C3D NAX Z . 11.37 21.48 43.32
O3D NAX Z . 11.13 22.21 44.50
C2D NAX Z . 12.04 22.33 42.23
O2D NAX Z . 11.61 23.68 42.17
C1D NAX Z . 13.50 22.27 42.69
N1N NAX Z . 14.43 22.66 41.62
C2N NAX Z . 15.22 23.81 41.63
C3N NAX Z . 16.06 24.17 40.64
C7N NAX Z . 16.84 25.41 40.74
O7N NAX Z . 17.66 25.70 39.85
N7N NAX Z . 16.67 26.17 41.82
C4N NAX Z . 16.18 23.27 39.42
C5N NAX Z . 15.64 21.86 39.67
C6N NAX Z . 14.31 21.92 40.37
C1 EDO AA . 44.12 32.27 37.79
O1 EDO AA . 43.55 31.36 38.74
C2 EDO AA . 43.00 32.80 36.89
O2 EDO AA . 42.08 33.55 37.68
C1 EDO BA . 15.66 37.79 50.37
O1 EDO BA . 16.45 36.67 49.95
C2 EDO BA . 16.37 39.05 49.92
O2 EDO BA . 16.34 39.12 48.49
C1 EDO CA . -1.29 18.30 19.86
O1 EDO CA . 0.01 17.78 19.55
C2 EDO CA . -1.11 19.53 20.73
O2 EDO CA . -0.43 19.16 21.94
C1 EDO DA . -9.90 23.60 30.84
O1 EDO DA . -9.61 23.56 29.45
C2 EDO DA . -8.81 22.84 31.58
O2 EDO DA . -8.43 21.73 30.77
C1 EDO EA . 18.72 23.81 34.09
O1 EDO EA . 20.14 23.67 34.21
C2 EDO EA . 18.16 24.19 35.44
O2 EDO EA . 16.75 24.37 35.30
C1 EDO FA . 14.16 24.98 33.65
O1 EDO FA . 14.03 26.20 32.91
C2 EDO FA . 13.67 25.21 35.07
O2 EDO FA . 14.18 24.21 35.97
C1 EDO GA . 37.16 6.74 38.06
O1 EDO GA . 36.94 6.84 39.47
C2 EDO GA . 35.82 6.94 37.35
O2 EDO GA . 34.81 6.14 38.01
#